data_7YIS
# 
_entry.id   7YIS 
# 
_audit_conform.dict_name       mmcif_pdbx.dic 
_audit_conform.dict_version    5.380 
_audit_conform.dict_location   http://mmcif.pdb.org/dictionaries/ascii/mmcif_pdbx.dic 
# 
loop_
_database_2.database_id 
_database_2.database_code 
_database_2.pdbx_database_accession 
_database_2.pdbx_DOI 
PDB   7YIS         pdb_00007yis 10.2210/pdb7yis/pdb 
WWPDB D_1300030988 ?            ?                   
# 
_pdbx_database_status.status_code                     REL 
_pdbx_database_status.status_code_sf                  REL 
_pdbx_database_status.status_code_mr                  ? 
_pdbx_database_status.entry_id                        7YIS 
_pdbx_database_status.recvd_initial_deposition_date   2022-07-18 
_pdbx_database_status.SG_entry                        N 
_pdbx_database_status.deposit_site                    PDBJ 
_pdbx_database_status.process_site                    PDBJ 
_pdbx_database_status.status_code_cs                  ? 
_pdbx_database_status.status_code_nmr_data            ? 
_pdbx_database_status.methods_development_category    ? 
_pdbx_database_status.pdb_format_compatible           Y 
# 
loop_
_audit_author.name 
_audit_author.pdbx_ordinal 
_audit_author.identifier_ORCID 
'Zhang, Y.J.' 1 0000-0002-3592-1454 
'Liu, Y.R.'   2 0000-0001-8526-5566 
'Wu, B.'      3 0000-0003-4556-0477 
# 
_citation.abstract                  ? 
_citation.abstract_id_CAS           ? 
_citation.book_id_ISBN              ? 
_citation.book_publisher            ? 
_citation.book_publisher_city       ? 
_citation.book_title                ? 
_citation.coordinate_linkage        ? 
_citation.country                   CH 
_citation.database_id_Medline       ? 
_citation.details                   ? 
_citation.id                        primary 
_citation.journal_abbrev            'Int J Mol Sci' 
_citation.journal_id_ASTM           ? 
_citation.journal_id_CSD            ? 
_citation.journal_id_ISSN           1422-0067 
_citation.journal_full              ? 
_citation.journal_issue             ? 
_citation.journal_volume            24 
_citation.language                  ? 
_citation.page_first                ? 
_citation.page_last                 ? 
_citation.title                     
'Structural Insights Uncover the Specific Phosphoinositide Recognition by the PH1 Domain of Arap3.' 
_citation.year                      2023 
_citation.database_id_CSD           ? 
_citation.pdbx_database_id_DOI      10.3390/ijms24021125 
_citation.pdbx_database_id_PubMed   36674645 
_citation.pdbx_database_id_patent   ? 
_citation.unpublished_flag          ? 
# 
loop_
_citation_author.citation_id 
_citation_author.name 
_citation_author.ordinal 
_citation_author.identifier_ORCID 
primary 'Zhang, Y.' 1  ?                   
primary 'Ge, L.'    2  ?                   
primary 'Xu, L.'    3  ?                   
primary 'Liu, Y.'   4  ?                   
primary 'Wang, J.'  5  ?                   
primary 'Liu, C.'   6  ?                   
primary 'Zhao, H.'  7  ?                   
primary 'Xing, L.'  8  ?                   
primary 'Wang, J.'  9  0000-0002-9608-6851 
primary 'Wu, B.'    10 0000-0003-4556-0477 
# 
_cell.angle_alpha                  90.000 
_cell.angle_alpha_esd              ? 
_cell.angle_beta                   90.000 
_cell.angle_beta_esd               ? 
_cell.angle_gamma                  120.000 
_cell.angle_gamma_esd              ? 
_cell.entry_id                     7YIS 
_cell.details                      ? 
_cell.formula_units_Z              ? 
_cell.length_a                     74.154 
_cell.length_a_esd                 ? 
_cell.length_b                     74.154 
_cell.length_b_esd                 ? 
_cell.length_c                     109.850 
_cell.length_c_esd                 ? 
_cell.volume                       ? 
_cell.volume_esd                   ? 
_cell.Z_PDB                        12 
_cell.reciprocal_angle_alpha       ? 
_cell.reciprocal_angle_beta        ? 
_cell.reciprocal_angle_gamma       ? 
_cell.reciprocal_angle_alpha_esd   ? 
_cell.reciprocal_angle_beta_esd    ? 
_cell.reciprocal_angle_gamma_esd   ? 
_cell.reciprocal_length_a          ? 
_cell.reciprocal_length_b          ? 
_cell.reciprocal_length_c          ? 
_cell.reciprocal_length_a_esd      ? 
_cell.reciprocal_length_b_esd      ? 
_cell.reciprocal_length_c_esd      ? 
_cell.pdbx_unique_axis             ? 
_cell.pdbx_esd_method              ? 
# 
_symmetry.entry_id                         7YIS 
_symmetry.cell_setting                     ? 
_symmetry.Int_Tables_number                178 
_symmetry.space_group_name_Hall            ? 
_symmetry.space_group_name_H-M             'P 61 2 2' 
_symmetry.pdbx_full_space_group_name_H-M   ? 
# 
loop_
_entity.id 
_entity.type 
_entity.src_method 
_entity.pdbx_description 
_entity.formula_weight 
_entity.pdbx_number_of_molecules 
_entity.pdbx_ec 
_entity.pdbx_mutation 
_entity.pdbx_fragment 
_entity.details 
1 polymer     man 'Arf-GAP with Rho-GAP domain, ANK repeat and PH domain-containing protein 3' 13056.944 1 ? ? 'PH1 domain' ? 
2 non-polymer syn 
;(2R)-3-{[(S)-{[(2S,3R,5S,6S)-2,6-DIHYDROXY-3,4,5-TRIS(PHOSPHONOOXY)CYCLOHEXYL]OXY}(HYDROXY)PHOSPHORYL]OXY}-2-(1-HYDROXY BUTOXY)PROPYL BUTYRATE
;
716.350   1 ? ? ?            ? 
# 
_entity_name_com.entity_id   1 
_entity_name_com.name        Centaurin-delta-3,Cnt-d3 
# 
_entity_poly.entity_id                      1 
_entity_poly.type                           'polypeptide(L)' 
_entity_poly.nstd_linkage                   no 
_entity_poly.nstd_monomer                   no 
_entity_poly.pdbx_seq_one_letter_code       
;MDRLTPLLSGWLDKLSPQGNYVFQRRFVQFNGRSLMYFGSDKDPFPKGVIPLTAIEMTRSSKDNKFQVITGQRVFVFRTE
SEAQRDMWCSTLQSCLKEQRLLGLEHHHHHH
;
_entity_poly.pdbx_seq_one_letter_code_can   
;MDRLTPLLSGWLDKLSPQGNYVFQRRFVQFNGRSLMYFGSDKDPFPKGVIPLTAIEMTRSSKDNKFQVITGQRVFVFRTE
SEAQRDMWCSTLQSCLKEQRLLGLEHHHHHH
;
_entity_poly.pdbx_strand_id                 A 
_entity_poly.pdbx_target_identifier         ? 
# 
loop_
_entity_poly_seq.entity_id 
_entity_poly_seq.num 
_entity_poly_seq.mon_id 
_entity_poly_seq.hetero 
1 1   MET n 
1 2   ASP n 
1 3   ARG n 
1 4   LEU n 
1 5   THR n 
1 6   PRO n 
1 7   LEU n 
1 8   LEU n 
1 9   SER n 
1 10  GLY n 
1 11  TRP n 
1 12  LEU n 
1 13  ASP n 
1 14  LYS n 
1 15  LEU n 
1 16  SER n 
1 17  PRO n 
1 18  GLN n 
1 19  GLY n 
1 20  ASN n 
1 21  TYR n 
1 22  VAL n 
1 23  PHE n 
1 24  GLN n 
1 25  ARG n 
1 26  ARG n 
1 27  PHE n 
1 28  VAL n 
1 29  GLN n 
1 30  PHE n 
1 31  ASN n 
1 32  GLY n 
1 33  ARG n 
1 34  SER n 
1 35  LEU n 
1 36  MET n 
1 37  TYR n 
1 38  PHE n 
1 39  GLY n 
1 40  SER n 
1 41  ASP n 
1 42  LYS n 
1 43  ASP n 
1 44  PRO n 
1 45  PHE n 
1 46  PRO n 
1 47  LYS n 
1 48  GLY n 
1 49  VAL n 
1 50  ILE n 
1 51  PRO n 
1 52  LEU n 
1 53  THR n 
1 54  ALA n 
1 55  ILE n 
1 56  GLU n 
1 57  MET n 
1 58  THR n 
1 59  ARG n 
1 60  SER n 
1 61  SER n 
1 62  LYS n 
1 63  ASP n 
1 64  ASN n 
1 65  LYS n 
1 66  PHE n 
1 67  GLN n 
1 68  VAL n 
1 69  ILE n 
1 70  THR n 
1 71  GLY n 
1 72  GLN n 
1 73  ARG n 
1 74  VAL n 
1 75  PHE n 
1 76  VAL n 
1 77  PHE n 
1 78  ARG n 
1 79  THR n 
1 80  GLU n 
1 81  SER n 
1 82  GLU n 
1 83  ALA n 
1 84  GLN n 
1 85  ARG n 
1 86  ASP n 
1 87  MET n 
1 88  TRP n 
1 89  CYS n 
1 90  SER n 
1 91  THR n 
1 92  LEU n 
1 93  GLN n 
1 94  SER n 
1 95  CYS n 
1 96  LEU n 
1 97  LYS n 
1 98  GLU n 
1 99  GLN n 
1 100 ARG n 
1 101 LEU n 
1 102 LEU n 
1 103 GLY n 
1 104 LEU n 
1 105 GLU n 
1 106 HIS n 
1 107 HIS n 
1 108 HIS n 
1 109 HIS n 
1 110 HIS n 
1 111 HIS n 
# 
_entity_src_gen.entity_id                          1 
_entity_src_gen.pdbx_src_id                        1 
_entity_src_gen.pdbx_alt_source_flag               sample 
_entity_src_gen.pdbx_seq_type                      'Biological sequence' 
_entity_src_gen.pdbx_beg_seq_num                   1 
_entity_src_gen.pdbx_end_seq_num                   111 
_entity_src_gen.gene_src_common_name               human 
_entity_src_gen.gene_src_genus                     ? 
_entity_src_gen.pdbx_gene_src_gene                 'ARAP3, CENTD3' 
_entity_src_gen.gene_src_species                   ? 
_entity_src_gen.gene_src_strain                    ? 
_entity_src_gen.gene_src_tissue                    ? 
_entity_src_gen.gene_src_tissue_fraction           ? 
_entity_src_gen.gene_src_details                   ? 
_entity_src_gen.pdbx_gene_src_fragment             ? 
_entity_src_gen.pdbx_gene_src_scientific_name      'Homo sapiens' 
_entity_src_gen.pdbx_gene_src_ncbi_taxonomy_id     9606 
_entity_src_gen.pdbx_gene_src_variant              ? 
_entity_src_gen.pdbx_gene_src_cell_line            ? 
_entity_src_gen.pdbx_gene_src_atcc                 ? 
_entity_src_gen.pdbx_gene_src_organ                ? 
_entity_src_gen.pdbx_gene_src_organelle            ? 
_entity_src_gen.pdbx_gene_src_cell                 ? 
_entity_src_gen.pdbx_gene_src_cellular_location    ? 
_entity_src_gen.host_org_common_name               ? 
_entity_src_gen.pdbx_host_org_scientific_name      'Escherichia coli' 
_entity_src_gen.pdbx_host_org_ncbi_taxonomy_id     562 
_entity_src_gen.host_org_genus                     ? 
_entity_src_gen.pdbx_host_org_gene                 ? 
_entity_src_gen.pdbx_host_org_organ                ? 
_entity_src_gen.host_org_species                   ? 
_entity_src_gen.pdbx_host_org_tissue               ? 
_entity_src_gen.pdbx_host_org_tissue_fraction      ? 
_entity_src_gen.pdbx_host_org_strain               ? 
_entity_src_gen.pdbx_host_org_variant              ? 
_entity_src_gen.pdbx_host_org_cell_line            ? 
_entity_src_gen.pdbx_host_org_atcc                 ? 
_entity_src_gen.pdbx_host_org_culture_collection   ? 
_entity_src_gen.pdbx_host_org_cell                 ? 
_entity_src_gen.pdbx_host_org_organelle            ? 
_entity_src_gen.pdbx_host_org_cellular_location    ? 
_entity_src_gen.pdbx_host_org_vector_type          ? 
_entity_src_gen.pdbx_host_org_vector               ? 
_entity_src_gen.host_org_details                   ? 
_entity_src_gen.expression_system_id               ? 
_entity_src_gen.plasmid_name                       ? 
_entity_src_gen.plasmid_details                    ? 
_entity_src_gen.pdbx_description                   ? 
# 
_struct_ref.id                         1 
_struct_ref.db_name                    UNP 
_struct_ref.db_code                    ARAP3_HUMAN 
_struct_ref.pdbx_db_accession          Q8WWN8 
_struct_ref.pdbx_db_isoform            ? 
_struct_ref.entity_id                  1 
_struct_ref.pdbx_seq_one_letter_code   
;DRLTPLLSGWLDKLSPQGNYVFQRRFVQFNGRSLMYFGSDKDPFPKGVIPLTAIEMTRSSKDNKFQVITGQRVFVFRTES
EAQRDMWCSTLQSCLKEQRLLG
;
_struct_ref.pdbx_align_begin           284 
# 
_struct_ref_seq.align_id                      1 
_struct_ref_seq.ref_id                        1 
_struct_ref_seq.pdbx_PDB_id_code              7YIS 
_struct_ref_seq.pdbx_strand_id                A 
_struct_ref_seq.seq_align_beg                 2 
_struct_ref_seq.pdbx_seq_align_beg_ins_code   ? 
_struct_ref_seq.seq_align_end                 103 
_struct_ref_seq.pdbx_seq_align_end_ins_code   ? 
_struct_ref_seq.pdbx_db_accession             Q8WWN8 
_struct_ref_seq.db_align_beg                  284 
_struct_ref_seq.pdbx_db_align_beg_ins_code    ? 
_struct_ref_seq.db_align_end                  385 
_struct_ref_seq.pdbx_db_align_end_ins_code    ? 
_struct_ref_seq.pdbx_auth_seq_align_beg       284 
_struct_ref_seq.pdbx_auth_seq_align_end       385 
# 
loop_
_struct_ref_seq_dif.align_id 
_struct_ref_seq_dif.pdbx_pdb_id_code 
_struct_ref_seq_dif.mon_id 
_struct_ref_seq_dif.pdbx_pdb_strand_id 
_struct_ref_seq_dif.seq_num 
_struct_ref_seq_dif.pdbx_pdb_ins_code 
_struct_ref_seq_dif.pdbx_seq_db_name 
_struct_ref_seq_dif.pdbx_seq_db_accession_code 
_struct_ref_seq_dif.db_mon_id 
_struct_ref_seq_dif.pdbx_seq_db_seq_num 
_struct_ref_seq_dif.details 
_struct_ref_seq_dif.pdbx_auth_seq_num 
_struct_ref_seq_dif.pdbx_ordinal 
1 7YIS MET A 1   ? UNP Q8WWN8 ? ? 'initiating methionine' 283 1 
1 7YIS LEU A 104 ? UNP Q8WWN8 ? ? 'expression tag'        386 2 
1 7YIS GLU A 105 ? UNP Q8WWN8 ? ? 'expression tag'        387 3 
1 7YIS HIS A 106 ? UNP Q8WWN8 ? ? 'expression tag'        388 4 
1 7YIS HIS A 107 ? UNP Q8WWN8 ? ? 'expression tag'        389 5 
1 7YIS HIS A 108 ? UNP Q8WWN8 ? ? 'expression tag'        390 6 
1 7YIS HIS A 109 ? UNP Q8WWN8 ? ? 'expression tag'        391 7 
1 7YIS HIS A 110 ? UNP Q8WWN8 ? ? 'expression tag'        392 8 
1 7YIS HIS A 111 ? UNP Q8WWN8 ? ? 'expression tag'        393 9 
# 
loop_
_chem_comp.id 
_chem_comp.type 
_chem_comp.mon_nstd_flag 
_chem_comp.name 
_chem_comp.pdbx_synonyms 
_chem_comp.formula 
_chem_comp.formula_weight 
4PT non-polymer         . 
;(2R)-3-{[(S)-{[(2S,3R,5S,6S)-2,6-DIHYDROXY-3,4,5-TRIS(PHOSPHONOOXY)CYCLOHEXYL]OXY}(HYDROXY)PHOSPHORYL]OXY}-2-(1-HYDROXY BUTOXY)PROPYL BUTYRATE
;
'DIC4-PHOSPHATIDYLINOSITOL(3,4,5)TRISPHOSPHATE' 'C17 H36 O22 P4' 716.350 
ALA 'L-peptide linking' y ALANINE ?                                               'C3 H7 N O2'     89.093  
ARG 'L-peptide linking' y ARGININE ?                                               'C6 H15 N4 O2 1' 175.209 
ASN 'L-peptide linking' y ASPARAGINE ?                                               'C4 H8 N2 O3'    132.118 
ASP 'L-peptide linking' y 'ASPARTIC ACID' ?                                               'C4 H7 N O4'     133.103 
CYS 'L-peptide linking' y CYSTEINE ?                                               'C3 H7 N O2 S'   121.158 
GLN 'L-peptide linking' y GLUTAMINE ?                                               'C5 H10 N2 O3'   146.144 
GLU 'L-peptide linking' y 'GLUTAMIC ACID' ?                                               'C5 H9 N O4'     147.129 
GLY 'peptide linking'   y GLYCINE ?                                               'C2 H5 N O2'     75.067  
HIS 'L-peptide linking' y HISTIDINE ?                                               'C6 H10 N3 O2 1' 156.162 
ILE 'L-peptide linking' y ISOLEUCINE ?                                               'C6 H13 N O2'    131.173 
LEU 'L-peptide linking' y LEUCINE ?                                               'C6 H13 N O2'    131.173 
LYS 'L-peptide linking' y LYSINE ?                                               'C6 H15 N2 O2 1' 147.195 
MET 'L-peptide linking' y METHIONINE ?                                               'C5 H11 N O2 S'  149.211 
PHE 'L-peptide linking' y PHENYLALANINE ?                                               'C9 H11 N O2'    165.189 
PRO 'L-peptide linking' y PROLINE ?                                               'C5 H9 N O2'     115.130 
SER 'L-peptide linking' y SERINE ?                                               'C3 H7 N O3'     105.093 
THR 'L-peptide linking' y THREONINE ?                                               'C4 H9 N O3'     119.119 
TRP 'L-peptide linking' y TRYPTOPHAN ?                                               'C11 H12 N2 O2'  204.225 
TYR 'L-peptide linking' y TYROSINE ?                                               'C9 H11 N O3'    181.189 
VAL 'L-peptide linking' y VALINE ?                                               'C5 H11 N O2'    117.146 
# 
_exptl.absorpt_coefficient_mu     ? 
_exptl.absorpt_correction_T_max   ? 
_exptl.absorpt_correction_T_min   ? 
_exptl.absorpt_correction_type    ? 
_exptl.absorpt_process_details    ? 
_exptl.entry_id                   7YIS 
_exptl.crystals_number            1 
_exptl.details                    ? 
_exptl.method                     'X-RAY DIFFRACTION' 
_exptl.method_details             ? 
# 
_exptl_crystal.colour                       ? 
_exptl_crystal.density_diffrn               ? 
_exptl_crystal.density_Matthews             3.34 
_exptl_crystal.density_method               ? 
_exptl_crystal.density_percent_sol          63.16 
_exptl_crystal.description                  ? 
_exptl_crystal.F_000                        ? 
_exptl_crystal.id                           1 
_exptl_crystal.preparation                  ? 
_exptl_crystal.size_max                     ? 
_exptl_crystal.size_mid                     ? 
_exptl_crystal.size_min                     ? 
_exptl_crystal.size_rad                     ? 
_exptl_crystal.colour_lustre                ? 
_exptl_crystal.colour_modifier              ? 
_exptl_crystal.colour_primary               ? 
_exptl_crystal.density_meas                 ? 
_exptl_crystal.density_meas_esd             ? 
_exptl_crystal.density_meas_gt              ? 
_exptl_crystal.density_meas_lt              ? 
_exptl_crystal.density_meas_temp            ? 
_exptl_crystal.density_meas_temp_esd        ? 
_exptl_crystal.density_meas_temp_gt         ? 
_exptl_crystal.density_meas_temp_lt         ? 
_exptl_crystal.pdbx_crystal_image_url       ? 
_exptl_crystal.pdbx_crystal_image_format    ? 
_exptl_crystal.pdbx_mosaicity               ? 
_exptl_crystal.pdbx_mosaicity_esd           ? 
_exptl_crystal.pdbx_mosaic_method           ? 
_exptl_crystal.pdbx_mosaic_block_size       ? 
_exptl_crystal.pdbx_mosaic_block_size_esd   ? 
# 
_exptl_crystal_grow.apparatus       ? 
_exptl_crystal_grow.atmosphere      ? 
_exptl_crystal_grow.crystal_id      1 
_exptl_crystal_grow.details         ? 
_exptl_crystal_grow.method          'VAPOR DIFFUSION, SITTING DROP' 
_exptl_crystal_grow.method_ref      ? 
_exptl_crystal_grow.pH              ? 
_exptl_crystal_grow.pressure        ? 
_exptl_crystal_grow.pressure_esd    ? 
_exptl_crystal_grow.seeding         ? 
_exptl_crystal_grow.seeding_ref     ? 
_exptl_crystal_grow.temp            291 
_exptl_crystal_grow.temp_details    ? 
_exptl_crystal_grow.temp_esd        ? 
_exptl_crystal_grow.time            ? 
_exptl_crystal_grow.pdbx_details    
'0.1 M Ammonium sulfate, 0.1 M Sodium acetate trihydrate (pH 4.6), 30% v/v Polyethylene glycol 400' 
_exptl_crystal_grow.pdbx_pH_range   ? 
# 
_diffrn.ambient_environment              ? 
_diffrn.ambient_temp                     100 
_diffrn.ambient_temp_details             ? 
_diffrn.ambient_temp_esd                 ? 
_diffrn.crystal_id                       1 
_diffrn.crystal_support                  ? 
_diffrn.crystal_treatment                ? 
_diffrn.details                          ? 
_diffrn.id                               1 
_diffrn.ambient_pressure                 ? 
_diffrn.ambient_pressure_esd             ? 
_diffrn.ambient_pressure_gt              ? 
_diffrn.ambient_pressure_lt              ? 
_diffrn.ambient_temp_gt                  ? 
_diffrn.ambient_temp_lt                  ? 
_diffrn.pdbx_serial_crystal_experiment   N 
# 
_diffrn_detector.details                      ? 
_diffrn_detector.detector                     PIXEL 
_diffrn_detector.diffrn_id                    1 
_diffrn_detector.type                         'DECTRIS PILATUS3 6M' 
_diffrn_detector.area_resol_mean              ? 
_diffrn_detector.dtime                        ? 
_diffrn_detector.pdbx_frames_total            ? 
_diffrn_detector.pdbx_collection_time_total   ? 
_diffrn_detector.pdbx_collection_date         2018-10-01 
_diffrn_detector.pdbx_frequency               ? 
# 
_diffrn_radiation.collimation                      ? 
_diffrn_radiation.diffrn_id                        1 
_diffrn_radiation.filter_edge                      ? 
_diffrn_radiation.inhomogeneity                    ? 
_diffrn_radiation.monochromator                    ? 
_diffrn_radiation.polarisn_norm                    ? 
_diffrn_radiation.polarisn_ratio                   ? 
_diffrn_radiation.probe                            ? 
_diffrn_radiation.type                             ? 
_diffrn_radiation.xray_symbol                      ? 
_diffrn_radiation.wavelength_id                    1 
_diffrn_radiation.pdbx_monochromatic_or_laue_m_l   M 
_diffrn_radiation.pdbx_wavelength_list             ? 
_diffrn_radiation.pdbx_wavelength                  ? 
_diffrn_radiation.pdbx_diffrn_protocol             'SINGLE WAVELENGTH' 
_diffrn_radiation.pdbx_analyzer                    ? 
_diffrn_radiation.pdbx_scattering_type             x-ray 
# 
_diffrn_radiation_wavelength.id           1 
_diffrn_radiation_wavelength.wavelength   0.9798 
_diffrn_radiation_wavelength.wt           1.0 
# 
_diffrn_source.current                     ? 
_diffrn_source.details                     ? 
_diffrn_source.diffrn_id                   1 
_diffrn_source.power                       ? 
_diffrn_source.size                        ? 
_diffrn_source.source                      SYNCHROTRON 
_diffrn_source.target                      ? 
_diffrn_source.type                        'SSRF BEAMLINE BL18U1' 
_diffrn_source.voltage                     ? 
_diffrn_source.take-off_angle              ? 
_diffrn_source.pdbx_wavelength_list        0.9798 
_diffrn_source.pdbx_wavelength             ? 
_diffrn_source.pdbx_synchrotron_beamline   BL18U1 
_diffrn_source.pdbx_synchrotron_site       SSRF 
# 
_reflns.B_iso_Wilson_estimate                          63.730 
_reflns.entry_id                                       7YIS 
_reflns.data_reduction_details                         ? 
_reflns.data_reduction_method                          ? 
_reflns.d_resolution_high                              3.2970 
_reflns.d_resolution_low                               50 
_reflns.details                                        ? 
_reflns.limit_h_max                                    ? 
_reflns.limit_h_min                                    ? 
_reflns.limit_k_max                                    ? 
_reflns.limit_k_min                                    ? 
_reflns.limit_l_max                                    ? 
_reflns.limit_l_min                                    ? 
_reflns.number_all                                     ? 
_reflns.number_obs                                     3029 
_reflns.observed_criterion                             ? 
_reflns.observed_criterion_F_max                       ? 
_reflns.observed_criterion_F_min                       ? 
_reflns.observed_criterion_I_max                       ? 
_reflns.observed_criterion_I_min                       ? 
_reflns.observed_criterion_sigma_F                     ? 
_reflns.observed_criterion_sigma_I                     ? 
_reflns.percent_possible_obs                           100.0 
_reflns.R_free_details                                 ? 
_reflns.Rmerge_F_all                                   ? 
_reflns.Rmerge_F_obs                                   ? 
_reflns.Friedel_coverage                               ? 
_reflns.number_gt                                      ? 
_reflns.threshold_expression                           ? 
_reflns.pdbx_redundancy                                9.6 
_reflns.pdbx_Rmerge_I_obs                              0.196 
_reflns.pdbx_Rmerge_I_all                              ? 
_reflns.pdbx_Rsym_value                                ? 
_reflns.pdbx_netI_over_av_sigmaI                       ? 
_reflns.pdbx_netI_over_sigmaI                          16 
_reflns.pdbx_res_netI_over_av_sigmaI_2                 ? 
_reflns.pdbx_res_netI_over_sigmaI_2                    ? 
_reflns.pdbx_chi_squared                               ? 
_reflns.pdbx_scaling_rejects                           ? 
_reflns.pdbx_d_res_high_opt                            ? 
_reflns.pdbx_d_res_low_opt                             ? 
_reflns.pdbx_d_res_opt_method                          ? 
_reflns.phase_calculation_details                      ? 
_reflns.pdbx_Rrim_I_all                                ? 
_reflns.pdbx_Rpim_I_all                                ? 
_reflns.pdbx_d_opt                                     ? 
_reflns.pdbx_number_measured_all                       ? 
_reflns.pdbx_diffrn_id                                 1 
_reflns.pdbx_ordinal                                   1 
_reflns.pdbx_CC_half                                   ? 
_reflns.pdbx_CC_star                                   ? 
_reflns.pdbx_R_split                                   ? 
_reflns.pdbx_aniso_diffraction_limit_axis_1_ortho[1]   ? 
_reflns.pdbx_aniso_diffraction_limit_axis_1_ortho[2]   ? 
_reflns.pdbx_aniso_diffraction_limit_axis_1_ortho[3]   ? 
_reflns.pdbx_aniso_diffraction_limit_axis_2_ortho[1]   ? 
_reflns.pdbx_aniso_diffraction_limit_axis_2_ortho[2]   ? 
_reflns.pdbx_aniso_diffraction_limit_axis_2_ortho[3]   ? 
_reflns.pdbx_aniso_diffraction_limit_axis_3_ortho[1]   ? 
_reflns.pdbx_aniso_diffraction_limit_axis_3_ortho[2]   ? 
_reflns.pdbx_aniso_diffraction_limit_axis_3_ortho[3]   ? 
_reflns.pdbx_aniso_diffraction_limit_1                 ? 
_reflns.pdbx_aniso_diffraction_limit_2                 ? 
_reflns.pdbx_aniso_diffraction_limit_3                 ? 
_reflns.pdbx_aniso_B_tensor_eigenvector_1_ortho[1]     ? 
_reflns.pdbx_aniso_B_tensor_eigenvector_1_ortho[2]     ? 
_reflns.pdbx_aniso_B_tensor_eigenvector_1_ortho[3]     ? 
_reflns.pdbx_aniso_B_tensor_eigenvector_2_ortho[1]     ? 
_reflns.pdbx_aniso_B_tensor_eigenvector_2_ortho[2]     ? 
_reflns.pdbx_aniso_B_tensor_eigenvector_2_ortho[3]     ? 
_reflns.pdbx_aniso_B_tensor_eigenvector_3_ortho[1]     ? 
_reflns.pdbx_aniso_B_tensor_eigenvector_3_ortho[2]     ? 
_reflns.pdbx_aniso_B_tensor_eigenvector_3_ortho[3]     ? 
_reflns.pdbx_aniso_B_tensor_eigenvalue_1               ? 
_reflns.pdbx_aniso_B_tensor_eigenvalue_2               ? 
_reflns.pdbx_aniso_B_tensor_eigenvalue_3               ? 
_reflns.pdbx_orthogonalization_convention              ? 
_reflns.pdbx_percent_possible_ellipsoidal              ? 
_reflns.pdbx_percent_possible_spherical                ? 
_reflns.pdbx_percent_possible_ellipsoidal_anomalous    ? 
_reflns.pdbx_percent_possible_spherical_anomalous      ? 
_reflns.pdbx_redundancy_anomalous                      ? 
_reflns.pdbx_CC_half_anomalous                         ? 
_reflns.pdbx_absDiff_over_sigma_anomalous              ? 
_reflns.pdbx_percent_possible_anomalous                ? 
_reflns.pdbx_observed_signal_threshold                 ? 
_reflns.pdbx_signal_type                               ? 
_reflns.pdbx_signal_details                            ? 
_reflns.pdbx_signal_software_id                        ? 
_reflns.pdbx_CC_split_method                           ? 
# 
_reflns_shell.d_res_high                                    3.2970 
_reflns_shell.d_res_low                                     3.36 
_reflns_shell.meanI_over_sigI_all                           ? 
_reflns_shell.meanI_over_sigI_obs                           ? 
_reflns_shell.number_measured_all                           ? 
_reflns_shell.number_measured_obs                           ? 
_reflns_shell.number_possible                               ? 
_reflns_shell.number_unique_all                             ? 
_reflns_shell.number_unique_obs                             146 
_reflns_shell.percent_possible_all                          ? 
_reflns_shell.percent_possible_obs                          ? 
_reflns_shell.Rmerge_F_all                                  ? 
_reflns_shell.Rmerge_F_obs                                  ? 
_reflns_shell.Rmerge_I_all                                  ? 
_reflns_shell.Rmerge_I_obs                                  0.487 
_reflns_shell.meanI_over_sigI_gt                            ? 
_reflns_shell.meanI_over_uI_all                             ? 
_reflns_shell.meanI_over_uI_gt                              ? 
_reflns_shell.number_measured_gt                            ? 
_reflns_shell.number_unique_gt                              ? 
_reflns_shell.percent_possible_gt                           ? 
_reflns_shell.Rmerge_F_gt                                   ? 
_reflns_shell.Rmerge_I_gt                                   ? 
_reflns_shell.pdbx_redundancy                               ? 
_reflns_shell.pdbx_Rsym_value                               ? 
_reflns_shell.pdbx_chi_squared                              ? 
_reflns_shell.pdbx_netI_over_sigmaI_all                     ? 
_reflns_shell.pdbx_netI_over_sigmaI_obs                     ? 
_reflns_shell.pdbx_Rrim_I_all                               ? 
_reflns_shell.pdbx_Rpim_I_all                               ? 
_reflns_shell.pdbx_rejects                                  ? 
_reflns_shell.pdbx_ordinal                                  1 
_reflns_shell.pdbx_diffrn_id                                1 
_reflns_shell.pdbx_CC_half                                  ? 
_reflns_shell.pdbx_CC_star                                  ? 
_reflns_shell.pdbx_R_split                                  ? 
_reflns_shell.pdbx_percent_possible_ellipsoidal             ? 
_reflns_shell.pdbx_percent_possible_spherical               ? 
_reflns_shell.pdbx_percent_possible_ellipsoidal_anomalous   ? 
_reflns_shell.pdbx_percent_possible_spherical_anomalous     ? 
_reflns_shell.pdbx_redundancy_anomalous                     ? 
_reflns_shell.pdbx_CC_half_anomalous                        ? 
_reflns_shell.pdbx_absDiff_over_sigma_anomalous             ? 
_reflns_shell.pdbx_percent_possible_anomalous               ? 
# 
_refine.aniso_B[1][1]                            ? 
_refine.aniso_B[1][2]                            ? 
_refine.aniso_B[1][3]                            ? 
_refine.aniso_B[2][2]                            ? 
_refine.aniso_B[2][3]                            ? 
_refine.aniso_B[3][3]                            ? 
_refine.B_iso_max                                127.480 
_refine.B_iso_mean                               57.3664 
_refine.B_iso_min                                30.160 
_refine.correlation_coeff_Fo_to_Fc               ? 
_refine.correlation_coeff_Fo_to_Fc_free          ? 
_refine.details                                  ? 
_refine.diff_density_max                         ? 
_refine.diff_density_max_esd                     ? 
_refine.diff_density_min                         ? 
_refine.diff_density_min_esd                     ? 
_refine.diff_density_rms                         ? 
_refine.diff_density_rms_esd                     ? 
_refine.entry_id                                 7YIS 
_refine.pdbx_refine_id                           'X-RAY DIFFRACTION' 
_refine.ls_abs_structure_details                 ? 
_refine.ls_abs_structure_Flack                   ? 
_refine.ls_abs_structure_Flack_esd               ? 
_refine.ls_abs_structure_Rogers                  ? 
_refine.ls_abs_structure_Rogers_esd              ? 
_refine.ls_d_res_high                            3.3000 
_refine.ls_d_res_low                             32.1100 
_refine.ls_extinction_coef                       ? 
_refine.ls_extinction_coef_esd                   ? 
_refine.ls_extinction_expression                 ? 
_refine.ls_extinction_method                     ? 
_refine.ls_goodness_of_fit_all                   ? 
_refine.ls_goodness_of_fit_all_esd               ? 
_refine.ls_goodness_of_fit_obs                   ? 
_refine.ls_goodness_of_fit_obs_esd               ? 
_refine.ls_hydrogen_treatment                    ? 
_refine.ls_matrix_type                           ? 
_refine.ls_number_constraints                    ? 
_refine.ls_number_parameters                     ? 
_refine.ls_number_reflns_all                     ? 
_refine.ls_number_reflns_obs                     2633 
_refine.ls_number_reflns_R_free                  251 
_refine.ls_number_reflns_R_work                  2382 
_refine.ls_number_restraints                     ? 
_refine.ls_percent_reflns_obs                    87.7700 
_refine.ls_percent_reflns_R_free                 9.5300 
_refine.ls_R_factor_all                          ? 
_refine.ls_R_factor_obs                          0.2292 
_refine.ls_R_factor_R_free                       0.2760 
_refine.ls_R_factor_R_free_error                 ? 
_refine.ls_R_factor_R_free_error_details         ? 
_refine.ls_R_factor_R_work                       0.2244 
_refine.ls_R_Fsqd_factor_obs                     ? 
_refine.ls_R_I_factor_obs                        ? 
_refine.ls_redundancy_reflns_all                 ? 
_refine.ls_redundancy_reflns_obs                 ? 
_refine.ls_restrained_S_all                      ? 
_refine.ls_restrained_S_obs                      ? 
_refine.ls_shift_over_esd_max                    ? 
_refine.ls_shift_over_esd_mean                   ? 
_refine.ls_structure_factor_coef                 ? 
_refine.ls_weighting_details                     ? 
_refine.ls_weighting_scheme                      ? 
_refine.ls_wR_factor_all                         ? 
_refine.ls_wR_factor_obs                         ? 
_refine.ls_wR_factor_R_free                      ? 
_refine.ls_wR_factor_R_work                      ? 
_refine.occupancy_max                            ? 
_refine.occupancy_min                            ? 
_refine.solvent_model_details                    'FLAT BULK SOLVENT MODEL' 
_refine.solvent_model_param_bsol                 ? 
_refine.solvent_model_param_ksol                 ? 
_refine.pdbx_R_complete                          ? 
_refine.ls_R_factor_gt                           ? 
_refine.ls_goodness_of_fit_gt                    ? 
_refine.ls_goodness_of_fit_ref                   ? 
_refine.ls_shift_over_su_max                     ? 
_refine.ls_shift_over_su_max_lt                  ? 
_refine.ls_shift_over_su_mean                    ? 
_refine.ls_shift_over_su_mean_lt                 ? 
_refine.pdbx_ls_sigma_I                          ? 
_refine.pdbx_ls_sigma_F                          1.360 
_refine.pdbx_ls_sigma_Fsqd                       ? 
_refine.pdbx_data_cutoff_high_absF               ? 
_refine.pdbx_data_cutoff_high_rms_absF           ? 
_refine.pdbx_data_cutoff_low_absF                ? 
_refine.pdbx_isotropic_thermal_model             ? 
_refine.pdbx_ls_cross_valid_method               THROUGHOUT 
_refine.pdbx_method_to_determine_struct          'MOLECULAR REPLACEMENT' 
_refine.pdbx_starting_model                      1FAO 
_refine.pdbx_stereochemistry_target_values       ML 
_refine.pdbx_R_Free_selection_details            ? 
_refine.pdbx_stereochem_target_val_spec_case     ? 
_refine.pdbx_overall_ESU_R                       ? 
_refine.pdbx_overall_ESU_R_Free                  ? 
_refine.pdbx_solvent_vdw_probe_radii             1.1100 
_refine.pdbx_solvent_ion_probe_radii             ? 
_refine.pdbx_solvent_shrinkage_radii             0.9000 
_refine.pdbx_real_space_R                        ? 
_refine.pdbx_density_correlation                 ? 
_refine.pdbx_pd_number_of_powder_patterns        ? 
_refine.pdbx_pd_number_of_points                 ? 
_refine.pdbx_pd_meas_number_of_points            ? 
_refine.pdbx_pd_proc_ls_prof_R_factor            ? 
_refine.pdbx_pd_proc_ls_prof_wR_factor           ? 
_refine.pdbx_pd_Marquardt_correlation_coeff      ? 
_refine.pdbx_pd_Fsqrd_R_factor                   ? 
_refine.pdbx_pd_ls_matrix_band_width             ? 
_refine.pdbx_overall_phase_error                 17.3100 
_refine.pdbx_overall_SU_R_free_Cruickshank_DPI   ? 
_refine.pdbx_overall_SU_R_free_Blow_DPI          ? 
_refine.pdbx_overall_SU_R_Blow_DPI               ? 
_refine.pdbx_TLS_residual_ADP_flag               ? 
_refine.pdbx_diffrn_id                           1 
_refine.overall_SU_B                             ? 
_refine.overall_SU_ML                            0.3700 
_refine.overall_SU_R_Cruickshank_DPI             ? 
_refine.overall_SU_R_free                        ? 
_refine.overall_FOM_free_R_set                   ? 
_refine.overall_FOM_work_R_set                   ? 
_refine.pdbx_average_fsc_overall                 ? 
_refine.pdbx_average_fsc_work                    ? 
_refine.pdbx_average_fsc_free                    ? 
# 
_refine_hist.pdbx_refine_id                   'X-RAY DIFFRACTION' 
_refine_hist.cycle_id                         final 
_refine_hist.details                          ? 
_refine_hist.d_res_high                       3.3000 
_refine_hist.d_res_low                        32.1100 
_refine_hist.number_atoms_solvent             0 
_refine_hist.number_atoms_total               838 
_refine_hist.number_reflns_all                ? 
_refine_hist.number_reflns_obs                ? 
_refine_hist.number_reflns_R_free             ? 
_refine_hist.number_reflns_R_work             ? 
_refine_hist.R_factor_all                     ? 
_refine_hist.R_factor_obs                     ? 
_refine_hist.R_factor_R_free                  ? 
_refine_hist.R_factor_R_work                  ? 
_refine_hist.pdbx_number_residues_total       98 
_refine_hist.pdbx_B_iso_mean_ligand           61.53 
_refine_hist.pdbx_B_iso_mean_solvent          ? 
_refine_hist.pdbx_number_atoms_protein        795 
_refine_hist.pdbx_number_atoms_nucleic_acid   0 
_refine_hist.pdbx_number_atoms_ligand         43 
_refine_hist.pdbx_number_atoms_lipid          ? 
_refine_hist.pdbx_number_atoms_carb           ? 
_refine_hist.pdbx_pseudo_atom_details         ? 
# 
loop_
_refine_ls_shell.pdbx_refine_id 
_refine_ls_shell.d_res_high 
_refine_ls_shell.d_res_low 
_refine_ls_shell.number_reflns_all 
_refine_ls_shell.number_reflns_obs 
_refine_ls_shell.number_reflns_R_free 
_refine_ls_shell.number_reflns_R_work 
_refine_ls_shell.percent_reflns_obs 
_refine_ls_shell.percent_reflns_R_free 
_refine_ls_shell.R_factor_all 
_refine_ls_shell.R_factor_obs 
_refine_ls_shell.R_factor_R_free 
_refine_ls_shell.R_factor_R_free_error 
_refine_ls_shell.R_factor_R_work 
_refine_ls_shell.redundancy_reflns_all 
_refine_ls_shell.redundancy_reflns_obs 
_refine_ls_shell.wR_factor_all 
_refine_ls_shell.wR_factor_obs 
_refine_ls_shell.wR_factor_R_free 
_refine_ls_shell.wR_factor_R_work 
_refine_ls_shell.pdbx_R_complete 
_refine_ls_shell.pdbx_total_number_of_bins_used 
_refine_ls_shell.pdbx_phase_error 
_refine_ls_shell.pdbx_fsc_work 
_refine_ls_shell.pdbx_fsc_free 
'X-RAY DIFFRACTION' 3.3000 4.1500  1285 . 118 1167 89.0000 . . . 0.3108 0.0000 0.2511 . . . . . . . 2 . . . 
'X-RAY DIFFRACTION' 4.1500 32.1100 1348 . 133 1215 87.0000 . . . 0.2558 0.0000 0.2082 . . . . . . . 2 . . . 
# 
_struct.entry_id                     7YIS 
_struct.title                        
'Crystal structure of N-terminal PH domain of ARAP3 protein in complex with inositol 1,3,4,5-tetrakisphosphate' 
_struct.pdbx_model_details           ? 
_struct.pdbx_formula_weight          ? 
_struct.pdbx_formula_weight_method   ? 
_struct.pdbx_model_type_details      ? 
_struct.pdbx_CASP_flag               N 
# 
_struct_keywords.entry_id        7YIS 
_struct_keywords.text            'ARAP3, PH domain, complex, inositol 1, 3, 4, 5-tetrakisphosphate, CYTOSOLIC PROTEIN' 
_struct_keywords.pdbx_keywords   'CYTOSOLIC PROTEIN' 
# 
loop_
_struct_asym.id 
_struct_asym.pdbx_blank_PDB_chainid_flag 
_struct_asym.pdbx_modified 
_struct_asym.entity_id 
_struct_asym.details 
A N N 1 ? 
B N N 2 ? 
# 
_struct_conf.conf_type_id            HELX_P 
_struct_conf.id                      HELX_P1 
_struct_conf.pdbx_PDB_helix_id       AA1 
_struct_conf.beg_label_comp_id       SER 
_struct_conf.beg_label_asym_id       A 
_struct_conf.beg_label_seq_id        81 
_struct_conf.pdbx_beg_PDB_ins_code   ? 
_struct_conf.end_label_comp_id       ARG 
_struct_conf.end_label_asym_id       A 
_struct_conf.end_label_seq_id        100 
_struct_conf.pdbx_end_PDB_ins_code   ? 
_struct_conf.beg_auth_comp_id        SER 
_struct_conf.beg_auth_asym_id        A 
_struct_conf.beg_auth_seq_id         363 
_struct_conf.end_auth_comp_id        ARG 
_struct_conf.end_auth_asym_id        A 
_struct_conf.end_auth_seq_id         382 
_struct_conf.pdbx_PDB_helix_class    1 
_struct_conf.details                 ? 
_struct_conf.pdbx_PDB_helix_length   20 
# 
_struct_conf_type.id          HELX_P 
_struct_conf_type.criteria    ? 
_struct_conf_type.reference   ? 
# 
_struct_sheet.id               AA1 
_struct_sheet.type             ? 
_struct_sheet.number_strands   7 
_struct_sheet.details          ? 
# 
loop_
_struct_sheet_order.sheet_id 
_struct_sheet_order.range_id_1 
_struct_sheet_order.range_id_2 
_struct_sheet_order.offset 
_struct_sheet_order.sense 
AA1 1 2 ? anti-parallel 
AA1 2 3 ? anti-parallel 
AA1 3 4 ? anti-parallel 
AA1 4 5 ? anti-parallel 
AA1 5 6 ? anti-parallel 
AA1 6 7 ? anti-parallel 
# 
loop_
_struct_sheet_range.sheet_id 
_struct_sheet_range.id 
_struct_sheet_range.beg_label_comp_id 
_struct_sheet_range.beg_label_asym_id 
_struct_sheet_range.beg_label_seq_id 
_struct_sheet_range.pdbx_beg_PDB_ins_code 
_struct_sheet_range.end_label_comp_id 
_struct_sheet_range.end_label_asym_id 
_struct_sheet_range.end_label_seq_id 
_struct_sheet_range.pdbx_end_PDB_ins_code 
_struct_sheet_range.beg_auth_comp_id 
_struct_sheet_range.beg_auth_asym_id 
_struct_sheet_range.beg_auth_seq_id 
_struct_sheet_range.end_auth_comp_id 
_struct_sheet_range.end_auth_asym_id 
_struct_sheet_range.end_auth_seq_id 
AA1 1 GLY A 48 ? PRO A 51 ? GLY A 330 PRO A 333 
AA1 2 SER A 34 ? PHE A 38 ? SER A 316 PHE A 320 
AA1 3 PHE A 23 ? PHE A 30 ? PHE A 305 PHE A 312 
AA1 4 LEU A 8  ? LEU A 15 ? LEU A 290 LEU A 297 
AA1 5 VAL A 74 ? ARG A 78 ? VAL A 356 ARG A 360 
AA1 6 LYS A 65 ? THR A 70 ? LYS A 347 THR A 352 
AA1 7 ILE A 55 ? SER A 60 ? ILE A 337 SER A 342 
# 
loop_
_pdbx_struct_sheet_hbond.sheet_id 
_pdbx_struct_sheet_hbond.range_id_1 
_pdbx_struct_sheet_hbond.range_id_2 
_pdbx_struct_sheet_hbond.range_1_label_atom_id 
_pdbx_struct_sheet_hbond.range_1_label_comp_id 
_pdbx_struct_sheet_hbond.range_1_label_asym_id 
_pdbx_struct_sheet_hbond.range_1_label_seq_id 
_pdbx_struct_sheet_hbond.range_1_PDB_ins_code 
_pdbx_struct_sheet_hbond.range_1_auth_atom_id 
_pdbx_struct_sheet_hbond.range_1_auth_comp_id 
_pdbx_struct_sheet_hbond.range_1_auth_asym_id 
_pdbx_struct_sheet_hbond.range_1_auth_seq_id 
_pdbx_struct_sheet_hbond.range_2_label_atom_id 
_pdbx_struct_sheet_hbond.range_2_label_comp_id 
_pdbx_struct_sheet_hbond.range_2_label_asym_id 
_pdbx_struct_sheet_hbond.range_2_label_seq_id 
_pdbx_struct_sheet_hbond.range_2_PDB_ins_code 
_pdbx_struct_sheet_hbond.range_2_auth_atom_id 
_pdbx_struct_sheet_hbond.range_2_auth_comp_id 
_pdbx_struct_sheet_hbond.range_2_auth_asym_id 
_pdbx_struct_sheet_hbond.range_2_auth_seq_id 
AA1 1 2 O ILE A 50 ? O ILE A 332 N LEU A 35 ? N LEU A 317 
AA1 2 3 O PHE A 38 ? O PHE A 320 N PHE A 27 ? N PHE A 309 
AA1 3 4 O ARG A 26 ? O ARG A 308 N LEU A 12 ? N LEU A 294 
AA1 4 5 N LEU A 15 ? N LEU A 297 O VAL A 76 ? O VAL A 358 
AA1 5 6 O PHE A 75 ? O PHE A 357 N VAL A 68 ? N VAL A 350 
AA1 6 7 O ILE A 69 ? O ILE A 351 N MET A 57 ? N MET A 339 
# 
_atom_sites.entry_id                    7YIS 
_atom_sites.Cartn_transf_matrix[1][1]   ? 
_atom_sites.Cartn_transf_matrix[1][2]   ? 
_atom_sites.Cartn_transf_matrix[1][3]   ? 
_atom_sites.Cartn_transf_matrix[2][1]   ? 
_atom_sites.Cartn_transf_matrix[2][2]   ? 
_atom_sites.Cartn_transf_matrix[2][3]   ? 
_atom_sites.Cartn_transf_matrix[3][1]   ? 
_atom_sites.Cartn_transf_matrix[3][2]   ? 
_atom_sites.Cartn_transf_matrix[3][3]   ? 
_atom_sites.Cartn_transf_vector[1]      ? 
_atom_sites.Cartn_transf_vector[2]      ? 
_atom_sites.Cartn_transf_vector[3]      ? 
_atom_sites.fract_transf_matrix[1][1]   0.00871604 
_atom_sites.fract_transf_matrix[1][2]   -0.01219627 
_atom_sites.fract_transf_matrix[1][3]   -0.00421293 
_atom_sites.fract_transf_matrix[2][1]   0.01512929 
_atom_sites.fract_transf_matrix[2][2]   0.00195152 
_atom_sites.fract_transf_matrix[2][3]   -0.00312785 
_atom_sites.fract_transf_matrix[3][1]   0.00201013 
_atom_sites.fract_transf_matrix[3][2]   -0.00158124 
_atom_sites.fract_transf_matrix[3][3]   0.00873634 
_atom_sites.fract_transf_vector[1]      0.324959 
_atom_sites.fract_transf_vector[2]      -0.180954 
_atom_sites.fract_transf_vector[3]      0.035460 
_atom_sites.solution_primary            ? 
_atom_sites.solution_secondary          ? 
_atom_sites.solution_hydrogens          ? 
_atom_sites.special_details             ? 
# 
loop_
_atom_type.symbol 
C 
N 
O 
P 
S 
# 
loop_
_atom_site.group_PDB 
_atom_site.id 
_atom_site.type_symbol 
_atom_site.label_atom_id 
_atom_site.label_alt_id 
_atom_site.label_comp_id 
_atom_site.label_asym_id 
_atom_site.label_entity_id 
_atom_site.label_seq_id 
_atom_site.pdbx_PDB_ins_code 
_atom_site.Cartn_x 
_atom_site.Cartn_y 
_atom_site.Cartn_z 
_atom_site.occupancy 
_atom_site.B_iso_or_equiv 
_atom_site.pdbx_formal_charge 
_atom_site.auth_seq_id 
_atom_site.auth_comp_id 
_atom_site.auth_asym_id 
_atom_site.auth_atom_id 
_atom_site.pdbx_PDB_model_num 
ATOM   1   N N   . LEU A 1 4   ? 12.038  7.719   5.127   1.00 96.09  ? 286 LEU A N   1 
ATOM   2   C CA  . LEU A 1 4   ? 13.479  7.658   4.899   1.00 94.73  ? 286 LEU A CA  1 
ATOM   3   C C   . LEU A 1 4   ? 13.784  7.034   3.529   1.00 98.81  ? 286 LEU A C   1 
ATOM   4   O O   . LEU A 1 4   ? 13.588  5.837   3.323   1.00 98.45  ? 286 LEU A O   1 
ATOM   5   C CB  . LEU A 1 4   ? 14.157  6.893   6.052   1.00 95.33  ? 286 LEU A CB  1 
ATOM   6   C CG  . LEU A 1 4   ? 13.775  5.452   6.441   1.00 94.99  ? 286 LEU A CG  1 
ATOM   7   C CD1 . LEU A 1 4   ? 14.631  4.386   5.746   1.00 93.76  ? 286 LEU A CD1 1 
ATOM   8   C CD2 . LEU A 1 4   ? 13.798  5.260   7.958   1.00 99.44  ? 286 LEU A CD2 1 
ATOM   9   N N   . THR A 1 5   ? 14.236  7.874   2.586   1.00 95.41  ? 287 THR A N   1 
ATOM   10  C CA  . THR A 1 5   ? 14.562  7.468   1.219   1.00 90.97  ? 287 THR A CA  1 
ATOM   11  C C   . THR A 1 5   ? 13.417  6.670   0.605   1.00 81.43  ? 287 THR A C   1 
ATOM   12  O O   . THR A 1 5   ? 13.532  5.447   0.453   1.00 78.35  ? 287 THR A O   1 
ATOM   13  C CB  . THR A 1 5   ? 15.852  6.642   1.177   1.00 94.59  ? 287 THR A CB  1 
ATOM   14  O OG1 . THR A 1 5   ? 15.630  5.367   1.795   1.00 104.69 ? 287 THR A OG1 1 
ATOM   15  C CG2 . THR A 1 5   ? 16.979  7.367   1.905   1.00 74.29  ? 287 THR A CG2 1 
ATOM   16  N N   . PRO A 1 6   ? 12.307  7.318   0.223   1.00 87.80  ? 288 PRO A N   1 
ATOM   17  C CA  . PRO A 1 6   ? 11.087  6.569   -0.130  1.00 74.01  ? 288 PRO A CA  1 
ATOM   18  C C   . PRO A 1 6   ? 11.215  5.789   -1.430  1.00 66.09  ? 288 PRO A C   1 
ATOM   19  O O   . PRO A 1 6   ? 10.811  6.273   -2.494  1.00 63.68  ? 288 PRO A O   1 
ATOM   20  C CB  . PRO A 1 6   ? 10.013  7.662   -0.242  1.00 67.23  ? 288 PRO A CB  1 
ATOM   21  C CG  . PRO A 1 6   ? 10.658  8.935   0.240   1.00 79.60  ? 288 PRO A CG  1 
ATOM   22  C CD  . PRO A 1 6   ? 12.130  8.770   0.080   1.00 83.77  ? 288 PRO A CD  1 
ATOM   23  N N   . LEU A 1 7   ? 11.788  4.583   -1.335  1.00 67.76  ? 289 LEU A N   1 
ATOM   24  C CA  . LEU A 1 7   ? 12.076  3.736   -2.487  1.00 53.88  ? 289 LEU A CA  1 
ATOM   25  C C   . LEU A 1 7   ? 10.921  3.692   -3.482  1.00 55.98  ? 289 LEU A C   1 
ATOM   26  O O   . LEU A 1 7   ? 11.071  4.079   -4.644  1.00 61.80  ? 289 LEU A O   1 
ATOM   27  C CB  . LEU A 1 7   ? 12.413  2.316   -2.016  1.00 54.67  ? 289 LEU A CB  1 
ATOM   28  C CG  . LEU A 1 7   ? 13.595  2.119   -1.062  1.00 72.31  ? 289 LEU A CG  1 
ATOM   29  C CD1 . LEU A 1 7   ? 13.842  0.636   -0.811  1.00 64.32  ? 289 LEU A CD1 1 
ATOM   30  C CD2 . LEU A 1 7   ? 14.852  2.800   -1.580  1.00 74.03  ? 289 LEU A CD2 1 
ATOM   31  N N   . LEU A 1 8   ? 9.755   3.243   -3.034  1.00 54.78  ? 290 LEU A N   1 
ATOM   32  C CA  . LEU A 1 8   ? 8.604   3.044   -3.904  1.00 46.38  ? 290 LEU A CA  1 
ATOM   33  C C   . LEU A 1 8   ? 7.639   4.213   -3.755  1.00 46.78  ? 290 LEU A C   1 
ATOM   34  O O   . LEU A 1 8   ? 7.304   4.606   -2.634  1.00 51.01  ? 290 LEU A O   1 
ATOM   35  C CB  . LEU A 1 8   ? 7.907   1.726   -3.567  1.00 46.26  ? 290 LEU A CB  1 
ATOM   36  C CG  . LEU A 1 8   ? 7.431   0.887   -4.746  1.00 38.48  ? 290 LEU A CG  1 
ATOM   37  C CD1 . LEU A 1 8   ? 8.491   0.870   -5.832  1.00 47.37  ? 290 LEU A CD1 1 
ATOM   38  C CD2 . LEU A 1 8   ? 7.124   -0.521  -4.275  1.00 33.51  ? 290 LEU A CD2 1 
ATOM   39  N N   . SER A 1 9   ? 7.203   4.766   -4.885  1.00 47.47  ? 291 SER A N   1 
ATOM   40  C CA  . SER A 1 9   ? 6.270   5.886   -4.919  1.00 49.44  ? 291 SER A CA  1 
ATOM   41  C C   . SER A 1 9   ? 5.332   5.714   -6.103  1.00 59.54  ? 291 SER A C   1 
ATOM   42  O O   . SER A 1 9   ? 5.732   5.215   -7.159  1.00 67.16  ? 291 SER A O   1 
ATOM   43  C CB  . SER A 1 9   ? 6.979   7.243   -5.054  1.00 48.17  ? 291 SER A CB  1 
ATOM   44  O OG  . SER A 1 9   ? 8.209   7.268   -4.359  1.00 55.53  ? 291 SER A OG  1 
ATOM   45  N N   . GLY A 1 10  ? 4.091   6.146   -5.933  1.00 56.92  ? 292 GLY A N   1 
ATOM   46  C CA  . GLY A 1 10  ? 3.146   6.102   -7.031  1.00 53.47  ? 292 GLY A CA  1 
ATOM   47  C C   . GLY A 1 10  ? 1.779   6.572   -6.586  1.00 50.26  ? 292 GLY A C   1 
ATOM   48  O O   . GLY A 1 10  ? 1.472   6.630   -5.391  1.00 49.92  ? 292 GLY A O   1 
ATOM   49  N N   . TRP A 1 11  ? 0.964   6.913   -7.577  1.00 52.12  ? 293 TRP A N   1 
ATOM   50  C CA  . TRP A 1 11  ? -0.430  7.262   -7.347  1.00 48.24  ? 293 TRP A CA  1 
ATOM   51  C C   . TRP A 1 11  ? -1.258  5.993   -7.487  1.00 47.21  ? 293 TRP A C   1 
ATOM   52  O O   . TRP A 1 11  ? -1.294  5.388   -8.565  1.00 47.67  ? 293 TRP A O   1 
ATOM   53  C CB  . TRP A 1 11  ? -0.899  8.327   -8.339  1.00 56.56  ? 293 TRP A CB  1 
ATOM   54  C CG  . TRP A 1 11  ? -0.416  9.714   -8.030  1.00 57.63  ? 293 TRP A CG  1 
ATOM   55  C CD1 . TRP A 1 11  ? 0.769   10.269  -8.415  1.00 55.28  ? 293 TRP A CD1 1 
ATOM   56  C CD2 . TRP A 1 11  ? -1.099  10.718  -7.267  1.00 63.03  ? 293 TRP A CD2 1 
ATOM   57  N NE1 . TRP A 1 11  ? 0.867   11.556  -7.944  1.00 55.15  ? 293 TRP A NE1 1 
ATOM   58  C CE2 . TRP A 1 11  ? -0.266  11.856  -7.234  1.00 61.76  ? 293 TRP A CE2 1 
ATOM   59  C CE3 . TRP A 1 11  ? -2.331  10.765  -6.608  1.00 62.69  ? 293 TRP A CE3 1 
ATOM   60  C CZ2 . TRP A 1 11  ? -0.625  13.027  -6.568  1.00 60.82  ? 293 TRP A CZ2 1 
ATOM   61  C CZ3 . TRP A 1 11  ? -2.687  11.931  -5.946  1.00 63.78  ? 293 TRP A CZ3 1 
ATOM   62  C CH2 . TRP A 1 11  ? -1.836  13.046  -5.933  1.00 59.44  ? 293 TRP A CH2 1 
ATOM   63  N N   . LEU A 1 12  ? -1.916  5.587   -6.406  1.00 46.61  ? 294 LEU A N   1 
ATOM   64  C CA  . LEU A 1 12  ? -2.731  4.383   -6.396  1.00 42.02  ? 294 LEU A CA  1 
ATOM   65  C C   . LEU A 1 12  ? -4.143  4.721   -5.938  1.00 40.40  ? 294 LEU A C   1 
ATOM   66  O O   . LEU A 1 12  ? -4.362  5.682   -5.198  1.00 41.95  ? 294 LEU A O   1 
ATOM   67  C CB  . LEU A 1 12  ? -2.133  3.308   -5.477  1.00 44.10  ? 294 LEU A CB  1 
ATOM   68  C CG  . LEU A 1 12  ? -0.726  2.813   -5.814  1.00 43.29  ? 294 LEU A CG  1 
ATOM   69  C CD1 . LEU A 1 12  ? -0.374  1.609   -4.959  1.00 37.10  ? 294 LEU A CD1 1 
ATOM   70  C CD2 . LEU A 1 12  ? -0.625  2.470   -7.287  1.00 49.46  ? 294 LEU A CD2 1 
ATOM   71  N N   . ASP A 1 13  ? -5.101  3.916   -6.392  1.00 42.18  ? 295 ASP A N   1 
ATOM   72  C CA  . ASP A 1 13  ? -6.500  4.061   -6.004  1.00 42.52  ? 295 ASP A CA  1 
ATOM   73  C C   . ASP A 1 13  ? -6.741  3.214   -4.758  1.00 41.74  ? 295 ASP A C   1 
ATOM   74  O O   . ASP A 1 13  ? -6.736  1.981   -4.831  1.00 41.22  ? 295 ASP A O   1 
ATOM   75  C CB  . ASP A 1 13  ? -7.421  3.634   -7.145  1.00 44.66  ? 295 ASP A CB  1 
ATOM   76  C CG  . ASP A 1 13  ? -7.459  4.643   -8.280  1.00 54.66  ? 295 ASP A CG  1 
ATOM   77  O OD1 . ASP A 1 13  ? -7.318  5.856   -8.005  1.00 54.23  ? 295 ASP A OD1 1 
ATOM   78  O OD2 . ASP A 1 13  ? -7.630  4.224   -9.449  1.00 55.31  ? 295 ASP A OD2 1 
ATOM   79  N N   . LYS A 1 14  ? -6.949  3.871   -3.616  1.00 41.31  ? 296 LYS A N   1 
ATOM   80  C CA  . LYS A 1 14  ? -7.107  3.177   -2.341  1.00 42.03  ? 296 LYS A CA  1 
ATOM   81  C C   . LYS A 1 14  ? -8.584  3.021   -1.998  1.00 42.46  ? 296 LYS A C   1 
ATOM   82  O O   . LYS A 1 14  ? -9.347  3.991   -2.044  1.00 45.82  ? 296 LYS A O   1 
ATOM   83  C CB  . LYS A 1 14  ? -6.390  3.926   -1.218  1.00 39.52  ? 296 LYS A CB  1 
ATOM   84  C CG  . LYS A 1 14  ? -6.631  3.326   0.165   1.00 38.08  ? 296 LYS A CG  1 
ATOM   85  C CD  . LYS A 1 14  ? -5.936  4.120   1.264   1.00 37.13  ? 296 LYS A CD  1 
ATOM   86  C CE  . LYS A 1 14  ? -6.896  4.439   2.401   1.00 36.97  ? 296 LYS A CE  1 
ATOM   87  N NZ  . LYS A 1 14  ? -8.066  5.231   1.919   1.00 40.67  ? 296 LYS A NZ  1 
ATOM   88  N N   . LEU A 1 15  ? -8.975  1.802   -1.631  1.00 39.68  ? 297 LEU A N   1 
ATOM   89  C CA  . LEU A 1 15  ? -10.361 1.534   -1.269  1.00 43.07  ? 297 LEU A CA  1 
ATOM   90  C C   . LEU A 1 15  ? -10.742 2.267   0.012   1.00 43.98  ? 297 LEU A C   1 
ATOM   91  O O   . LEU A 1 15  ? -9.967  2.323   0.971   1.00 50.25  ? 297 LEU A O   1 
ATOM   92  C CB  . LEU A 1 15  ? -10.580 0.033   -1.091  1.00 39.11  ? 297 LEU A CB  1 
ATOM   93  C CG  . LEU A 1 15  ? -12.001 -0.440  -0.789  1.00 33.32  ? 297 LEU A CG  1 
ATOM   94  C CD1 . LEU A 1 15  ? -12.935 -0.052  -1.915  1.00 37.31  ? 297 LEU A CD1 1 
ATOM   95  C CD2 . LEU A 1 15  ? -12.022 -1.940  -0.560  1.00 34.30  ? 297 LEU A CD2 1 
ATOM   96  N N   . SER A 1 16  ? -11.950 2.821   0.026   1.00 41.07  ? 298 SER A N   1 
ATOM   97  C CA  . SER A 1 16  ? -12.464 3.478   1.217   1.00 40.22  ? 298 SER A CA  1 
ATOM   98  C C   . SER A 1 16  ? -13.449 2.571   1.936   1.00 40.33  ? 298 SER A C   1 
ATOM   99  O O   . SER A 1 16  ? -14.261 1.904   1.288   1.00 44.24  ? 298 SER A O   1 
ATOM   100 C CB  . SER A 1 16  ? -13.163 4.790   0.862   1.00 47.58  ? 298 SER A CB  1 
ATOM   101 O OG  . SER A 1 16  ? -13.876 5.297   1.979   1.00 46.74  ? 298 SER A OG  1 
ATOM   102 N N   . PRO A 1 17  ? -13.397 2.534   3.269   1.00 38.86  ? 299 PRO A N   1 
ATOM   103 C CA  . PRO A 1 17  ? -14.364 1.713   4.018   1.00 39.24  ? 299 PRO A CA  1 
ATOM   104 C C   . PRO A 1 17  ? -15.799 2.159   3.835   1.00 51.93  ? 299 PRO A C   1 
ATOM   105 O O   . PRO A 1 17  ? -16.717 1.346   4.005   1.00 59.52  ? 299 PRO A O   1 
ATOM   106 C CB  . PRO A 1 17  ? -13.908 1.877   5.471   1.00 39.73  ? 299 PRO A CB  1 
ATOM   107 C CG  . PRO A 1 17  ? -13.173 3.167   5.490   1.00 40.62  ? 299 PRO A CG  1 
ATOM   108 C CD  . PRO A 1 17  ? -12.497 3.281   4.162   1.00 41.35  ? 299 PRO A CD  1 
ATOM   109 N N   . GLN A 1 18  ? -16.023 3.421   3.497   1.00 54.94  ? 300 GLN A N   1 
ATOM   110 C CA  . GLN A 1 18  ? -17.370 3.912   3.271   1.00 59.22  ? 300 GLN A CA  1 
ATOM   111 C C   . GLN A 1 18  ? -17.894 3.437   1.923   1.00 59.47  ? 300 GLN A C   1 
ATOM   112 O O   . GLN A 1 18  ? -17.138 3.304   0.956   1.00 59.44  ? 300 GLN A O   1 
ATOM   113 C CB  . GLN A 1 18  ? -17.386 5.435   3.330   1.00 59.75  ? 300 GLN A CB  1 
ATOM   114 C CG  . GLN A 1 18  ? -18.717 6.000   3.720   1.00 63.46  ? 300 GLN A CG  1 
ATOM   115 C CD  . GLN A 1 18  ? -18.721 6.424   5.161   1.00 61.41  ? 300 GLN A CD  1 
ATOM   116 O OE1 . GLN A 1 18  ? -17.800 7.106   5.615   1.00 59.37  ? 300 GLN A OE1 1 
ATOM   117 N NE2 . GLN A 1 18  ? -19.754 6.027   5.898   1.00 66.02  ? 300 GLN A NE2 1 
ATOM   118 N N   . GLY A 1 19  ? -19.194 3.170   1.871   1.00 59.77  ? 301 GLY A N   1 
ATOM   119 C CA  . GLY A 1 19  ? -19.818 2.790   0.625   1.00 66.98  ? 301 GLY A CA  1 
ATOM   120 C C   . GLY A 1 19  ? -19.390 1.406   0.171   1.00 69.23  ? 301 GLY A C   1 
ATOM   121 O O   . GLY A 1 19  ? -18.775 0.629   0.905   1.00 68.89  ? 301 GLY A O   1 
ATOM   122 N N   . ASN A 1 20  ? -19.722 1.110   -1.083  1.00 66.70  ? 302 ASN A N   1 
ATOM   123 C CA  . ASN A 1 20  ? -19.400 -0.171  -1.696  1.00 71.98  ? 302 ASN A CA  1 
ATOM   124 C C   . ASN A 1 20  ? -18.561 0.076   -2.941  1.00 73.23  ? 302 ASN A C   1 
ATOM   125 O O   . ASN A 1 20  ? -19.032 0.707   -3.895  1.00 76.10  ? 302 ASN A O   1 
ATOM   126 C CB  . ASN A 1 20  ? -20.671 -0.952  -2.041  1.00 77.28  ? 302 ASN A CB  1 
ATOM   127 C CG  . ASN A 1 20  ? -20.374 -2.307  -2.658  1.00 75.91  ? 302 ASN A CG  1 
ATOM   128 O OD1 . ASN A 1 20  ? -20.412 -2.469  -3.877  1.00 80.60  ? 302 ASN A OD1 1 
ATOM   129 N ND2 . ASN A 1 20  ? -20.076 -3.288  -1.812  1.00 69.69  ? 302 ASN A ND2 1 
ATOM   130 N N   . TYR A 1 21  ? -17.320 -0.415  -2.918  1.00 66.64  ? 303 TYR A N   1 
ATOM   131 C CA  . TYR A 1 21  ? -16.396 -0.349  -4.051  1.00 61.77  ? 303 TYR A CA  1 
ATOM   132 C C   . TYR A 1 21  ? -16.206 1.089   -4.538  1.00 59.56  ? 303 TYR A C   1 
ATOM   133 O O   . TYR A 1 21  ? -16.422 1.420   -5.706  1.00 63.25  ? 303 TYR A O   1 
ATOM   134 C CB  . TYR A 1 21  ? -16.856 -1.271  -5.184  1.00 63.62  ? 303 TYR A CB  1 
ATOM   135 C CG  . TYR A 1 21  ? -16.446 -2.707  -4.964  1.00 73.04  ? 303 TYR A CG  1 
ATOM   136 C CD1 . TYR A 1 21  ? -15.103 -3.068  -4.977  1.00 77.28  ? 303 TYR A CD1 1 
ATOM   137 C CD2 . TYR A 1 21  ? -17.393 -3.698  -4.733  1.00 74.28  ? 303 TYR A CD2 1 
ATOM   138 C CE1 . TYR A 1 21  ? -14.712 -4.373  -4.770  1.00 87.56  ? 303 TYR A CE1 1 
ATOM   139 C CE2 . TYR A 1 21  ? -17.012 -5.013  -4.525  1.00 78.08  ? 303 TYR A CE2 1 
ATOM   140 C CZ  . TYR A 1 21  ? -15.668 -5.344  -4.545  1.00 90.34  ? 303 TYR A CZ  1 
ATOM   141 O OH  . TYR A 1 21  ? -15.275 -6.648  -4.341  1.00 96.18  ? 303 TYR A OH  1 
ATOM   142 N N   . VAL A 1 22  ? -15.785 1.944   -3.610  1.00 55.88  ? 304 VAL A N   1 
ATOM   143 C CA  . VAL A 1 22  ? -15.482 3.341   -3.890  1.00 49.06  ? 304 VAL A CA  1 
ATOM   144 C C   . VAL A 1 22  ? -14.007 3.561   -3.584  1.00 46.45  ? 304 VAL A C   1 
ATOM   145 O O   . VAL A 1 22  ? -13.569 3.373   -2.443  1.00 47.03  ? 304 VAL A O   1 
ATOM   146 C CB  . VAL A 1 22  ? -16.360 4.293   -3.064  1.00 48.89  ? 304 VAL A CB  1 
ATOM   147 C CG1 . VAL A 1 22  ? -15.938 5.737   -3.289  1.00 51.60  ? 304 VAL A CG1 1 
ATOM   148 C CG2 . VAL A 1 22  ? -17.828 4.088   -3.406  1.00 57.40  ? 304 VAL A CG2 1 
ATOM   149 N N   . PHE A 1 23  ? -13.247 3.959   -4.595  1.00 42.06  ? 305 PHE A N   1 
ATOM   150 C CA  . PHE A 1 23  ? -11.816 4.169   -4.452  1.00 41.62  ? 305 PHE A CA  1 
ATOM   151 C C   . PHE A 1 23  ? -11.510 5.660   -4.410  1.00 42.51  ? 305 PHE A C   1 
ATOM   152 O O   . PHE A 1 23  ? -12.327 6.498   -4.802  1.00 50.92  ? 305 PHE A O   1 
ATOM   153 C CB  . PHE A 1 23  ? -11.045 3.498   -5.597  1.00 45.83  ? 305 PHE A CB  1 
ATOM   154 C CG  . PHE A 1 23  ? -11.115 1.990   -5.580  1.00 42.88  ? 305 PHE A CG  1 
ATOM   155 C CD1 . PHE A 1 23  ? -12.225 1.323   -6.075  1.00 43.57  ? 305 PHE A CD1 1 
ATOM   156 C CD2 . PHE A 1 23  ? -10.067 1.239   -5.063  1.00 42.51  ? 305 PHE A CD2 1 
ATOM   157 C CE1 . PHE A 1 23  ? -12.288 -0.058  -6.057  1.00 46.58  ? 305 PHE A CE1 1 
ATOM   158 C CE2 . PHE A 1 23  ? -10.125 -0.143  -5.042  1.00 39.77  ? 305 PHE A CE2 1 
ATOM   159 C CZ  . PHE A 1 23  ? -11.237 -0.792  -5.540  1.00 42.86  ? 305 PHE A CZ  1 
ATOM   160 N N   . GLN A 1 24  ? -10.324 5.987   -3.906  1.00 39.23  ? 306 GLN A N   1 
ATOM   161 C CA  . GLN A 1 24  ? -9.863  7.365   -3.832  1.00 40.93  ? 306 GLN A CA  1 
ATOM   162 C C   . GLN A 1 24  ? -8.394  7.426   -4.218  1.00 46.43  ? 306 GLN A C   1 
ATOM   163 O O   . GLN A 1 24  ? -7.593  6.600   -3.774  1.00 47.28  ? 306 GLN A O   1 
ATOM   164 C CB  . GLN A 1 24  ? -10.065 7.942   -2.429  1.00 42.04  ? 306 GLN A CB  1 
ATOM   165 C CG  . GLN A 1 24  ? -11.511 8.249   -2.099  1.00 48.91  ? 306 GLN A CG  1 
ATOM   166 C CD  . GLN A 1 24  ? -11.774 8.263   -0.609  1.00 50.93  ? 306 GLN A CD  1 
ATOM   167 O OE1 . GLN A 1 24  ? -11.026 7.671   0.171   1.00 50.71  ? 306 GLN A OE1 1 
ATOM   168 N NE2 . GLN A 1 24  ? -12.834 8.951   -0.201  1.00 54.15  ? 306 GLN A NE2 1 
ATOM   169 N N   . ARG A 1 25  ? -8.043  8.414   -5.037  1.00 50.08  ? 307 ARG A N   1 
ATOM   170 C CA  . ARG A 1 25  ? -6.681  8.532   -5.539  1.00 49.86  ? 307 ARG A CA  1 
ATOM   171 C C   . ARG A 1 25  ? -5.787  9.059   -4.425  1.00 48.14  ? 307 ARG A C   1 
ATOM   172 O O   . ARG A 1 25  ? -5.976  10.183  -3.947  1.00 49.69  ? 307 ARG A O   1 
ATOM   173 C CB  . ARG A 1 25  ? -6.635  9.454   -6.757  1.00 53.49  ? 307 ARG A CB  1 
ATOM   174 C CG  . ARG A 1 25  ? -7.874  9.366   -7.644  1.00 65.27  ? 307 ARG A CG  1 
ATOM   175 C CD  . ARG A 1 25  ? -7.691  10.074  -8.982  1.00 76.97  ? 307 ARG A CD  1 
ATOM   176 N NE  . ARG A 1 25  ? -7.192  9.174   -10.018 1.00 85.69  ? 307 ARG A NE  1 
ATOM   177 C CZ  . ARG A 1 25  ? -7.905  8.764   -11.059 1.00 66.09  ? 307 ARG A CZ  1 
ATOM   178 N NH1 . ARG A 1 25  ? -9.152  9.168   -11.243 1.00 59.98  ? 307 ARG A NH1 1 
ATOM   179 N NH2 . ARG A 1 25  ? -7.355  7.929   -11.935 1.00 61.28  ? 307 ARG A NH2 1 
ATOM   180 N N   . ARG A 1 26  ? -4.823  8.243   -4.004  1.00 48.13  ? 308 ARG A N   1 
ATOM   181 C CA  . ARG A 1 26  ? -3.869  8.626   -2.974  1.00 49.12  ? 308 ARG A CA  1 
ATOM   182 C C   . ARG A 1 26  ? -2.461  8.399   -3.495  1.00 50.78  ? 308 ARG A C   1 
ATOM   183 O O   . ARG A 1 26  ? -2.196  7.407   -4.180  1.00 51.18  ? 308 ARG A O   1 
ATOM   184 C CB  . ARG A 1 26  ? -4.067  7.831   -1.676  1.00 47.35  ? 308 ARG A CB  1 
ATOM   185 C CG  . ARG A 1 26  ? -5.431  7.999   -1.030  1.00 47.13  ? 308 ARG A CG  1 
ATOM   186 C CD  . ARG A 1 26  ? -5.661  9.416   -0.547  1.00 44.78  ? 308 ARG A CD  1 
ATOM   187 N NE  . ARG A 1 26  ? -7.004  9.576   -0.005  1.00 39.29  ? 308 ARG A NE  1 
ATOM   188 C CZ  . ARG A 1 26  ? -7.974  10.249  -0.608  1.00 48.77  ? 308 ARG A CZ  1 
ATOM   189 N NH1 . ARG A 1 26  ? -7.789  10.814  -1.791  1.00 55.96  ? 308 ARG A NH1 1 
ATOM   190 N NH2 . ARG A 1 26  ? -9.161  10.349  -0.016  1.00 50.95  ? 308 ARG A NH2 1 
ATOM   191 N N   . PHE A 1 27  ? -1.563  9.322   -3.170  1.00 53.85  ? 309 PHE A N   1 
ATOM   192 C CA  . PHE A 1 27  ? -0.147  9.179   -3.484  1.00 54.23  ? 309 PHE A CA  1 
ATOM   193 C C   . PHE A 1 27  ? 0.503   8.394   -2.350  1.00 52.03  ? 309 PHE A C   1 
ATOM   194 O O   . PHE A 1 27  ? 0.608   8.893   -1.224  1.00 51.30  ? 309 PHE A O   1 
ATOM   195 C CB  . PHE A 1 27  ? 0.501   10.551  -3.661  1.00 52.37  ? 309 PHE A CB  1 
ATOM   196 C CG  . PHE A 1 27  ? 1.977   10.499  -3.922  1.00 48.77  ? 309 PHE A CG  1 
ATOM   197 C CD1 . PHE A 1 27  ? 2.460   10.277  -5.201  1.00 52.68  ? 309 PHE A CD1 1 
ATOM   198 C CD2 . PHE A 1 27  ? 2.883   10.677  -2.892  1.00 47.55  ? 309 PHE A CD2 1 
ATOM   199 C CE1 . PHE A 1 27  ? 3.818   10.234  -5.444  1.00 52.93  ? 309 PHE A CE1 1 
ATOM   200 C CE2 . PHE A 1 27  ? 4.241   10.635  -3.130  1.00 46.01  ? 309 PHE A CE2 1 
ATOM   201 C CZ  . PHE A 1 27  ? 4.709   10.411  -4.405  1.00 52.43  ? 309 PHE A CZ  1 
ATOM   202 N N   . VAL A 1 28  ? 0.932   7.166   -2.640  1.00 48.45  ? 310 VAL A N   1 
ATOM   203 C CA  . VAL A 1 28  ? 1.476   6.275   -1.623  1.00 45.42  ? 310 VAL A CA  1 
ATOM   204 C C   . VAL A 1 28  ? 2.986   6.161   -1.797  1.00 46.02  ? 310 VAL A C   1 
ATOM   205 O O   . VAL A 1 28  ? 3.519   6.234   -2.911  1.00 44.16  ? 310 VAL A O   1 
ATOM   206 C CB  . VAL A 1 28  ? 0.810   4.881   -1.658  1.00 40.09  ? 310 VAL A CB  1 
ATOM   207 C CG1 . VAL A 1 28  ? -0.701  5.011   -1.605  1.00 42.42  ? 310 VAL A CG1 1 
ATOM   208 C CG2 . VAL A 1 28  ? 1.218   4.128   -2.896  1.00 46.46  ? 310 VAL A CG2 1 
ATOM   209 N N   . GLN A 1 29  ? 3.680   5.998   -0.669  1.00 47.34  ? 311 GLN A N   1 
ATOM   210 C CA  . GLN A 1 29  ? 5.120   5.793   -0.636  1.00 47.97  ? 311 GLN A CA  1 
ATOM   211 C C   . GLN A 1 29  ? 5.451   4.621   0.276   1.00 48.03  ? 311 GLN A C   1 
ATOM   212 O O   . GLN A 1 29  ? 4.733   4.340   1.240   1.00 45.74  ? 311 GLN A O   1 
ATOM   213 C CB  . GLN A 1 29  ? 5.886   7.042   -0.154  1.00 50.43  ? 311 GLN A CB  1 
ATOM   214 C CG  . GLN A 1 29  ? 5.843   8.232   -1.099  1.00 55.24  ? 311 GLN A CG  1 
ATOM   215 C CD  . GLN A 1 29  ? 6.636   9.425   -0.579  1.00 53.80  ? 311 GLN A CD  1 
ATOM   216 O OE1 . GLN A 1 29  ? 6.540   9.787   0.594   1.00 49.80  ? 311 GLN A OE1 1 
ATOM   217 N NE2 . GLN A 1 29  ? 7.429   10.036  -1.453  1.00 50.03  ? 311 GLN A NE2 1 
ATOM   218 N N   . PHE A 1 30  ? 6.548   3.936   -0.043  1.00 50.49  ? 312 PHE A N   1 
ATOM   219 C CA  . PHE A 1 30  ? 7.038   2.831   0.772   1.00 49.61  ? 312 PHE A CA  1 
ATOM   220 C C   . PHE A 1 30  ? 8.549   2.938   0.890   1.00 52.06  ? 312 PHE A C   1 
ATOM   221 O O   . PHE A 1 30  ? 9.262   2.814   -0.110  1.00 54.69  ? 312 PHE A O   1 
ATOM   222 C CB  . PHE A 1 30  ? 6.640   1.479   0.181   1.00 45.84  ? 312 PHE A CB  1 
ATOM   223 C CG  . PHE A 1 30  ? 7.132   0.316   0.982   1.00 46.69  ? 312 PHE A CG  1 
ATOM   224 C CD1 . PHE A 1 30  ? 6.619   0.063   2.242   1.00 48.64  ? 312 PHE A CD1 1 
ATOM   225 C CD2 . PHE A 1 30  ? 8.109   -0.523  0.481   1.00 43.20  ? 312 PHE A CD2 1 
ATOM   226 C CE1 . PHE A 1 30  ? 7.074   -1.004  2.987   1.00 50.80  ? 312 PHE A CE1 1 
ATOM   227 C CE2 . PHE A 1 30  ? 8.564   -1.593  1.217   1.00 45.02  ? 312 PHE A CE2 1 
ATOM   228 C CZ  . PHE A 1 30  ? 8.046   -1.835  2.472   1.00 54.20  ? 312 PHE A CZ  1 
ATOM   229 N N   . ASN A 1 31  ? 9.033   3.157   2.111   1.00 53.45  ? 313 ASN A N   1 
ATOM   230 C CA  . ASN A 1 31  ? 10.451  3.363   2.374   1.00 56.05  ? 313 ASN A CA  1 
ATOM   231 C C   . ASN A 1 31  ? 11.131  2.146   2.981   1.00 53.90  ? 313 ASN A C   1 
ATOM   232 O O   . ASN A 1 31  ? 12.312  2.225   3.331   1.00 54.94  ? 313 ASN A O   1 
ATOM   233 C CB  . ASN A 1 31  ? 10.642  4.567   3.299   1.00 65.21  ? 313 ASN A CB  1 
ATOM   234 C CG  . ASN A 1 31  ? 9.777   4.487   4.540   1.00 60.54  ? 313 ASN A CG  1 
ATOM   235 O OD1 . ASN A 1 31  ? 9.929   3.580   5.359   1.00 60.33  ? 313 ASN A OD1 1 
ATOM   236 N ND2 . ASN A 1 31  ? 8.868   5.441   4.690   1.00 65.01  ? 313 ASN A ND2 1 
ATOM   237 N N   . GLY A 1 32  ? 10.423  1.028   3.121   1.00 54.85  ? 314 GLY A N   1 
ATOM   238 C CA  . GLY A 1 32  ? 10.956  -0.148  3.773   1.00 52.71  ? 314 GLY A CA  1 
ATOM   239 C C   . GLY A 1 32  ? 10.574  -0.298  5.231   1.00 51.63  ? 314 GLY A C   1 
ATOM   240 O O   . GLY A 1 32  ? 10.771  -1.382  5.796   1.00 54.84  ? 314 GLY A O   1 
ATOM   241 N N   . ARG A 1 33  ? 10.033  0.745   5.855   1.00 50.58  ? 315 ARG A N   1 
ATOM   242 C CA  . ARG A 1 33  ? 9.617   0.688   7.249   1.00 49.69  ? 315 ARG A CA  1 
ATOM   243 C C   . ARG A 1 33  ? 8.132   0.947   7.456   1.00 52.73  ? 315 ARG A C   1 
ATOM   244 O O   . ARG A 1 33  ? 7.548   0.401   8.395   1.00 52.43  ? 315 ARG A O   1 
ATOM   245 C CB  . ARG A 1 33  ? 10.420  1.695   8.087   1.00 51.55  ? 315 ARG A CB  1 
ATOM   246 N N   . SER A 1 34  ? 7.503   1.763   6.614   1.00 54.10  ? 316 SER A N   1 
ATOM   247 C CA  . SER A 1 34  ? 6.079   2.027   6.745   1.00 53.36  ? 316 SER A CA  1 
ATOM   248 C C   . SER A 1 34  ? 5.501   2.382   5.386   1.00 55.03  ? 316 SER A C   1 
ATOM   249 O O   . SER A 1 34  ? 6.182   2.954   4.528   1.00 57.12  ? 316 SER A O   1 
ATOM   250 C CB  . SER A 1 34  ? 5.800   3.157   7.742   1.00 57.47  ? 316 SER A CB  1 
ATOM   251 O OG  . SER A 1 34  ? 6.343   4.387   7.287   1.00 65.67  ? 316 SER A OG  1 
ATOM   252 N N   . LEU A 1 35  ? 4.229   2.039   5.204   1.00 52.20  ? 317 LEU A N   1 
ATOM   253 C CA  . LEU A 1 35  ? 3.493   2.335   3.981   1.00 46.46  ? 317 LEU A CA  1 
ATOM   254 C C   . LEU A 1 35  ? 2.626   3.562   4.250   1.00 44.04  ? 317 LEU A C   1 
ATOM   255 O O   . LEU A 1 35  ? 1.638   3.483   4.986   1.00 47.32  ? 317 LEU A O   1 
ATOM   256 C CB  . LEU A 1 35  ? 2.649   1.131   3.561   1.00 40.29  ? 317 LEU A CB  1 
ATOM   257 C CG  . LEU A 1 35  ? 1.967   1.148   2.194   1.00 38.10  ? 317 LEU A CG  1 
ATOM   258 C CD1 . LEU A 1 35  ? 2.997   0.882   1.108   1.00 44.09  ? 317 LEU A CD1 1 
ATOM   259 C CD2 . LEU A 1 35  ? 0.841   0.126   2.129   1.00 30.55  ? 317 LEU A CD2 1 
ATOM   260 N N   . MET A 1 36  ? 3.003   4.696   3.666   1.00 41.84  ? 318 MET A N   1 
ATOM   261 C CA  . MET A 1 36  ? 2.312   5.960   3.874   1.00 39.83  ? 318 MET A CA  1 
ATOM   262 C C   . MET A 1 36  ? 1.518   6.326   2.632   1.00 43.05  ? 318 MET A C   1 
ATOM   263 O O   . MET A 1 36  ? 1.973   6.101   1.507   1.00 53.47  ? 318 MET A O   1 
ATOM   264 C CB  . MET A 1 36  ? 3.298   7.086   4.183   1.00 44.76  ? 318 MET A CB  1 
ATOM   265 C CG  . MET A 1 36  ? 4.129   6.881   5.430   1.00 54.44  ? 318 MET A CG  1 
ATOM   266 S SD  . MET A 1 36  ? 5.310   8.224   5.617   1.00 52.45  ? 318 MET A SD  1 
ATOM   267 C CE  . MET A 1 36  ? 6.276   8.012   4.120   1.00 50.97  ? 318 MET A CE  1 
ATOM   268 N N   . TYR A 1 37  ? 0.334   6.896   2.835   1.00 37.75  ? 319 TYR A N   1 
ATOM   269 C CA  . TYR A 1 37  ? -0.475  7.383   1.730   1.00 38.54  ? 319 TYR A CA  1 
ATOM   270 C C   . TYR A 1 37  ? -0.908  8.813   2.008   1.00 45.28  ? 319 TYR A C   1 
ATOM   271 O O   . TYR A 1 37  ? -1.344  9.135   3.117   1.00 45.62  ? 319 TYR A O   1 
ATOM   272 C CB  . TYR A 1 37  ? -1.680  6.469   1.469   1.00 40.86  ? 319 TYR A CB  1 
ATOM   273 C CG  . TYR A 1 37  ? -2.542  6.145   2.667   1.00 40.32  ? 319 TYR A CG  1 
ATOM   274 C CD1 . TYR A 1 37  ? -2.259  5.053   3.475   1.00 36.54  ? 319 TYR A CD1 1 
ATOM   275 C CD2 . TYR A 1 37  ? -3.666  6.900   2.963   1.00 45.79  ? 319 TYR A CD2 1 
ATOM   276 C CE1 . TYR A 1 37  ? -3.054  4.742   4.559   1.00 38.22  ? 319 TYR A CE1 1 
ATOM   277 C CE2 . TYR A 1 37  ? -4.468  6.597   4.048   1.00 43.36  ? 319 TYR A CE2 1 
ATOM   278 C CZ  . TYR A 1 37  ? -4.158  5.514   4.840   1.00 42.08  ? 319 TYR A CZ  1 
ATOM   279 O OH  . TYR A 1 37  ? -4.953  5.207   5.920   1.00 48.19  ? 319 TYR A OH  1 
ATOM   280 N N   . PHE A 1 38  ? -0.760  9.666   1.001   1.00 52.71  ? 320 PHE A N   1 
ATOM   281 C CA  . PHE A 1 38  ? -1.053  11.087  1.084   1.00 53.22  ? 320 PHE A CA  1 
ATOM   282 C C   . PHE A 1 38  ? -2.223  11.424  0.167   1.00 52.06  ? 320 PHE A C   1 
ATOM   283 O O   . PHE A 1 38  ? -2.492  10.723  -0.812  1.00 50.30  ? 320 PHE A O   1 
ATOM   284 C CB  . PHE A 1 38  ? 0.165   11.937  0.688   1.00 55.84  ? 320 PHE A CB  1 
ATOM   285 C CG  . PHE A 1 38  ? 1.403   11.688  1.518   1.00 55.87  ? 320 PHE A CG  1 
ATOM   286 C CD1 . PHE A 1 38  ? 2.073   10.475  1.461   1.00 51.28  ? 320 PHE A CD1 1 
ATOM   287 C CD2 . PHE A 1 38  ? 1.913   12.692  2.330   1.00 64.33  ? 320 PHE A CD2 1 
ATOM   288 C CE1 . PHE A 1 38  ? 3.211   10.256  2.219   1.00 57.10  ? 320 PHE A CE1 1 
ATOM   289 C CE2 . PHE A 1 38  ? 3.054   12.483  3.091   1.00 64.15  ? 320 PHE A CE2 1 
ATOM   290 C CZ  . PHE A 1 38  ? 3.704   11.264  3.035   1.00 65.35  ? 320 PHE A CZ  1 
ATOM   291 N N   . GLY A 1 39  ? -2.928  12.505  0.505   1.00 50.84  ? 321 GLY A N   1 
ATOM   292 C CA  . GLY A 1 39  ? -3.922  13.034  -0.416  1.00 51.86  ? 321 GLY A CA  1 
ATOM   293 C C   . GLY A 1 39  ? -3.291  13.544  -1.697  1.00 52.19  ? 321 GLY A C   1 
ATOM   294 O O   . GLY A 1 39  ? -3.858  13.402  -2.785  1.00 45.67  ? 321 GLY A O   1 
ATOM   295 N N   . SER A 1 40  ? -2.109  14.141  -1.583  1.00 54.35  ? 322 SER A N   1 
ATOM   296 C CA  . SER A 1 40  ? -1.335  14.595  -2.725  1.00 53.75  ? 322 SER A CA  1 
ATOM   297 C C   . SER A 1 40  ? 0.141   14.424  -2.404  1.00 58.29  ? 322 SER A C   1 
ATOM   298 O O   . SER A 1 40  ? 0.545   14.420  -1.238  1.00 61.32  ? 322 SER A O   1 
ATOM   299 C CB  . SER A 1 40  ? -1.643  16.056  -3.071  1.00 60.44  ? 322 SER A CB  1 
ATOM   300 O OG  . SER A 1 40  ? -0.766  16.537  -4.074  1.00 68.89  ? 322 SER A OG  1 
ATOM   301 N N   . ASP A 1 41  ? 0.948   14.283  -3.455  1.00 61.08  ? 323 ASP A N   1 
ATOM   302 C CA  . ASP A 1 41  ? 2.389   14.189  -3.255  1.00 61.00  ? 323 ASP A CA  1 
ATOM   303 C C   . ASP A 1 41  ? 2.977   15.492  -2.732  1.00 66.00  ? 323 ASP A C   1 
ATOM   304 O O   . ASP A 1 41  ? 4.085   15.482  -2.186  1.00 64.73  ? 323 ASP A O   1 
ATOM   305 C CB  . ASP A 1 41  ? 3.073   13.771  -4.559  1.00 59.61  ? 323 ASP A CB  1 
ATOM   306 C CG  . ASP A 1 41  ? 2.655   14.622  -5.739  1.00 59.67  ? 323 ASP A CG  1 
ATOM   307 O OD1 . ASP A 1 41  ? 1.663   15.372  -5.614  1.00 63.07  ? 323 ASP A OD1 1 
ATOM   308 O OD2 . ASP A 1 41  ? 3.303   14.518  -6.803  1.00 55.07  ? 323 ASP A OD2 1 
ATOM   309 N N   . LYS A 1 42  ? 2.256   16.605  -2.876  1.00 65.86  ? 324 LYS A N   1 
ATOM   310 C CA  . LYS A 1 42  ? 2.672   17.884  -2.321  1.00 61.76  ? 324 LYS A CA  1 
ATOM   311 C C   . LYS A 1 42  ? 2.204   18.093  -0.886  1.00 70.17  ? 324 LYS A C   1 
ATOM   312 O O   . LYS A 1 42  ? 2.584   19.094  -0.267  1.00 70.56  ? 324 LYS A O   1 
ATOM   313 C CB  . LYS A 1 42  ? 2.149   19.034  -3.188  1.00 67.65  ? 324 LYS A CB  1 
ATOM   314 C CG  . LYS A 1 42  ? 1.782   18.644  -4.610  1.00 70.56  ? 324 LYS A CG  1 
ATOM   315 C CD  . LYS A 1 42  ? 1.281   19.857  -5.389  1.00 84.06  ? 324 LYS A CD  1 
ATOM   316 C CE  . LYS A 1 42  ? 0.257   19.471  -6.449  1.00 94.58  ? 324 LYS A CE  1 
ATOM   317 N NZ  . LYS A 1 42  ? -1.004  18.949  -5.844  1.00 87.42  ? 324 LYS A NZ  1 
ATOM   318 N N   . ASP A 1 43  ? 1.379   17.199  -0.350  1.00 73.73  ? 325 ASP A N   1 
ATOM   319 C CA  . ASP A 1 43  ? 0.959   17.320  1.043   1.00 74.80  ? 325 ASP A CA  1 
ATOM   320 C C   . ASP A 1 43  ? 2.106   16.916  1.964   1.00 73.86  ? 325 ASP A C   1 
ATOM   321 O O   . ASP A 1 43  ? 2.685   15.836  1.788   1.00 73.13  ? 325 ASP A O   1 
ATOM   322 C CB  . ASP A 1 43  ? -0.279  16.462  1.322   1.00 71.25  ? 325 ASP A CB  1 
ATOM   323 C CG  . ASP A 1 43  ? -1.532  16.989  0.630   1.00 70.86  ? 325 ASP A CG  1 
ATOM   324 O OD1 . ASP A 1 43  ? -1.504  18.130  0.124   1.00 73.70  ? 325 ASP A OD1 1 
ATOM   325 O OD2 . ASP A 1 43  ? -2.553  16.267  0.608   1.00 69.59  ? 325 ASP A OD2 1 
ATOM   326 N N   . PRO A 1 44  ? 2.473   17.754  2.938   1.00 74.72  ? 326 PRO A N   1 
ATOM   327 C CA  . PRO A 1 44  ? 3.585   17.385  3.831   1.00 74.90  ? 326 PRO A CA  1 
ATOM   328 C C   . PRO A 1 44  ? 3.263   16.222  4.754   1.00 76.60  ? 326 PRO A C   1 
ATOM   329 O O   . PRO A 1 44  ? 4.115   15.350  4.961   1.00 74.34  ? 326 PRO A O   1 
ATOM   330 C CB  . PRO A 1 44  ? 3.841   18.677  4.623   1.00 78.09  ? 326 PRO A CB  1 
ATOM   331 C CG  . PRO A 1 44  ? 3.165   19.764  3.840   1.00 80.88  ? 326 PRO A CG  1 
ATOM   332 C CD  . PRO A 1 44  ? 1.987   19.118  3.190   1.00 73.31  ? 326 PRO A CD  1 
ATOM   333 N N   . PHE A 1 45  ? 2.063   16.190  5.331   1.00 73.17  ? 327 PHE A N   1 
ATOM   334 C CA  . PHE A 1 45  ? 1.766   15.119  6.272   1.00 68.74  ? 327 PHE A CA  1 
ATOM   335 C C   . PHE A 1 45  ? 0.867   14.067  5.636   1.00 70.65  ? 327 PHE A C   1 
ATOM   336 O O   . PHE A 1 45  ? -0.084  14.409  4.924   1.00 73.12  ? 327 PHE A O   1 
ATOM   337 C CB  . PHE A 1 45  ? 1.086   15.677  7.520   1.00 84.50  ? 327 PHE A CB  1 
ATOM   338 C CG  . PHE A 1 45  ? 1.919   16.680  8.259   1.00 95.83  ? 327 PHE A CG  1 
ATOM   339 C CD1 . PHE A 1 45  ? 2.814   16.270  9.232   1.00 89.93  ? 327 PHE A CD1 1 
ATOM   340 C CD2 . PHE A 1 45  ? 1.825   18.031  7.963   1.00 92.28  ? 327 PHE A CD2 1 
ATOM   341 C CE1 . PHE A 1 45  ? 3.586   17.186  9.912   1.00 93.43  ? 327 PHE A CE1 1 
ATOM   342 C CE2 . PHE A 1 45  ? 2.597   18.955  8.639   1.00 92.83  ? 327 PHE A CE2 1 
ATOM   343 C CZ  . PHE A 1 45  ? 3.480   18.533  9.616   1.00 98.46  ? 327 PHE A CZ  1 
ATOM   344 N N   . PRO A 1 46  ? 1.149   12.789  5.883   1.00 69.84  ? 328 PRO A N   1 
ATOM   345 C CA  . PRO A 1 46  ? 0.371   11.724  5.240   1.00 61.01  ? 328 PRO A CA  1 
ATOM   346 C C   . PRO A 1 46  ? -1.032  11.593  5.810   1.00 59.83  ? 328 PRO A C   1 
ATOM   347 O O   . PRO A 1 46  ? -1.287  11.890  6.980   1.00 61.33  ? 328 PRO A O   1 
ATOM   348 C CB  . PRO A 1 46  ? 1.200   10.467  5.523   1.00 52.85  ? 328 PRO A CB  1 
ATOM   349 C CG  . PRO A 1 46  ? 1.914   10.777  6.793   1.00 53.88  ? 328 PRO A CG  1 
ATOM   350 C CD  . PRO A 1 46  ? 2.196   12.257  6.775   1.00 63.03  ? 328 PRO A CD  1 
ATOM   351 N N   . LYS A 1 47  ? -1.949  11.129  4.956   1.00 57.50  ? 329 LYS A N   1 
ATOM   352 C CA  . LYS A 1 47  ? -3.296  10.812  5.413   1.00 47.81  ? 329 LYS A CA  1 
ATOM   353 C C   . LYS A 1 47  ? -3.317  9.562   6.281   1.00 49.05  ? 329 LYS A C   1 
ATOM   354 O O   . LYS A 1 47  ? -4.217  9.412   7.112   1.00 57.14  ? 329 LYS A O   1 
ATOM   355 C CB  . LYS A 1 47  ? -4.247  10.631  4.224   1.00 36.97  ? 329 LYS A CB  1 
ATOM   356 C CG  . LYS A 1 47  ? -4.613  11.920  3.523   1.00 44.35  ? 329 LYS A CG  1 
ATOM   357 C CD  . LYS A 1 47  ? -5.945  11.838  2.787   1.00 43.74  ? 329 LYS A CD  1 
ATOM   358 C CE  . LYS A 1 47  ? -6.562  13.234  2.678   1.00 48.73  ? 329 LYS A CE  1 
ATOM   359 N NZ  . LYS A 1 47  ? -7.913  13.285  2.052   1.00 42.86  ? 329 LYS A NZ  1 
ATOM   360 N N   . GLY A 1 48  ? -2.357  8.660   6.105   1.00 47.63  ? 330 GLY A N   1 
ATOM   361 C CA  . GLY A 1 48  ? -2.290  7.469   6.930   1.00 51.73  ? 330 GLY A CA  1 
ATOM   362 C C   . GLY A 1 48  ? -0.948  6.793   6.799   1.00 52.90  ? 330 GLY A C   1 
ATOM   363 O O   . GLY A 1 48  ? -0.296  6.866   5.751   1.00 54.94  ? 330 GLY A O   1 
ATOM   364 N N   . VAL A 1 49  ? -0.528  6.128   7.874   1.00 52.54  ? 331 VAL A N   1 
ATOM   365 C CA  . VAL A 1 49  ? 0.747   5.425   7.929   1.00 43.80  ? 331 VAL A CA  1 
ATOM   366 C C   . VAL A 1 49  ? 0.485   4.003   8.397   1.00 48.17  ? 331 VAL A C   1 
ATOM   367 O O   . VAL A 1 49  ? -0.180  3.798   9.419   1.00 60.69  ? 331 VAL A O   1 
ATOM   368 C CB  . VAL A 1 49  ? 1.745   6.122   8.874   1.00 41.74  ? 331 VAL A CB  1 
ATOM   369 C CG1 . VAL A 1 49  ? 3.002   5.283   9.035   1.00 39.85  ? 331 VAL A CG1 1 
ATOM   370 C CG2 . VAL A 1 49  ? 2.084   7.514   8.360   1.00 45.01  ? 331 VAL A CG2 1 
ATOM   371 N N   . ILE A 1 50  ? 0.999   3.028   7.660   1.00 46.01  ? 332 ILE A N   1 
ATOM   372 C CA  . ILE A 1 50  ? 0.866   1.621   8.010   1.00 44.67  ? 332 ILE A CA  1 
ATOM   373 C C   . ILE A 1 50  ? 2.261   1.041   8.207   1.00 48.64  ? 332 ILE A C   1 
ATOM   374 O O   . ILE A 1 50  ? 2.942   0.694   7.242   1.00 49.41  ? 332 ILE A O   1 
ATOM   375 C CB  . ILE A 1 50  ? 0.087   0.839   6.938   1.00 43.38  ? 332 ILE A CB  1 
ATOM   376 C CG1 . ILE A 1 50  ? -1.015  1.705   6.327   1.00 45.04  ? 332 ILE A CG1 1 
ATOM   377 C CG2 . ILE A 1 50  ? -0.547  -0.380  7.551   1.00 47.64  ? 332 ILE A CG2 1 
ATOM   378 C CD1 . ILE A 1 50  ? -1.559  1.159   5.029   1.00 38.04  ? 332 ILE A CD1 1 
ATOM   379 N N   . PRO A 1 51  ? 2.714   0.913   9.457   1.00 50.70  ? 333 PRO A N   1 
ATOM   380 C CA  . PRO A 1 51  ? 4.058   0.379   9.708   1.00 52.96  ? 333 PRO A CA  1 
ATOM   381 C C   . PRO A 1 51  ? 4.203   -1.048  9.202   1.00 51.89  ? 333 PRO A C   1 
ATOM   382 O O   . PRO A 1 51  ? 3.282   -1.860  9.298   1.00 50.59  ? 333 PRO A O   1 
ATOM   383 C CB  . PRO A 1 51  ? 4.185   0.440   11.236  1.00 49.41  ? 333 PRO A CB  1 
ATOM   384 C CG  . PRO A 1 51  ? 3.151   1.423   11.676  1.00 47.91  ? 333 PRO A CG  1 
ATOM   385 C CD  . PRO A 1 51  ? 2.024   1.289   10.701  1.00 45.66  ? 333 PRO A CD  1 
ATOM   386 N N   . LEU A 1 52  ? 5.392   -1.350  8.672   1.00 53.90  ? 334 LEU A N   1 
ATOM   387 C CA  . LEU A 1 52  ? 5.671   -2.701  8.192   1.00 55.27  ? 334 LEU A CA  1 
ATOM   388 C C   . LEU A 1 52  ? 5.557   -3.723  9.314   1.00 58.10  ? 334 LEU A C   1 
ATOM   389 O O   . LEU A 1 52  ? 5.184   -4.877  9.072   1.00 53.20  ? 334 LEU A O   1 
ATOM   390 C CB  . LEU A 1 52  ? 7.060   -2.756  7.560   1.00 53.48  ? 334 LEU A CB  1 
ATOM   391 C CG  . LEU A 1 52  ? 7.505   -4.110  7.009   1.00 54.68  ? 334 LEU A CG  1 
ATOM   392 C CD1 . LEU A 1 52  ? 6.472   -4.656  6.044   1.00 56.08  ? 334 LEU A CD1 1 
ATOM   393 C CD2 . LEU A 1 52  ? 8.850   -3.971  6.331   1.00 57.99  ? 334 LEU A CD2 1 
ATOM   394 N N   . THR A 1 53  ? 5.868   -3.314  10.543  1.00 60.84  ? 335 THR A N   1 
ATOM   395 C CA  . THR A 1 53  ? 5.697   -4.197  11.688  1.00 56.89  ? 335 THR A CA  1 
ATOM   396 C C   . THR A 1 53  ? 4.234   -4.578  11.880  1.00 57.18  ? 335 THR A C   1 
ATOM   397 O O   . THR A 1 53  ? 3.925   -5.710  12.273  1.00 62.72  ? 335 THR A O   1 
ATOM   398 C CB  . THR A 1 53  ? 6.261   -3.524  12.938  1.00 59.44  ? 335 THR A CB  1 
ATOM   399 O OG1 . THR A 1 53  ? 5.510   -2.335  13.220  1.00 47.61  ? 335 THR A OG1 1 
ATOM   400 C CG2 . THR A 1 53  ? 7.722   -3.151  12.716  1.00 58.27  ? 335 THR A CG2 1 
ATOM   401 N N   . ALA A 1 54  ? 3.316   -3.649  11.599  1.00 56.39  ? 336 ALA A N   1 
ATOM   402 C CA  . ALA A 1 54  ? 1.890   -3.948  11.691  1.00 55.87  ? 336 ALA A CA  1 
ATOM   403 C C   . ALA A 1 54  ? 1.393   -4.808  10.534  1.00 57.61  ? 336 ALA A C   1 
ATOM   404 O O   . ALA A 1 54  ? 0.356   -5.468  10.673  1.00 53.79  ? 336 ALA A O   1 
ATOM   405 C CB  . ALA A 1 54  ? 1.083   -2.650  11.758  1.00 48.06  ? 336 ALA A CB  1 
ATOM   406 N N   . ILE A 1 55  ? 2.105   -4.823  9.406   1.00 57.90  ? 337 ILE A N   1 
ATOM   407 C CA  . ILE A 1 55  ? 1.687   -5.625  8.261   1.00 54.55  ? 337 ILE A CA  1 
ATOM   408 C C   . ILE A 1 55  ? 1.795   -7.098  8.615   1.00 53.88  ? 337 ILE A C   1 
ATOM   409 O O   . ILE A 1 55  ? 2.858   -7.577  9.032   1.00 59.95  ? 337 ILE A O   1 
ATOM   410 C CB  . ILE A 1 55  ? 2.538   -5.306  7.021   1.00 59.07  ? 337 ILE A CB  1 
ATOM   411 C CG1 . ILE A 1 55  ? 2.673   -3.802  6.810   1.00 55.06  ? 337 ILE A CG1 1 
ATOM   412 C CG2 . ILE A 1 55  ? 1.927   -5.931  5.786   1.00 53.44  ? 337 ILE A CG2 1 
ATOM   413 C CD1 . ILE A 1 55  ? 1.367   -3.099  6.729   1.00 55.65  ? 337 ILE A CD1 1 
ATOM   414 N N   . GLU A 1 56  ? 0.699   -7.825  8.447   1.00 54.57  ? 338 GLU A N   1 
ATOM   415 C CA  . GLU A 1 56  ? 0.702   -9.263  8.669   1.00 60.69  ? 338 GLU A CA  1 
ATOM   416 C C   . GLU A 1 56  ? 0.785   -10.060 7.377   1.00 56.98  ? 338 GLU A C   1 
ATOM   417 O O   . GLU A 1 56  ? 1.331   -11.168 7.381   1.00 60.48  ? 338 GLU A O   1 
ATOM   418 C CB  . GLU A 1 56  ? -0.546  -9.674  9.457   1.00 60.06  ? 338 GLU A CB  1 
ATOM   419 C CG  . GLU A 1 56  ? -0.562  -9.133  10.884  1.00 62.83  ? 338 GLU A CG  1 
ATOM   420 C CD  . GLU A 1 56  ? -1.577  -9.828  11.771  1.00 65.22  ? 338 GLU A CD  1 
ATOM   421 O OE1 . GLU A 1 56  ? -2.440  -10.558 11.233  1.00 65.94  ? 338 GLU A OE1 1 
ATOM   422 O OE2 . GLU A 1 56  ? -1.496  -9.666  13.009  1.00 59.30  ? 338 GLU A OE2 1 
ATOM   423 N N   . MET A 1 57  ? 0.272   -9.516  6.276   1.00 55.56  ? 339 MET A N   1 
ATOM   424 C CA  . MET A 1 57  ? 0.334   -10.184 4.985   1.00 56.74  ? 339 MET A CA  1 
ATOM   425 C C   . MET A 1 57  ? 0.007   -9.186  3.885   1.00 52.97  ? 339 MET A C   1 
ATOM   426 O O   . MET A 1 57  ? -0.671  -8.179  4.107   1.00 52.13  ? 339 MET A O   1 
ATOM   427 C CB  . MET A 1 57  ? -0.633  -11.365 4.916   1.00 56.97  ? 339 MET A CB  1 
ATOM   428 C CG  . MET A 1 57  ? -0.201  -12.462 3.970   1.00 56.05  ? 339 MET A CG  1 
ATOM   429 S SD  . MET A 1 57  ? -1.534  -13.641 3.785   1.00 56.28  ? 339 MET A SD  1 
ATOM   430 C CE  . MET A 1 57  ? -2.814  -12.532 3.238   1.00 53.05  ? 339 MET A CE  1 
ATOM   431 N N   . THR A 1 58  ? 0.473   -9.504  2.683   1.00 50.91  ? 340 THR A N   1 
ATOM   432 C CA  . THR A 1 58  ? 0.184   -8.723  1.488   1.00 52.71  ? 340 THR A CA  1 
ATOM   433 C C   . THR A 1 58  ? -0.029  -9.698  0.345   1.00 54.60  ? 340 THR A C   1 
ATOM   434 O O   . THR A 1 58  ? 0.849   -10.516 0.057   1.00 64.68  ? 340 THR A O   1 
ATOM   435 C CB  . THR A 1 58  ? 1.319   -7.744  1.163   1.00 51.25  ? 340 THR A CB  1 
ATOM   436 O OG1 . THR A 1 58  ? 1.318   -6.673  2.114   1.00 44.66  ? 340 THR A OG1 1 
ATOM   437 C CG2 . THR A 1 58  ? 1.175   -7.187  -0.248  1.00 45.68  ? 340 THR A CG2 1 
ATOM   438 N N   . ARG A 1 59  ? -1.189  -9.622  -0.296  1.00 50.21  ? 341 ARG A N   1 
ATOM   439 C CA  . ARG A 1 59  ? -1.535  -10.582 -1.329  1.00 56.65  ? 341 ARG A CA  1 
ATOM   440 C C   . ARG A 1 59  ? -2.193  -9.869  -2.501  1.00 55.88  ? 341 ARG A C   1 
ATOM   441 O O   . ARG A 1 59  ? -2.873  -8.854  -2.331  1.00 57.92  ? 341 ARG A O   1 
ATOM   442 C CB  . ARG A 1 59  ? -2.449  -11.681 -0.764  1.00 65.27  ? 341 ARG A CB  1 
ATOM   443 C CG  . ARG A 1 59  ? -3.882  -11.249 -0.519  1.00 63.96  ? 341 ARG A CG  1 
ATOM   444 C CD  . ARG A 1 59  ? -4.702  -12.381 0.073   1.00 63.76  ? 341 ARG A CD  1 
ATOM   445 N NE  . ARG A 1 59  ? -6.088  -12.316 -0.367  1.00 67.48  ? 341 ARG A NE  1 
ATOM   446 C CZ  . ARG A 1 59  ? -6.542  -12.929 -1.451  1.00 75.44  ? 341 ARG A CZ  1 
ATOM   447 N NH1 . ARG A 1 59  ? -5.759  -13.704 -2.187  1.00 77.66  ? 341 ARG A NH1 1 
ATOM   448 N NH2 . ARG A 1 59  ? -7.812  -12.763 -1.805  1.00 71.64  ? 341 ARG A NH2 1 
ATOM   449 N N   . SER A 1 60  ? -1.969  -10.405 -3.696  1.00 52.79  ? 342 SER A N   1 
ATOM   450 C CA  . SER A 1 60  ? -2.571  -9.858  -4.899  1.00 56.60  ? 342 SER A CA  1 
ATOM   451 C C   . SER A 1 60  ? -4.065  -10.177 -4.931  1.00 61.99  ? 342 SER A C   1 
ATOM   452 O O   . SER A 1 60  ? -4.551  -11.063 -4.224  1.00 63.69  ? 342 SER A O   1 
ATOM   453 C CB  . SER A 1 60  ? -1.865  -10.414 -6.138  1.00 59.87  ? 342 SER A CB  1 
ATOM   454 O OG  . SER A 1 60  ? -2.538  -10.060 -7.333  1.00 69.32  ? 342 SER A OG  1 
ATOM   455 N N   . SER A 1 61  ? -4.799  -9.432  -5.752  1.00 66.03  ? 343 SER A N   1 
ATOM   456 C CA  . SER A 1 61  ? -6.242  -9.591  -5.895  1.00 70.91  ? 343 SER A CA  1 
ATOM   457 C C   . SER A 1 61  ? -6.577  -9.947  -7.345  1.00 75.33  ? 343 SER A C   1 
ATOM   458 O O   . SER A 1 61  ? -5.687  -10.197 -8.164  1.00 80.02  ? 343 SER A O   1 
ATOM   459 C CB  . SER A 1 61  ? -6.969  -8.328  -5.431  1.00 70.25  ? 343 SER A CB  1 
ATOM   460 O OG  . SER A 1 61  ? -7.052  -8.281  -4.015  1.00 68.55  ? 343 SER A OG  1 
ATOM   461 N N   . LYS A 1 62  ? -7.877  -9.979  -7.653  1.00 78.24  ? 344 LYS A N   1 
ATOM   462 C CA  . LYS A 1 62  ? -8.332  -10.454 -8.959  1.00 100.90 ? 344 LYS A CA  1 
ATOM   463 C C   . LYS A 1 62  ? -7.760  -9.601  -10.087 1.00 100.02 ? 344 LYS A C   1 
ATOM   464 O O   . LYS A 1 62  ? -7.001  -10.087 -10.932 1.00 104.00 ? 344 LYS A O   1 
ATOM   465 C CB  . LYS A 1 62  ? -9.862  -10.465 -9.014  1.00 94.67  ? 344 LYS A CB  1 
ATOM   466 C CG  . LYS A 1 62  ? -10.516 -11.274 -7.902  1.00 87.19  ? 344 LYS A CG  1 
ATOM   467 C CD  . LYS A 1 62  ? -12.027 -11.150 -7.935  1.00 81.98  ? 344 LYS A CD  1 
ATOM   468 C CE  . LYS A 1 62  ? -12.668 -12.034 -6.877  1.00 86.78  ? 344 LYS A CE  1 
ATOM   469 N NZ  . LYS A 1 62  ? -14.156 -11.927 -6.877  1.00 101.58 ? 344 LYS A NZ  1 
ATOM   470 N N   . ASP A 1 63  ? -8.108  -8.317  -10.103 1.00 93.28  ? 345 ASP A N   1 
ATOM   471 C CA  . ASP A 1 63  ? -7.612  -7.372  -11.095 1.00 92.59  ? 345 ASP A CA  1 
ATOM   472 C C   . ASP A 1 63  ? -6.250  -6.857  -10.654 1.00 87.57  ? 345 ASP A C   1 
ATOM   473 O O   . ASP A 1 63  ? -5.639  -7.433  -9.745  1.00 86.10  ? 345 ASP A O   1 
ATOM   474 C CB  . ASP A 1 63  ? -8.597  -6.223  -11.281 1.00 95.89  ? 345 ASP A CB  1 
ATOM   475 C CG  . ASP A 1 63  ? -9.829  -6.640  -12.060 1.00 114.94 ? 345 ASP A CG  1 
ATOM   476 O OD1 . ASP A 1 63  ? -9.893  -7.796  -12.519 1.00 105.09 ? 345 ASP A OD1 1 
ATOM   477 O OD2 . ASP A 1 63  ? -10.733 -5.807  -12.230 1.00 127.48 ? 345 ASP A OD2 1 
ATOM   478 N N   . ASN A 1 64  ? -5.762  -5.776  -11.273 1.00 84.87  ? 346 ASN A N   1 
ATOM   479 C CA  . ASN A 1 64  ? -4.535  -5.128  -10.800 1.00 67.74  ? 346 ASN A CA  1 
ATOM   480 C C   . ASN A 1 64  ? -4.819  -4.460  -9.453  1.00 58.11  ? 346 ASN A C   1 
ATOM   481 O O   . ASN A 1 64  ? -4.954  -3.241  -9.333  1.00 54.72  ? 346 ASN A O   1 
ATOM   482 C CB  . ASN A 1 64  ? -3.995  -4.126  -11.818 1.00 59.87  ? 346 ASN A CB  1 
ATOM   483 C CG  . ASN A 1 64  ? -5.082  -3.294  -12.467 1.00 64.66  ? 346 ASN A CG  1 
ATOM   484 O OD1 . ASN A 1 64  ? -5.829  -3.780  -13.315 1.00 72.60  ? 346 ASN A OD1 1 
ATOM   485 N ND2 . ASN A 1 64  ? -5.197  -2.039  -12.048 1.00 63.05  ? 346 ASN A ND2 1 
ATOM   486 N N   . LYS A 1 65  ? -4.881  -5.290  -8.412  1.00 65.17  ? 347 LYS A N   1 
ATOM   487 C CA  . LYS A 1 65  ? -5.251  -4.871  -7.068  1.00 52.44  ? 347 LYS A CA  1 
ATOM   488 C C   . LYS A 1 65  ? -4.435  -5.691  -6.076  1.00 53.89  ? 347 LYS A C   1 
ATOM   489 O O   . LYS A 1 65  ? -4.111  -6.852  -6.343  1.00 58.48  ? 347 LYS A O   1 
ATOM   490 C CB  . LYS A 1 65  ? -6.748  -5.093  -6.821  1.00 55.54  ? 347 LYS A CB  1 
ATOM   491 C CG  . LYS A 1 65  ? -7.433  -4.055  -5.960  1.00 51.07  ? 347 LYS A CG  1 
ATOM   492 C CD  . LYS A 1 65  ? -8.940  -4.304  -5.912  1.00 49.85  ? 347 LYS A CD  1 
ATOM   493 C CE  . LYS A 1 65  ? -9.535  -4.534  -7.294  1.00 54.12  ? 347 LYS A CE  1 
ATOM   494 N NZ  . LYS A 1 65  ? -9.283  -3.408  -8.232  1.00 67.03  ? 347 LYS A NZ  1 
ATOM   495 N N   . PHE A 1 66  ? -4.109  -5.100  -4.927  1.00 48.52  ? 348 PHE A N   1 
ATOM   496 C CA  . PHE A 1 66  ? -3.447  -5.875  -3.885  1.00 47.72  ? 348 PHE A CA  1 
ATOM   497 C C   . PHE A 1 66  ? -3.943  -5.444  -2.514  1.00 44.79  ? 348 PHE A C   1 
ATOM   498 O O   . PHE A 1 66  ? -4.331  -4.290  -2.307  1.00 40.10  ? 348 PHE A O   1 
ATOM   499 C CB  . PHE A 1 66  ? -1.914  -5.766  -3.959  1.00 43.32  ? 348 PHE A CB  1 
ATOM   500 C CG  . PHE A 1 66  ? -1.381  -4.364  -3.850  1.00 42.15  ? 348 PHE A CG  1 
ATOM   501 C CD1 . PHE A 1 66  ? -1.240  -3.570  -4.973  1.00 40.45  ? 348 PHE A CD1 1 
ATOM   502 C CD2 . PHE A 1 66  ? -0.983  -3.851  -2.625  1.00 41.52  ? 348 PHE A CD2 1 
ATOM   503 C CE1 . PHE A 1 66  ? -0.734  -2.283  -4.873  1.00 34.99  ? 348 PHE A CE1 1 
ATOM   504 C CE2 . PHE A 1 66  ? -0.477  -2.564  -2.521  1.00 34.03  ? 348 PHE A CE2 1 
ATOM   505 C CZ  . PHE A 1 66  ? -0.350  -1.784  -3.646  1.00 33.14  ? 348 PHE A CZ  1 
ATOM   506 N N   . GLN A 1 67  ? -3.930  -6.396  -1.579  1.00 45.33  ? 349 GLN A N   1 
ATOM   507 C CA  . GLN A 1 67  ? -4.385  -6.189  -0.210  1.00 43.46  ? 349 GLN A CA  1 
ATOM   508 C C   . GLN A 1 67  ? -3.196  -6.156  0.738   1.00 42.48  ? 349 GLN A C   1 
ATOM   509 O O   . GLN A 1 67  ? -2.331  -7.034  0.682   1.00 46.96  ? 349 GLN A O   1 
ATOM   510 C CB  . GLN A 1 67  ? -5.341  -7.295  0.237   1.00 43.31  ? 349 GLN A CB  1 
ATOM   511 C CG  . GLN A 1 67  ? -6.689  -7.277  -0.431  1.00 45.21  ? 349 GLN A CG  1 
ATOM   512 C CD  . GLN A 1 67  ? -7.646  -8.267  0.197   1.00 53.70  ? 349 GLN A CD  1 
ATOM   513 O OE1 . GLN A 1 67  ? -7.321  -9.445  0.370   1.00 53.85  ? 349 GLN A OE1 1 
ATOM   514 N NE2 . GLN A 1 67  ? -8.840  -7.793  0.545   1.00 53.45  ? 349 GLN A NE2 1 
ATOM   515 N N   . VAL A 1 68  ? -3.169  -5.161  1.615   1.00 41.59  ? 350 VAL A N   1 
ATOM   516 C CA  . VAL A 1 68  ? -2.201  -5.088  2.701   1.00 41.19  ? 350 VAL A CA  1 
ATOM   517 C C   . VAL A 1 68  ? -2.968  -5.339  3.995   1.00 48.10  ? 350 VAL A C   1 
ATOM   518 O O   . VAL A 1 68  ? -3.756  -4.493  4.437   1.00 45.63  ? 350 VAL A O   1 
ATOM   519 C CB  . VAL A 1 68  ? -1.470  -3.740  2.725   1.00 36.01  ? 350 VAL A CB  1 
ATOM   520 C CG1 . VAL A 1 68  ? -0.504  -3.698  3.876   1.00 42.61  ? 350 VAL A CG1 1 
ATOM   521 C CG2 . VAL A 1 68  ? -0.742  -3.515  1.414   1.00 35.65  ? 350 VAL A CG2 1 
ATOM   522 N N   . ILE A 1 69  ? -2.732  -6.493  4.611   1.00 48.62  ? 351 ILE A N   1 
ATOM   523 C CA  . ILE A 1 69  ? -3.551  -6.982  5.715   1.00 45.07  ? 351 ILE A CA  1 
ATOM   524 C C   . ILE A 1 69  ? -2.759  -6.858  7.004   1.00 50.10  ? 351 ILE A C   1 
ATOM   525 O O   . ILE A 1 69  ? -1.695  -7.473  7.153   1.00 54.70  ? 351 ILE A O   1 
ATOM   526 C CB  . ILE A 1 69  ? -3.996  -8.431  5.480   1.00 42.91  ? 351 ILE A CB  1 
ATOM   527 C CG1 . ILE A 1 69  ? -4.588  -8.559  4.077   1.00 50.76  ? 351 ILE A CG1 1 
ATOM   528 C CG2 . ILE A 1 69  ? -4.983  -8.869  6.548   1.00 40.80  ? 351 ILE A CG2 1 
ATOM   529 C CD1 . ILE A 1 69  ? -4.995  -9.950  3.707   1.00 52.44  ? 351 ILE A CD1 1 
ATOM   530 N N   . THR A 1 70  ? -3.283  -6.074  7.941   1.00 55.48  ? 352 THR A N   1 
ATOM   531 C CA  . THR A 1 70  ? -2.710  -5.940  9.269   1.00 53.73  ? 352 THR A CA  1 
ATOM   532 C C   . THR A 1 70  ? -3.508  -6.783  10.260  1.00 46.25  ? 352 THR A C   1 
ATOM   533 O O   . THR A 1 70  ? -4.373  -7.580  9.884   1.00 41.46  ? 352 THR A O   1 
ATOM   534 C CB  . THR A 1 70  ? -2.663  -4.468  9.695   1.00 52.94  ? 352 THR A CB  1 
ATOM   535 O OG1 . THR A 1 70  ? -3.995  -3.950  9.813   1.00 47.81  ? 352 THR A OG1 1 
ATOM   536 C CG2 . THR A 1 70  ? -1.864  -3.638  8.694   1.00 51.24  ? 352 THR A CG2 1 
ATOM   537 N N   . GLY A 1 71  ? -3.198  -6.625  11.546  1.00 48.88  ? 353 GLY A N   1 
ATOM   538 C CA  . GLY A 1 71  ? -3.937  -7.334  12.571  1.00 45.33  ? 353 GLY A CA  1 
ATOM   539 C C   . GLY A 1 71  ? -5.383  -6.897  12.683  1.00 46.03  ? 353 GLY A C   1 
ATOM   540 O O   . GLY A 1 71  ? -6.252  -7.711  13.007  1.00 49.00  ? 353 GLY A O   1 
ATOM   541 N N   . GLN A 1 72  ? -5.663  -5.619  12.421  1.00 46.63  ? 354 GLN A N   1 
ATOM   542 C CA  . GLN A 1 72  ? -7.004  -5.075  12.600  1.00 47.42  ? 354 GLN A CA  1 
ATOM   543 C C   . GLN A 1 72  ? -7.713  -4.703  11.308  1.00 44.95  ? 354 GLN A C   1 
ATOM   544 O O   . GLN A 1 72  ? -8.942  -4.793  11.253  1.00 46.60  ? 354 GLN A O   1 
ATOM   545 C CB  . GLN A 1 72  ? -6.967  -3.830  13.491  1.00 52.17  ? 354 GLN A CB  1 
ATOM   546 C CG  . GLN A 1 72  ? -6.445  -4.065  14.887  1.00 62.88  ? 354 GLN A CG  1 
ATOM   547 C CD  . GLN A 1 72  ? -6.587  -2.832  15.753  1.00 76.47  ? 354 GLN A CD  1 
ATOM   548 O OE1 . GLN A 1 72  ? -6.170  -1.739  15.369  1.00 79.05  ? 354 GLN A OE1 1 
ATOM   549 N NE2 . GLN A 1 72  ? -7.183  -3.000  16.929  1.00 80.14  ? 354 GLN A NE2 1 
ATOM   550 N N   . ARG A 1 73  ? -6.989  -4.270  10.280  1.00 39.11  ? 355 ARG A N   1 
ATOM   551 C CA  . ARG A 1 73  ? -7.624  -3.751  9.079   1.00 39.96  ? 355 ARG A CA  1 
ATOM   552 C C   . ARG A 1 73  ? -6.907  -4.293  7.852   1.00 44.07  ? 355 ARG A C   1 
ATOM   553 O O   . ARG A 1 73  ? -5.756  -4.730  7.919   1.00 43.09  ? 355 ARG A O   1 
ATOM   554 C CB  . ARG A 1 73  ? -7.640  -2.211  9.070   1.00 44.19  ? 355 ARG A CB  1 
ATOM   555 C CG  . ARG A 1 73  ? -8.376  -1.572  7.887   1.00 42.69  ? 355 ARG A CG  1 
ATOM   556 C CD  . ARG A 1 73  ? -9.163  -0.355  8.311   1.00 42.81  ? 355 ARG A CD  1 
ATOM   557 N NE  . ARG A 1 73  ? -8.393  0.877   8.201   1.00 43.79  ? 355 ARG A NE  1 
ATOM   558 C CZ  . ARG A 1 73  ? -8.505  1.740   7.202   1.00 40.84  ? 355 ARG A CZ  1 
ATOM   559 N NH1 . ARG A 1 73  ? -9.337  1.526   6.196   1.00 42.94  ? 355 ARG A NH1 1 
ATOM   560 N NH2 . ARG A 1 73  ? -7.777  2.852   7.223   1.00 41.90  ? 355 ARG A NH2 1 
ATOM   561 N N   . VAL A 1 74  ? -7.624  -4.278  6.731   1.00 46.86  ? 356 VAL A N   1 
ATOM   562 C CA  . VAL A 1 74  ? -7.080  -4.589  5.416   1.00 46.15  ? 356 VAL A CA  1 
ATOM   563 C C   . VAL A 1 74  ? -7.184  -3.340  4.550   1.00 46.25  ? 356 VAL A C   1 
ATOM   564 O O   . VAL A 1 74  ? -8.245  -2.705  4.491   1.00 43.13  ? 356 VAL A O   1 
ATOM   565 C CB  . VAL A 1 74  ? -7.811  -5.777  4.766   1.00 44.80  ? 356 VAL A CB  1 
ATOM   566 C CG1 . VAL A 1 74  ? -9.307  -5.532  4.744   1.00 44.62  ? 356 VAL A CG1 1 
ATOM   567 C CG2 . VAL A 1 74  ? -7.301  -5.999  3.357   1.00 46.42  ? 356 VAL A CG2 1 
ATOM   568 N N   . PHE A 1 75  ? -6.080  -2.976  3.904   1.00 45.89  ? 357 PHE A N   1 
ATOM   569 C CA  . PHE A 1 75  ? -6.053  -1.879  2.945   1.00 35.98  ? 357 PHE A CA  1 
ATOM   570 C C   . PHE A 1 75  ? -6.042  -2.454  1.537   1.00 35.25  ? 357 PHE A C   1 
ATOM   571 O O   . PHE A 1 75  ? -5.240  -3.342  1.233   1.00 35.45  ? 357 PHE A O   1 
ATOM   572 C CB  . PHE A 1 75  ? -4.828  -0.985  3.154   1.00 34.99  ? 357 PHE A CB  1 
ATOM   573 C CG  . PHE A 1 75  ? -4.841  -0.217  4.446   1.00 38.36  ? 357 PHE A CG  1 
ATOM   574 C CD1 . PHE A 1 75  ? -4.469  -0.822  5.634   1.00 41.00  ? 357 PHE A CD1 1 
ATOM   575 C CD2 . PHE A 1 75  ? -5.208  1.117   4.465   1.00 37.21  ? 357 PHE A CD2 1 
ATOM   576 C CE1 . PHE A 1 75  ? -4.476  -0.113  6.820   1.00 39.83  ? 357 PHE A CE1 1 
ATOM   577 C CE2 . PHE A 1 75  ? -5.213  1.832   5.644   1.00 38.13  ? 357 PHE A CE2 1 
ATOM   578 C CZ  . PHE A 1 75  ? -4.846  1.216   6.824   1.00 40.37  ? 357 PHE A CZ  1 
ATOM   579 N N   . VAL A 1 76  ? -6.928  -1.950  0.685   1.00 40.59  ? 358 VAL A N   1 
ATOM   580 C CA  . VAL A 1 76  ? -7.036  -2.393  -0.701  1.00 39.52  ? 358 VAL A CA  1 
ATOM   581 C C   . VAL A 1 76  ? -6.546  -1.267  -1.598  1.00 41.07  ? 358 VAL A C   1 
ATOM   582 O O   . VAL A 1 76  ? -7.100  -0.160  -1.580  1.00 39.55  ? 358 VAL A O   1 
ATOM   583 C CB  . VAL A 1 76  ? -8.474  -2.793  -1.061  1.00 33.15  ? 358 VAL A CB  1 
ATOM   584 C CG1 . VAL A 1 76  ? -8.588  -3.029  -2.554  1.00 33.77  ? 358 VAL A CG1 1 
ATOM   585 C CG2 . VAL A 1 76  ? -8.896  -4.024  -0.280  1.00 38.14  ? 358 VAL A CG2 1 
ATOM   586 N N   . PHE A 1 77  ? -5.514  -1.551  -2.386  1.00 38.56  ? 359 PHE A N   1 
ATOM   587 C CA  . PHE A 1 77  ? -4.960  -0.597  -3.331  1.00 37.85  ? 359 PHE A CA  1 
ATOM   588 C C   . PHE A 1 77  ? -5.114  -1.141  -4.745  1.00 42.83  ? 359 PHE A C   1 
ATOM   589 O O   . PHE A 1 77  ? -4.916  -2.337  -4.983  1.00 44.54  ? 359 PHE A O   1 
ATOM   590 C CB  . PHE A 1 77  ? -3.485  -0.313  -3.029  1.00 37.60  ? 359 PHE A CB  1 
ATOM   591 C CG  . PHE A 1 77  ? -3.256  0.415   -1.730  1.00 39.05  ? 359 PHE A CG  1 
ATOM   592 C CD1 . PHE A 1 77  ? -3.379  1.795   -1.657  1.00 35.39  ? 359 PHE A CD1 1 
ATOM   593 C CD2 . PHE A 1 77  ? -2.907  -0.282  -0.581  1.00 39.42  ? 359 PHE A CD2 1 
ATOM   594 C CE1 . PHE A 1 77  ? -3.167  2.465   -0.466  1.00 30.66  ? 359 PHE A CE1 1 
ATOM   595 C CE2 . PHE A 1 77  ? -2.691  0.385   0.614   1.00 33.69  ? 359 PHE A CE2 1 
ATOM   596 C CZ  . PHE A 1 77  ? -2.822  1.758   0.671   1.00 30.16  ? 359 PHE A CZ  1 
ATOM   597 N N   . ARG A 1 78  ? -5.487  -0.262  -5.673  1.00 41.81  ? 360 ARG A N   1 
ATOM   598 C CA  . ARG A 1 78  ? -5.647  -0.601  -7.081  1.00 40.46  ? 360 ARG A CA  1 
ATOM   599 C C   . ARG A 1 78  ? -4.619  0.153   -7.912  1.00 40.56  ? 360 ARG A C   1 
ATOM   600 O O   . ARG A 1 78  ? -4.504  1.378   -7.804  1.00 40.85  ? 360 ARG A O   1 
ATOM   601 C CB  . ARG A 1 78  ? -7.056  -0.264  -7.566  1.00 41.80  ? 360 ARG A CB  1 
ATOM   602 C CG  . ARG A 1 78  ? -7.306  -0.631  -9.018  1.00 47.93  ? 360 ARG A CG  1 
ATOM   603 C CD  . ARG A 1 78  ? -8.738  -0.329  -9.429  1.00 45.66  ? 360 ARG A CD  1 
ATOM   604 N NE  . ARG A 1 78  ? -9.041  1.097   -9.404  1.00 45.01  ? 360 ARG A NE  1 
ATOM   605 C CZ  . ARG A 1 78  ? -10.259 1.597   -9.551  1.00 43.50  ? 360 ARG A CZ  1 
ATOM   606 N NH1 . ARG A 1 78  ? -11.308 0.813   -9.733  1.00 44.19  ? 360 ARG A NH1 1 
ATOM   607 N NH2 . ARG A 1 78  ? -10.429 2.915   -9.517  1.00 44.51  ? 360 ARG A NH2 1 
ATOM   608 N N   . THR A 1 79  ? -3.892  -0.572  -8.748  1.00 44.31  ? 361 THR A N   1 
ATOM   609 C CA  . THR A 1 79  ? -2.849  0.004   -9.576  1.00 50.09  ? 361 THR A CA  1 
ATOM   610 C C   . THR A 1 79  ? -3.395  0.293   -10.973 1.00 52.24  ? 361 THR A C   1 
ATOM   611 O O   . THR A 1 79  ? -4.591  0.136   -11.244 1.00 54.30  ? 361 THR A O   1 
ATOM   612 C CB  . THR A 1 79  ? -1.641  -0.933  -9.622  1.00 46.37  ? 361 THR A CB  1 
ATOM   613 O OG1 . THR A 1 79  ? -2.072  -2.240  -10.018 1.00 45.47  ? 361 THR A OG1 1 
ATOM   614 C CG2 . THR A 1 79  ? -0.989  -1.021  -8.258  1.00 44.17  ? 361 THR A CG2 1 
ATOM   615 N N   . GLU A 1 80  ? -2.514  0.728   -11.874 1.00 48.54  ? 362 GLU A N   1 
ATOM   616 C CA  . GLU A 1 80  ? -2.904  0.975   -13.256 1.00 42.36  ? 362 GLU A CA  1 
ATOM   617 C C   . GLU A 1 80  ? -2.679  -0.240  -14.143 1.00 50.97  ? 362 GLU A C   1 
ATOM   618 O O   . GLU A 1 80  ? -3.364  -0.394  -15.162 1.00 52.97  ? 362 GLU A O   1 
ATOM   619 C CB  . GLU A 1 80  ? -2.123  2.160   -13.822 1.00 43.76  ? 362 GLU A CB  1 
ATOM   620 C CG  . GLU A 1 80  ? -2.449  3.505   -13.192 1.00 46.64  ? 362 GLU A CG  1 
ATOM   621 C CD  . GLU A 1 80  ? -3.853  3.976   -13.496 1.00 55.43  ? 362 GLU A CD  1 
ATOM   622 O OE1 . GLU A 1 80  ? -4.802  3.492   -12.841 1.00 64.07  ? 362 GLU A OE1 1 
ATOM   623 O OE2 . GLU A 1 80  ? -4.014  4.819   -14.398 1.00 59.06  ? 362 GLU A OE2 1 
ATOM   624 N N   . SER A 1 81  ? -1.731  -1.099  -13.779 1.00 51.79  ? 363 SER A N   1 
ATOM   625 C CA  . SER A 1 81  ? -1.388  -2.270  -14.569 1.00 50.80  ? 363 SER A CA  1 
ATOM   626 C C   . SER A 1 81  ? -1.069  -3.427  -13.636 1.00 48.10  ? 363 SER A C   1 
ATOM   627 O O   . SER A 1 81  ? -0.796  -3.238  -12.450 1.00 53.26  ? 363 SER A O   1 
ATOM   628 C CB  . SER A 1 81  ? -0.196  -1.993  -15.493 1.00 53.40  ? 363 SER A CB  1 
ATOM   629 O OG  . SER A 1 81  ? 0.926   -1.553  -14.752 1.00 51.43  ? 363 SER A OG  1 
ATOM   630 N N   . GLU A 1 82  ? -1.114  -4.639  -14.188 1.00 58.45  ? 364 GLU A N   1 
ATOM   631 C CA  . GLU A 1 82  ? -0.725  -5.811  -13.411 1.00 61.93  ? 364 GLU A CA  1 
ATOM   632 C C   . GLU A 1 82  ? 0.753   -5.774  -13.049 1.00 59.81  ? 364 GLU A C   1 
ATOM   633 O O   . GLU A 1 82  ? 1.141   -6.268  -11.985 1.00 58.77  ? 364 GLU A O   1 
ATOM   634 C CB  . GLU A 1 82  ? -1.054  -7.091  -14.181 1.00 66.82  ? 364 GLU A CB  1 
ATOM   635 C CG  . GLU A 1 82  ? -0.635  -7.058  -15.640 1.00 75.61  ? 364 GLU A CG  1 
ATOM   636 C CD  . GLU A 1 82  ? -1.356  -8.096  -16.485 1.00 93.86  ? 364 GLU A CD  1 
ATOM   637 O OE1 . GLU A 1 82  ? -2.536  -7.865  -16.831 1.00 90.68  ? 364 GLU A OE1 1 
ATOM   638 O OE2 . GLU A 1 82  ? -0.739  -9.134  -16.820 1.00 97.60  ? 364 GLU A OE2 1 
ATOM   639 N N   . ALA A 1 83  ? 1.589   -5.194  -13.917 1.00 59.54  ? 365 ALA A N   1 
ATOM   640 C CA  . ALA A 1 83  ? 3.012   -5.077  -13.612 1.00 56.38  ? 365 ALA A CA  1 
ATOM   641 C C   . ALA A 1 83  ? 3.247   -4.205  -12.385 1.00 52.09  ? 365 ALA A C   1 
ATOM   642 O O   . ALA A 1 83  ? 4.048   -4.555  -11.509 1.00 48.59  ? 365 ALA A O   1 
ATOM   643 C CB  . ALA A 1 83  ? 3.762   -4.511  -14.816 1.00 53.34  ? 365 ALA A CB  1 
ATOM   644 N N   . GLN A 1 84  ? 2.559   -3.063  -12.308 1.00 53.69  ? 366 GLN A N   1 
ATOM   645 C CA  . GLN A 1 84  ? 2.689   -2.192  -11.146 1.00 46.87  ? 366 GLN A CA  1 
ATOM   646 C C   . GLN A 1 84  ? 2.203   -2.888  -9.879  1.00 46.40  ? 366 GLN A C   1 
ATOM   647 O O   . GLN A 1 84  ? 2.846   -2.801  -8.826  1.00 47.37  ? 366 GLN A O   1 
ATOM   648 C CB  . GLN A 1 84  ? 1.914   -0.893  -11.383 1.00 46.03  ? 366 GLN A CB  1 
ATOM   649 C CG  . GLN A 1 84  ? 2.049   0.131   -10.267 1.00 58.95  ? 366 GLN A CG  1 
ATOM   650 C CD  . GLN A 1 84  ? 1.166   1.350   -10.473 1.00 55.82  ? 366 GLN A CD  1 
ATOM   651 O OE1 . GLN A 1 84  ? 0.166   1.296   -11.191 1.00 45.28  ? 366 GLN A OE1 1 
ATOM   652 N NE2 . GLN A 1 84  ? 1.537   2.462   -9.845  1.00 59.80  ? 366 GLN A NE2 1 
ATOM   653 N N   . ARG A 1 85  ? 1.072   -3.590  -9.964  1.00 43.26  ? 367 ARG A N   1 
ATOM   654 C CA  . ARG A 1 85  ? 0.571   -4.327  -8.811  1.00 40.66  ? 367 ARG A CA  1 
ATOM   655 C C   . ARG A 1 85  ? 1.570   -5.387  -8.369  1.00 47.40  ? 367 ARG A C   1 
ATOM   656 O O   . ARG A 1 85  ? 1.815   -5.561  -7.169  1.00 47.71  ? 367 ARG A O   1 
ATOM   657 C CB  . ARG A 1 85  ? -0.777  -4.963  -9.152  1.00 50.52  ? 367 ARG A CB  1 
ATOM   658 C CG  . ARG A 1 85  ? -1.560  -5.531  -7.974  1.00 49.85  ? 367 ARG A CG  1 
ATOM   659 C CD  . ARG A 1 85  ? -1.199  -6.974  -7.689  1.00 50.43  ? 367 ARG A CD  1 
ATOM   660 N NE  . ARG A 1 85  ? -0.878  -7.691  -8.915  1.00 54.81  ? 367 ARG A NE  1 
ATOM   661 C CZ  . ARG A 1 85  ? -1.772  -8.261  -9.709  1.00 60.12  ? 367 ARG A CZ  1 
ATOM   662 N NH1 . ARG A 1 85  ? -3.065  -8.220  -9.436  1.00 65.50  ? 367 ARG A NH1 1 
ATOM   663 N NH2 . ARG A 1 85  ? -1.356  -8.885  -10.808 1.00 66.33  ? 367 ARG A NH2 1 
ATOM   664 N N   . ASP A 1 86  ? 2.154   -6.109  -9.326  1.00 52.29  ? 368 ASP A N   1 
ATOM   665 C CA  . ASP A 1 86  ? 3.104   -7.158  -8.978  1.00 51.12  ? 368 ASP A CA  1 
ATOM   666 C C   . ASP A 1 86  ? 4.357   -6.581  -8.329  1.00 53.24  ? 368 ASP A C   1 
ATOM   667 O O   . ASP A 1 86  ? 4.906   -7.179  -7.396  1.00 55.64  ? 368 ASP A O   1 
ATOM   668 C CB  . ASP A 1 86  ? 3.452   -7.979  -10.218 1.00 55.35  ? 368 ASP A CB  1 
ATOM   669 C CG  . ASP A 1 86  ? 2.289   -8.831  -10.691 1.00 61.94  ? 368 ASP A CG  1 
ATOM   670 O OD1 . ASP A 1 86  ? 1.411   -9.141  -9.856  1.00 55.26  ? 368 ASP A OD1 1 
ATOM   671 O OD2 . ASP A 1 86  ? 2.248   -9.188  -11.891 1.00 70.29  ? 368 ASP A OD2 1 
ATOM   672 N N   . MET A 1 87  ? 4.828   -5.425  -8.806  1.00 55.18  ? 369 MET A N   1 
ATOM   673 C CA  . MET A 1 87  ? 6.001   -4.795  -8.203  1.00 50.11  ? 369 MET A CA  1 
ATOM   674 C C   . MET A 1 87  ? 5.719   -4.350  -6.774  1.00 44.81  ? 369 MET A C   1 
ATOM   675 O O   . MET A 1 87  ? 6.538   -4.563  -5.871  1.00 44.37  ? 369 MET A O   1 
ATOM   676 C CB  . MET A 1 87  ? 6.467   -3.609  -9.048  1.00 42.52  ? 369 MET A CB  1 
ATOM   677 C CG  . MET A 1 87  ? 7.601   -2.839  -8.395  1.00 41.14  ? 369 MET A CG  1 
ATOM   678 S SD  . MET A 1 87  ? 8.359   -1.615  -9.471  1.00 72.17  ? 369 MET A SD  1 
ATOM   679 C CE  . MET A 1 87  ? 9.270   -2.666  -10.600 1.00 48.58  ? 369 MET A CE  1 
ATOM   680 N N   . TRP A 1 88  ? 4.566   -3.712  -6.550  1.00 43.32  ? 370 TRP A N   1 
ATOM   681 C CA  . TRP A 1 88  ? 4.192   -3.306  -5.199  1.00 43.65  ? 370 TRP A CA  1 
ATOM   682 C C   . TRP A 1 88  ? 4.034   -4.516  -4.293  1.00 49.97  ? 370 TRP A C   1 
ATOM   683 O O   . TRP A 1 88  ? 4.472   -4.509  -3.135  1.00 44.61  ? 370 TRP A O   1 
ATOM   684 C CB  . TRP A 1 88  ? 2.888   -2.512  -5.222  1.00 38.46  ? 370 TRP A CB  1 
ATOM   685 C CG  . TRP A 1 88  ? 3.050   -1.088  -5.559  1.00 36.71  ? 370 TRP A CG  1 
ATOM   686 C CD1 . TRP A 1 88  ? 2.871   -0.512  -6.777  1.00 44.14  ? 370 TRP A CD1 1 
ATOM   687 C CD2 . TRP A 1 88  ? 3.416   -0.035  -4.665  1.00 36.24  ? 370 TRP A CD2 1 
ATOM   688 N NE1 . TRP A 1 88  ? 3.104   0.838   -6.702  1.00 47.57  ? 370 TRP A NE1 1 
ATOM   689 C CE2 . TRP A 1 88  ? 3.442   1.156   -5.414  1.00 43.72  ? 370 TRP A CE2 1 
ATOM   690 C CE3 . TRP A 1 88  ? 3.725   0.017   -3.304  1.00 40.68  ? 370 TRP A CE3 1 
ATOM   691 C CZ2 . TRP A 1 88  ? 3.769   2.385   -4.849  1.00 44.44  ? 370 TRP A CZ2 1 
ATOM   692 C CZ3 . TRP A 1 88  ? 4.049   1.238   -2.744  1.00 43.46  ? 370 TRP A CZ3 1 
ATOM   693 C CH2 . TRP A 1 88  ? 4.072   2.404   -3.516  1.00 45.22  ? 370 TRP A CH2 1 
ATOM   694 N N   . CYS A 1 89  ? 3.382   -5.562  -4.799  1.00 51.41  ? 371 CYS A N   1 
ATOM   695 C CA  . CYS A 1 89  ? 3.097   -6.718  -3.964  1.00 49.26  ? 371 CYS A CA  1 
ATOM   696 C C   . CYS A 1 89  ? 4.373   -7.490  -3.644  1.00 54.17  ? 371 CYS A C   1 
ATOM   697 O O   . CYS A 1 89  ? 4.574   -7.916  -2.501  1.00 57.38  ? 371 CYS A O   1 
ATOM   698 C CB  . CYS A 1 89  ? 2.058   -7.604  -4.647  1.00 46.43  ? 371 CYS A CB  1 
ATOM   699 S SG  . CYS A 1 89  ? 1.159   -8.684  -3.513  1.00 66.96  ? 371 CYS A SG  1 
ATOM   700 N N   . SER A 1 90  ? 5.259   -7.660  -4.631  1.00 52.67  ? 372 SER A N   1 
ATOM   701 C CA  . SER A 1 90  ? 6.515   -8.363  -4.378  1.00 52.41  ? 372 SER A CA  1 
ATOM   702 C C   . SER A 1 90  ? 7.396   -7.594  -3.399  1.00 53.79  ? 372 SER A C   1 
ATOM   703 O O   . SER A 1 90  ? 8.015   -8.193  -2.512  1.00 57.62  ? 372 SER A O   1 
ATOM   704 C CB  . SER A 1 90  ? 7.263   -8.608  -5.691  1.00 53.20  ? 372 SER A CB  1 
ATOM   705 O OG  . SER A 1 90  ? 7.706   -7.394  -6.269  1.00 59.72  ? 372 SER A OG  1 
ATOM   706 N N   . THR A 1 91  ? 7.468   -6.267  -3.543  1.00 51.20  ? 373 THR A N   1 
ATOM   707 C CA  . THR A 1 91  ? 8.307   -5.469  -2.652  1.00 52.98  ? 373 THR A CA  1 
ATOM   708 C C   . THR A 1 91  ? 7.841   -5.574  -1.205  1.00 53.55  ? 373 THR A C   1 
ATOM   709 O O   . THR A 1 91  ? 8.658   -5.756  -0.293  1.00 55.07  ? 373 THR A O   1 
ATOM   710 C CB  . THR A 1 91  ? 8.322   -4.007  -3.107  1.00 47.21  ? 373 THR A CB  1 
ATOM   711 O OG1 . THR A 1 91  ? 9.114   -3.879  -4.295  1.00 49.28  ? 373 THR A OG1 1 
ATOM   712 C CG2 . THR A 1 91  ? 8.886   -3.100  -2.024  1.00 46.36  ? 373 THR A CG2 1 
ATOM   713 N N   . LEU A 1 92  ? 6.531   -5.469  -0.974  1.00 54.62  ? 374 LEU A N   1 
ATOM   714 C CA  . LEU A 1 92  ? 6.006   -5.607  0.381   1.00 52.16  ? 374 LEU A CA  1 
ATOM   715 C C   . LEU A 1 92  ? 6.237   -7.011  0.922   1.00 57.51  ? 374 LEU A C   1 
ATOM   716 O O   . LEU A 1 92  ? 6.560   -7.181  2.102   1.00 58.15  ? 374 LEU A O   1 
ATOM   717 C CB  . LEU A 1 92  ? 4.520   -5.261  0.406   1.00 50.76  ? 374 LEU A CB  1 
ATOM   718 C CG  . LEU A 1 92  ? 4.195   -3.803  0.098   1.00 44.53  ? 374 LEU A CG  1 
ATOM   719 C CD1 . LEU A 1 92  ? 2.700   -3.611  0.007   1.00 46.78  ? 374 LEU A CD1 1 
ATOM   720 C CD2 . LEU A 1 92  ? 4.789   -2.914  1.169   1.00 34.68  ? 374 LEU A CD2 1 
ATOM   721 N N   . GLN A 1 93  ? 6.057   -8.027  0.077   1.00 57.52  ? 375 GLN A N   1 
ATOM   722 C CA  . GLN A 1 93  ? 6.295   -9.399  0.511   1.00 59.03  ? 375 GLN A CA  1 
ATOM   723 C C   . GLN A 1 93  ? 7.765   -9.627  0.838   1.00 61.37  ? 375 GLN A C   1 
ATOM   724 O O   . GLN A 1 93  ? 8.088   -10.328 1.804   1.00 68.69  ? 375 GLN A O   1 
ATOM   725 C CB  . GLN A 1 93  ? 5.822   -10.375 -0.563  1.00 56.64  ? 375 GLN A CB  1 
ATOM   726 C CG  . GLN A 1 93  ? 4.312   -10.478 -0.683  1.00 51.12  ? 375 GLN A CG  1 
ATOM   727 C CD  . GLN A 1 93  ? 3.880   -11.104 -1.994  1.00 50.57  ? 375 GLN A CD  1 
ATOM   728 O OE1 . GLN A 1 93  ? 4.699   -11.325 -2.890  1.00 49.55  ? 375 GLN A OE1 1 
ATOM   729 N NE2 . GLN A 1 93  ? 2.589   -11.393 -2.119  1.00 53.45  ? 375 GLN A NE2 1 
ATOM   730 N N   . SER A 1 94  ? 8.668   -9.044  0.044   1.00 56.90  ? 376 SER A N   1 
ATOM   731 C CA  . SER A 1 94  ? 10.096  -9.190  0.309   1.00 60.79  ? 376 SER A CA  1 
ATOM   732 C C   . SER A 1 94  ? 10.469  -8.584  1.657   1.00 68.97  ? 376 SER A C   1 
ATOM   733 O O   . SER A 1 94  ? 11.162  -9.212  2.465   1.00 71.04  ? 376 SER A O   1 
ATOM   734 C CB  . SER A 1 94  ? 10.910  -8.539  -0.811  1.00 51.71  ? 376 SER A CB  1 
ATOM   735 O OG  . SER A 1 94  ? 10.477  -8.978  -2.085  1.00 56.76  ? 376 SER A OG  1 
ATOM   736 N N   . CYS A 1 95  ? 10.002  -7.361  1.919   1.00 68.43  ? 377 CYS A N   1 
ATOM   737 C CA  . CYS A 1 95  ? 10.309  -6.707  3.185   1.00 68.19  ? 377 CYS A CA  1 
ATOM   738 C C   . CYS A 1 95  ? 9.667   -7.441  4.353   1.00 72.29  ? 377 CYS A C   1 
ATOM   739 O O   . CYS A 1 95  ? 10.270  -7.560  5.426   1.00 82.10  ? 377 CYS A O   1 
ATOM   740 C CB  . CYS A 1 95  ? 9.847   -5.252  3.149   1.00 57.26  ? 377 CYS A CB  1 
ATOM   741 S SG  . CYS A 1 95  ? 10.563  -4.305  1.802   1.00 49.90  ? 377 CYS A SG  1 
ATOM   742 N N   . LEU A 1 96  ? 8.446   -7.939  4.162   1.00 66.43  ? 378 LEU A N   1 
ATOM   743 C CA  . LEU A 1 96  ? 7.800   -8.719  5.208   1.00 69.04  ? 378 LEU A CA  1 
ATOM   744 C C   . LEU A 1 96  ? 8.609   -9.966  5.534   1.00 78.66  ? 378 LEU A C   1 
ATOM   745 O O   . LEU A 1 96  ? 8.764   -10.326 6.707   1.00 86.00  ? 378 LEU A O   1 
ATOM   746 C CB  . LEU A 1 96  ? 6.386   -9.097  4.776   1.00 74.17  ? 378 LEU A CB  1 
ATOM   747 C CG  . LEU A 1 96  ? 5.258   -8.377  5.509   1.00 79.54  ? 378 LEU A CG  1 
ATOM   748 C CD1 . LEU A 1 96  ? 3.926   -8.691  4.850   1.00 73.70  ? 378 LEU A CD1 1 
ATOM   749 C CD2 . LEU A 1 96  ? 5.251   -8.784  6.973   1.00 75.79  ? 378 LEU A CD2 1 
ATOM   750 N N   . LYS A 1 97  ? 9.131   -10.638 4.507   1.00 77.94  ? 379 LYS A N   1 
ATOM   751 C CA  . LYS A 1 97  ? 9.889   -11.864 4.731   1.00 78.51  ? 379 LYS A CA  1 
ATOM   752 C C   . LYS A 1 97  ? 11.187  -11.584 5.481   1.00 82.14  ? 379 LYS A C   1 
ATOM   753 O O   . LYS A 1 97  ? 11.557  -12.337 6.389   1.00 84.29  ? 379 LYS A O   1 
ATOM   754 C CB  . LYS A 1 97  ? 10.159  -12.560 3.395   1.00 76.15  ? 379 LYS A CB  1 
ATOM   755 C CG  . LYS A 1 97  ? 10.924  -13.866 3.513   1.00 84.72  ? 379 LYS A CG  1 
ATOM   756 C CD  . LYS A 1 97  ? 11.079  -14.549 2.162   1.00 84.13  ? 379 LYS A CD  1 
ATOM   757 C CE  . LYS A 1 97  ? 11.857  -15.853 2.294   1.00 95.21  ? 379 LYS A CE  1 
ATOM   758 N NZ  . LYS A 1 97  ? 11.968  -16.588 0.999   1.00 89.47  ? 379 LYS A NZ  1 
ATOM   759 N N   . GLU A 1 98  ? 11.883  -10.499 5.128   1.00 84.48  ? 380 GLU A N   1 
ATOM   760 C CA  . GLU A 1 98  ? 13.132  -10.165 5.811   1.00 86.19  ? 380 GLU A CA  1 
ATOM   761 C C   . GLU A 1 98  ? 12.897  -9.616  7.215   1.00 81.70  ? 380 GLU A C   1 
ATOM   762 O O   . GLU A 1 98  ? 13.728  -9.834  8.103   1.00 81.52  ? 380 GLU A O   1 
ATOM   763 C CB  . GLU A 1 98  ? 13.941  -9.168  4.978   1.00 86.78  ? 380 GLU A CB  1 
ATOM   764 C CG  . GLU A 1 98  ? 14.996  -9.811  4.078   1.00 91.09  ? 380 GLU A CG  1 
ATOM   765 C CD  . GLU A 1 98  ? 14.421  -10.880 3.162   1.00 102.69 ? 380 GLU A CD  1 
ATOM   766 O OE1 . GLU A 1 98  ? 13.551  -10.559 2.324   1.00 102.01 ? 380 GLU A OE1 1 
ATOM   767 O OE2 . GLU A 1 98  ? 14.845  -12.050 3.287   1.00 99.64  ? 380 GLU A OE2 1 
ATOM   768 N N   . GLN A 1 99  ? 11.785  -8.911  7.444   1.00 85.07  ? 381 GLN A N   1 
ATOM   769 C CA  . GLN A 1 99  ? 11.527  -8.369  8.775   1.00 76.71  ? 381 GLN A CA  1 
ATOM   770 C C   . GLN A 1 99  ? 11.230  -9.455  9.799   1.00 79.73  ? 381 GLN A C   1 
ATOM   771 O O   . GLN A 1 99  ? 11.349  -9.203  11.002  1.00 79.68  ? 381 GLN A O   1 
ATOM   772 C CB  . GLN A 1 99  ? 10.368  -7.369  8.742   1.00 75.01  ? 381 GLN A CB  1 
ATOM   773 C CG  . GLN A 1 99  ? 8.996   -7.999  8.953   1.00 84.09  ? 381 GLN A CG  1 
ATOM   774 C CD  . GLN A 1 99  ? 8.014   -7.071  9.649   1.00 78.87  ? 381 GLN A CD  1 
ATOM   775 O OE1 . GLN A 1 99  ? 8.389   -6.014  10.162  1.00 67.18  ? 381 GLN A OE1 1 
ATOM   776 N NE2 . GLN A 1 99  ? 6.742   -7.463  9.664   1.00 75.24  ? 381 GLN A NE2 1 
ATOM   777 N N   . ARG A 1 100 ? 10.844  -10.649 9.359   1.00 82.39  ? 382 ARG A N   1 
ATOM   778 C CA  . ARG A 1 100 ? 10.615  -11.759 10.272  1.00 81.33  ? 382 ARG A CA  1 
ATOM   779 C C   . ARG A 1 100 ? 11.872  -12.583 10.518  1.00 82.95  ? 382 ARG A C   1 
ATOM   780 O O   . ARG A 1 100 ? 11.815  -13.558 11.274  1.00 87.48  ? 382 ARG A O   1 
ATOM   781 C CB  . ARG A 1 100 ? 9.497   -12.661 9.739   1.00 83.47  ? 382 ARG A CB  1 
ATOM   782 C CG  . ARG A 1 100 ? 8.126   -12.005 9.740   1.00 82.74  ? 382 ARG A CG  1 
ATOM   783 C CD  . ARG A 1 100 ? 7.270   -12.538 8.609   1.00 86.77  ? 382 ARG A CD  1 
ATOM   784 N NE  . ARG A 1 100 ? 5.871   -12.155 8.752   1.00 97.07  ? 382 ARG A NE  1 
ATOM   785 C CZ  . ARG A 1 100 ? 4.967   -12.250 7.787   1.00 98.07  ? 382 ARG A CZ  1 
ATOM   786 N NH1 . ARG A 1 100 ? 5.284   -12.709 6.586   1.00 94.25  ? 382 ARG A NH1 1 
ATOM   787 N NH2 . ARG A 1 100 ? 3.714   -11.876 8.031   1.00 91.30  ? 382 ARG A NH2 1 
ATOM   788 N N   . LEU A 1 101 ? 12.994  -12.215 9.907   1.00 81.91  ? 383 LEU A N   1 
ATOM   789 C CA  . LEU A 1 101 ? 14.243  -12.947 10.072  1.00 72.22  ? 383 LEU A CA  1 
ATOM   790 C C   . LEU A 1 101 ? 15.285  -12.101 10.805  1.00 69.88  ? 383 LEU A C   1 
ATOM   791 O O   . LEU A 1 101 ? 14.959  -11.078 11.410  1.00 67.04  ? 383 LEU A O   1 
ATOM   792 C CB  . LEU A 1 101 ? 14.782  -13.389 8.710   1.00 67.96  ? 383 LEU A CB  1 
ATOM   793 C CG  . LEU A 1 101 ? 13.804  -14.190 7.846   1.00 77.09  ? 383 LEU A CG  1 
ATOM   794 C CD1 . LEU A 1 101 ? 14.399  -14.505 6.479   1.00 71.08  ? 383 LEU A CD1 1 
ATOM   795 C CD2 . LEU A 1 101 ? 13.377  -15.465 8.557   1.00 77.73  ? 383 LEU A CD2 1 
HETATM 796 O O0F . 4PT B 2 .   ? -18.538 6.967   -0.631  1.00 71.78  ? 401 4PT A O0F 1 
HETATM 797 C C0E . 4PT B 2 .   ? -18.234 7.819   0.440   1.00 68.26  ? 401 4PT A C0E 1 
HETATM 798 C C0C . 4PT B 2 .   ? -16.892 8.481   0.157   1.00 73.94  ? 401 4PT A C0C 1 
HETATM 799 O O0D . 4PT B 2 .   ? -17.085 9.838   -0.149  1.00 77.51  ? 401 4PT A O0D 1 
HETATM 800 C C0B . 4PT B 2 .   ? -15.989 8.345   1.379   1.00 61.27  ? 401 4PT A C0B 1 
HETATM 801 O OP1 . 4PT B 2 .   ? -16.031 9.526   2.129   1.00 57.98  ? 401 4PT A OP1 1 
HETATM 802 P P1  . 4PT B 2 .   ? -14.801 9.752   3.147   1.00 55.06  ? 401 4PT A P1  1 
HETATM 803 O OP3 . 4PT B 2 .   ? -15.342 10.502  4.472   1.00 65.29  ? 401 4PT A OP3 1 
HETATM 804 O OP2 . 4PT B 2 .   ? -13.767 10.588  2.494   1.00 54.64  ? 401 4PT A OP2 1 
HETATM 805 O O1  . 4PT B 2 .   ? -14.188 8.314   3.555   1.00 59.31  ? 401 4PT A O1  1 
HETATM 806 C C1  . 4PT B 2 .   ? -13.130 8.297   4.476   1.00 53.35  ? 401 4PT A C1  1 
HETATM 807 C C2  . 4PT B 2 .   ? -11.822 8.266   3.686   1.00 53.04  ? 401 4PT A C2  1 
HETATM 808 O O2  . 4PT B 2 .   ? -11.890 7.225   2.747   1.00 53.19  ? 401 4PT A O2  1 
HETATM 809 C C3  . 4PT B 2 .   ? -10.595 8.078   4.577   1.00 49.42  ? 401 4PT A C3  1 
HETATM 810 O O3  . 4PT B 2 .   ? -9.500  7.708   3.787   1.00 49.67  ? 401 4PT A O3  1 
HETATM 811 P P3  . 4PT B 2 .   ? -8.338  8.796   3.530   1.00 45.45  ? 401 4PT A P3  1 
HETATM 812 O O11 . 4PT B 2 .   ? -7.723  9.330   4.923   1.00 47.79  ? 401 4PT A O11 1 
HETATM 813 O O10 . 4PT B 2 .   ? -7.155  8.105   2.677   1.00 54.73  ? 401 4PT A O10 1 
HETATM 814 O O12 . 4PT B 2 .   ? -8.921  9.917   2.757   1.00 49.56  ? 401 4PT A O12 1 
HETATM 815 C C4  . 4PT B 2 .   ? -10.761 6.936   5.565   1.00 49.12  ? 401 4PT A C4  1 
HETATM 816 O O4  . 4PT B 2 .   ? -9.727  7.018   6.497   1.00 50.68  ? 401 4PT A O4  1 
HETATM 817 P P4  . 4PT B 2 .   ? -8.610  5.876   6.335   1.00 51.04  ? 401 4PT A P4  1 
HETATM 818 O OP5 . 4PT B 2 .   ? -7.248  6.551   5.782   1.00 51.15  ? 401 4PT A OP5 1 
HETATM 819 O OP6 . 4PT B 2 .   ? -8.344  5.169   7.764   1.00 44.75  ? 401 4PT A OP6 1 
HETATM 820 O OP4 . 4PT B 2 .   ? -9.095  4.856   5.377   1.00 47.70  ? 401 4PT A OP4 1 
HETATM 821 C C5  . 4PT B 2 .   ? -12.082 6.938   6.317   1.00 53.04  ? 401 4PT A C5  1 
HETATM 822 O O5  . 4PT B 2 .   ? -12.127 5.703   6.975   1.00 58.34  ? 401 4PT A O5  1 
HETATM 823 P P5  . 4PT B 2 .   ? -12.334 5.742   8.574   1.00 58.27  ? 401 4PT A P5  1 
HETATM 824 O OP8 . 4PT B 2 .   ? -13.906 5.985   8.847   1.00 65.94  ? 401 4PT A OP8 1 
HETATM 825 O OP7 . 4PT B 2 .   ? -11.864 4.340   9.231   1.00 50.28  ? 401 4PT A OP7 1 
HETATM 826 O OP9 . 4PT B 2 .   ? -11.541 6.845   9.164   1.00 48.78  ? 401 4PT A OP9 1 
HETATM 827 C C6  . 4PT B 2 .   ? -13.267 7.065   5.369   1.00 51.46  ? 401 4PT A C6  1 
HETATM 828 O O6  . 4PT B 2 .   ? -14.451 7.152   6.116   1.00 52.81  ? 401 4PT A O6  1 
HETATM 829 C C0L . 4PT B 2 .   ? -19.835 6.630   -0.619  1.00 81.73  ? 401 4PT A C0L 1 
HETATM 830 O O0M . 4PT B 2 .   ? -20.445 6.606   0.426   1.00 83.69  ? 401 4PT A O0M 1 
HETATM 831 C C0N . 4PT B 2 .   ? -20.524 6.286   -1.920  1.00 82.77  ? 401 4PT A C0N 1 
HETATM 832 C C0P . 4PT B 2 .   ? -21.709 5.357   -1.666  1.00 84.92  ? 401 4PT A C0P 1 
HETATM 833 C C0Q . 4PT B 2 .   ? -21.669 4.192   -2.649  1.00 74.79  ? 401 4PT A C0Q 1 
HETATM 834 C C0G . 4PT B 2 .   ? -16.348 10.171  -1.218  1.00 76.30  ? 401 4PT A C0G 1 
HETATM 835 O O0H . 4PT B 2 .   ? -15.455 10.978  -1.102  1.00 74.33  ? 401 4PT A O0H 1 
HETATM 836 C C0I . 4PT B 2 .   ? -16.627 9.540   -2.564  1.00 83.93  ? 401 4PT A C0I 1 
HETATM 837 C C0J . 4PT B 2 .   ? -17.809 10.230  -3.242  1.00 93.36  ? 401 4PT A C0J 1 
HETATM 838 C C0K . 4PT B 2 .   ? -18.941 9.236   -3.474  1.00 75.58  ? 401 4PT A C0K 1 
# 
loop_
_atom_site_anisotrop.id 
_atom_site_anisotrop.type_symbol 
_atom_site_anisotrop.pdbx_label_atom_id 
_atom_site_anisotrop.pdbx_label_alt_id 
_atom_site_anisotrop.pdbx_label_comp_id 
_atom_site_anisotrop.pdbx_label_asym_id 
_atom_site_anisotrop.pdbx_label_seq_id 
_atom_site_anisotrop.pdbx_PDB_ins_code 
_atom_site_anisotrop.U[1][1] 
_atom_site_anisotrop.U[2][2] 
_atom_site_anisotrop.U[3][3] 
_atom_site_anisotrop.U[1][2] 
_atom_site_anisotrop.U[1][3] 
_atom_site_anisotrop.U[2][3] 
_atom_site_anisotrop.pdbx_auth_seq_id 
_atom_site_anisotrop.pdbx_auth_comp_id 
_atom_site_anisotrop.pdbx_auth_asym_id 
_atom_site_anisotrop.pdbx_auth_atom_id 
1   N N   . LEU A 4   ? 1.0666 1.1866 1.3975 -0.3031 -0.0083 -0.0640 286 LEU A N   
2   C CA  . LEU A 4   ? 1.0093 1.1876 1.4027 -0.3186 -0.0137 -0.0490 286 LEU A CA  
3   C C   . LEU A 4   ? 1.0407 1.2526 1.4611 -0.3032 0.0145  -0.0270 286 LEU A C   
4   O O   . LEU A 4   ? 1.0231 1.2669 1.4507 -0.2783 0.0162  -0.0239 286 LEU A O   
5   C CB  . LEU A 4   ? 0.9872 1.2237 1.4112 -0.3194 -0.0466 -0.0549 286 LEU A CB  
6   C CG  . LEU A 4   ? 0.9721 1.2429 1.3943 -0.2924 -0.0575 -0.0518 286 LEU A CG  
7   C CD1 . LEU A 4   ? 0.9144 1.2507 1.3974 -0.2758 -0.0525 -0.0310 286 LEU A CD1 
8   C CD2 . LEU A 4   ? 1.0275 1.3168 1.4339 -0.2975 -0.0903 -0.0688 286 LEU A CD2 
9   N N   . THR A 5   ? 0.9958 1.1992 1.4303 -0.3177 0.0377  -0.0134 287 THR A N   
10  C CA  . THR A 5   ? 0.9209 1.1583 1.3772 -0.3037 0.0705  0.0050  287 THR A CA  
11  C C   . THR A 5   ? 0.8200 1.0315 1.2425 -0.2685 0.0874  -0.0018 287 THR A C   
12  O O   . THR A 5   ? 0.7579 1.0145 1.2044 -0.2441 0.0867  -0.0036 287 THR A O   
13  C CB  . THR A 5   ? 0.9140 1.2463 1.4339 -0.3023 0.0660  0.0160  287 THR A CB  
14  O OG1 . THR A 5   ? 1.0311 1.3915 1.5551 -0.2775 0.0463  0.0054  287 THR A OG1 
15  C CG2 . THR A 5   ? 0.6323 0.9952 1.1953 -0.3383 0.0432  0.0235  287 THR A CG2 
16  N N   . PRO A 6   ? 0.9413 1.0809 1.3138 -0.2632 0.1016  -0.0051 288 PRO A N   
17  C CA  . PRO A 6   ? 0.7861 0.8987 1.1273 -0.2329 0.1099  -0.0135 288 PRO A CA  
18  C C   . PRO A 6   ? 0.6699 0.8145 1.0268 -0.2052 0.1364  -0.0033 288 PRO A C   
19  O O   . PRO A 6   ? 0.6595 0.7743 0.9857 -0.1938 0.1619  0.0084  288 PRO A O   
20  C CB  . PRO A 6   ? 0.7448 0.7770 1.0326 -0.2353 0.1186  -0.0160 288 PRO A CB  
21  C CG  . PRO A 6   ? 0.9067 0.9189 1.1988 -0.2665 0.1101  -0.0137 288 PRO A CG  
22  C CD  . PRO A 6   ? 0.9182 0.9986 1.2662 -0.2842 0.1095  0.0000  288 PRO A CD  
23  N N   . LEU A 7   ? 0.6597 0.8625 1.0523 -0.1860 0.1250  -0.0063 289 LEU A N   
24  C CA  . LEU A 7   ? 0.4696 0.7070 0.8707 -0.1501 0.1431  -0.0017 289 LEU A CA  
25  C C   . LEU A 7   ? 0.5337 0.7202 0.8730 -0.1207 0.1560  -0.0033 289 LEU A C   
26  O O   . LEU A 7   ? 0.6114 0.8023 0.9347 -0.1109 0.1855  0.0085  289 LEU A O   
27  C CB  . LEU A 7   ? 0.4547 0.7336 0.8890 -0.1258 0.1193  -0.0112 289 LEU A CB  
28  C CG  . LEU A 7   ? 0.6351 0.9779 1.1344 -0.1455 0.1013  -0.0081 289 LEU A CG  
29  C CD1 . LEU A 7   ? 0.5137 0.8887 1.0416 -0.1108 0.0804  -0.0131 289 LEU A CD1 
30  C CD2 . LEU A 7   ? 0.6197 1.0227 1.1703 -0.1663 0.1267  0.0052  289 LEU A CD2 
31  N N   . LEU A 8   ? 0.5445 0.6879 0.8491 -0.1075 0.1340  -0.0156 290 LEU A N   
32  C CA  . LEU A 8   ? 0.4684 0.5723 0.7215 -0.0787 0.1384  -0.0198 290 LEU A CA  
33  C C   . LEU A 8   ? 0.5066 0.5530 0.7177 -0.0926 0.1424  -0.0144 290 LEU A C   
34  O O   . LEU A 8   ? 0.5674 0.5921 0.7788 -0.1131 0.1272  -0.0193 290 LEU A O   
35  C CB  . LEU A 8   ? 0.4693 0.5672 0.7212 -0.0555 0.1109  -0.0353 290 LEU A CB  
36  C CG  . LEU A 8   ? 0.3804 0.4734 0.6082 -0.0180 0.1129  -0.0468 290 LEU A CG  
37  C CD1 . LEU A 8   ? 0.4760 0.6109 0.7131 -0.0024 0.1403  -0.0443 290 LEU A CD1 
38  C CD2 . LEU A 8   ? 0.3112 0.4026 0.5594 -0.0023 0.0836  -0.0610 290 LEU A CD2 
39  N N   . SER A 9   ? 0.5357 0.5592 0.7085 -0.0780 0.1631  -0.0041 291 SER A N   
40  C CA  . SER A 9   ? 0.5929 0.5596 0.7260 -0.0832 0.1685  0.0041  291 SER A CA  
41  C C   . SER A 9   ? 0.7417 0.6929 0.8275 -0.0482 0.1737  0.0073  291 SER A C   
42  O O   . SER A 9   ? 0.8309 0.8127 0.9083 -0.0275 0.1859  0.0097  291 SER A O   
43  C CB  . SER A 9   ? 0.5803 0.5296 0.7205 -0.1122 0.1924  0.0246  291 SER A CB  
44  O OG  . SER A 9   ? 0.6435 0.6300 0.8365 -0.1437 0.1911  0.0234  291 SER A OG  
45  N N   . GLY A 10  ? 0.7332 0.6420 0.7876 -0.0398 0.1640  0.0060  292 GLY A N   
46  C CA  . GLY A 10  ? 0.7082 0.6051 0.7182 -0.0078 0.1648  0.0104  292 GLY A CA  
47  C C   . GLY A 10  ? 0.6870 0.5457 0.6767 -0.0002 0.1513  0.0082  292 GLY A C   
48  O O   . GLY A 10  ? 0.6802 0.5278 0.6886 -0.0154 0.1391  -0.0021 292 GLY A O   
49  N N   . TRP A 11  ? 0.7288 0.5732 0.6783 0.0262  0.1539  0.0191  293 TRP A N   
50  C CA  . TRP A 11  ? 0.6932 0.5132 0.6264 0.0419  0.1401  0.0177  293 TRP A CA  
51  C C   . TRP A 11  ? 0.6673 0.5202 0.6062 0.0591  0.1128  -0.0026 293 TRP A C   
52  O O   . TRP A 11  ? 0.6729 0.5471 0.5913 0.0792  0.1074  -0.0066 293 TRP A O   
53  C CB  . TRP A 11  ? 0.8231 0.6124 0.7134 0.0630  0.1538  0.0436  293 TRP A CB  
54  C CG  . TRP A 11  ? 0.8541 0.5926 0.7429 0.0449  0.1764  0.0646  293 TRP A CG  
55  C CD1 . TRP A 11  ? 0.8264 0.5564 0.7175 0.0249  0.2012  0.0850  293 TRP A CD1 
56  C CD2 . TRP A 11  ? 0.9397 0.6272 0.8281 0.0442  0.1761  0.0658  293 TRP A CD2 
57  N NE1 . TRP A 11  ? 0.8436 0.5142 0.7377 0.0077  0.2136  0.0991  293 TRP A NE1 
58  C CE2 . TRP A 11  ? 0.9391 0.5791 0.8285 0.0217  0.1984  0.0851  293 TRP A CE2 
59  C CE3 . TRP A 11  ? 0.9375 0.6170 0.8274 0.0611  0.1603  0.0518  293 TRP A CE3 
60  C CZ2 . TRP A 11  ? 0.9495 0.5238 0.8373 0.0171  0.2027  0.0862  293 TRP A CZ2 
61  C CZ3 . TRP A 11  ? 0.9711 0.5941 0.8580 0.0608  0.1679  0.0535  293 TRP A CZ3 
62  C CH2 . TRP A 11  ? 0.9363 0.5022 0.8201 0.0397  0.1876  0.0683  293 TRP A CH2 
63  N N   . LEU A 12  ? 0.6490 0.5067 0.6152 0.0504  0.0957  -0.0154 294 LEU A N   
64  C CA  . LEU A 12  ? 0.5758 0.4621 0.5587 0.0591  0.0688  -0.0314 294 LEU A CA  
65  C C   . LEU A 12  ? 0.5543 0.4399 0.5409 0.0680  0.0584  -0.0291 294 LEU A C   
66  O O   . LEU A 12  ? 0.5819 0.4457 0.5664 0.0637  0.0709  -0.0217 294 LEU A O   
67  C CB  . LEU A 12  ? 0.5825 0.4875 0.6056 0.0379  0.0578  -0.0439 294 LEU A CB  
68  C CG  . LEU A 12  ? 0.5656 0.4817 0.5973 0.0322  0.0660  -0.0483 294 LEU A CG  
69  C CD1 . LEU A 12  ? 0.4675 0.4013 0.5408 0.0189  0.0484  -0.0589 294 LEU A CD1 
70  C CD2 . LEU A 12  ? 0.6504 0.5756 0.6533 0.0573  0.0670  -0.0545 294 LEU A CD2 
71  N N   . ASP A 13  ? 0.5655 0.4771 0.5602 0.0813  0.0346  -0.0376 295 ASP A N   
72  C CA  . ASP A 13  ? 0.5593 0.4871 0.5693 0.0901  0.0226  -0.0351 295 ASP A CA  
73  C C   . ASP A 13  ? 0.5270 0.4769 0.5822 0.0671  0.0126  -0.0410 295 ASP A C   
74  O O   . ASP A 13  ? 0.5055 0.4739 0.5867 0.0572  -0.0078 -0.0510 295 ASP A O   
75  C CB  . ASP A 13  ? 0.5811 0.5331 0.5826 0.1124  -0.0011 -0.0401 295 ASP A CB  
76  C CG  . ASP A 13  ? 0.7300 0.6652 0.6815 0.1404  0.0089  -0.0261 295 ASP A CG  
77  O OD1 . ASP A 13  ? 0.7408 0.6443 0.6753 0.1455  0.0321  -0.0083 295 ASP A OD1 
78  O OD2 . ASP A 13  ? 0.7413 0.6923 0.6681 0.1577  -0.0075 -0.0326 295 ASP A OD2 
79  N N   . LYS A 14  ? 0.5206 0.4664 0.5827 0.0595  0.0269  -0.0348 296 LYS A N   
80  C CA  . LYS A 14  ? 0.5103 0.4801 0.6067 0.0380  0.0221  -0.0350 296 LYS A CA  
81  C C   . LYS A 14  ? 0.4935 0.5026 0.6173 0.0456  0.0137  -0.0294 296 LYS A C   
82  O O   . LYS A 14  ? 0.5396 0.5497 0.6515 0.0668  0.0242  -0.0255 296 LYS A O   
83  C CB  . LYS A 14  ? 0.4895 0.4393 0.5729 0.0246  0.0421  -0.0346 296 LYS A CB  
84  C CG  . LYS A 14  ? 0.4529 0.4328 0.5610 0.0064  0.0393  -0.0314 296 LYS A CG  
85  C CD  . LYS A 14  ? 0.4541 0.4162 0.5406 -0.0049 0.0556  -0.0363 296 LYS A CD  
86  C CE  . LYS A 14  ? 0.4436 0.4314 0.5298 -0.0006 0.0649  -0.0352 296 LYS A CE  
87  N NZ  . LYS A 14  ? 0.4921 0.4801 0.5730 0.0284  0.0735  -0.0358 296 LYS A NZ  
88  N N   . LEU A 15  ? 0.4336 0.4757 0.5983 0.0283  -0.0045 -0.0270 297 LEU A N   
89  C CA  . LEU A 15  ? 0.4476 0.5385 0.6502 0.0295  -0.0121 -0.0180 297 LEU A CA  
90  C C   . LEU A 15  ? 0.4542 0.5624 0.6544 0.0310  0.0123  -0.0094 297 LEU A C   
91  O O   . LEU A 15  ? 0.5428 0.6374 0.7290 0.0162  0.0248  -0.0087 297 LEU A O   
92  C CB  . LEU A 15  ? 0.3730 0.4885 0.6245 0.0040  -0.0361 -0.0135 297 LEU A CB  
93  C CG  . LEU A 15  ? 0.2626 0.4363 0.5673 -0.0030 -0.0469 -0.0005 297 LEU A CG  
94  C CD1 . LEU A 15  ? 0.3051 0.4992 0.6134 0.0204  -0.0612 -0.0084 297 LEU A CD1 
95  C CD2 . LEU A 15  ? 0.2554 0.4383 0.6095 -0.0344 -0.0703 0.0066  297 LEU A CD2 
96  N N   . SER A 16  ? 0.4013 0.5443 0.6149 0.0514  0.0179  -0.0045 298 SER A N   
97  C CA  . SER A 16  ? 0.3829 0.5505 0.5950 0.0589  0.0425  0.0002  298 SER A CA  
98  C C   . SER A 16  ? 0.3421 0.5816 0.6087 0.0432  0.0386  0.0177  298 SER A C   
99  O O   . SER A 16  ? 0.3639 0.6412 0.6757 0.0398  0.0177  0.0249  298 SER A O   
100 C CB  . SER A 16  ? 0.4844 0.6455 0.6778 0.0978  0.0565  -0.0046 298 SER A CB  
101 O OG  . SER A 16  ? 0.4599 0.6567 0.6593 0.1103  0.0796  -0.0031 298 SER A OG  
102 N N   . PRO A 17  ? 0.3171 0.5793 0.5803 0.0321  0.0577  0.0258  299 PRO A N   
103 C CA  . PRO A 17  ? 0.2791 0.6166 0.5951 0.0161  0.0595  0.0497  299 PRO A CA  
104 C C   . PRO A 17  ? 0.4066 0.8072 0.7590 0.0408  0.0671  0.0553  299 PRO A C   
105 O O   . PRO A 17  ? 0.4594 0.9283 0.8736 0.0244  0.0603  0.0768  299 PRO A O   
106 C CB  . PRO A 17  ? 0.2935 0.6384 0.5778 0.0078  0.0836  0.0548  299 PRO A CB  
107 C CG  . PRO A 17  ? 0.3457 0.6312 0.5664 0.0309  0.0981  0.0269  299 PRO A CG  
108 C CD  . PRO A 17  ? 0.3787 0.6036 0.5891 0.0335  0.0785  0.0139  299 PRO A CD  
109 N N   . GLN A 18  ? 0.4619 0.8427 0.7831 0.0796  0.0807  0.0384  300 GLN A N   
110 C CA  . GLN A 18  ? 0.4834 0.9256 0.8412 0.1104  0.0870  0.0436  300 GLN A CA  
111 C C   . GLN A 18  ? 0.4678 0.9258 0.8661 0.1102  0.0529  0.0470  300 GLN A C   
112 O O   . GLN A 18  ? 0.4964 0.8949 0.8675 0.1053  0.0313  0.0357  300 GLN A O   
113 C CB  . GLN A 18  ? 0.5189 0.9231 0.8283 0.1558  0.1107  0.0246  300 GLN A CB  
114 C CG  . GLN A 18  ? 0.5301 1.0081 0.8731 0.1917  0.1309  0.0299  300 GLN A CG  
115 C CD  . GLN A 18  ? 0.5068 1.0031 0.8233 0.2000  0.1671  0.0230  300 GLN A CD  
116 O OE1 . GLN A 18  ? 0.5266 0.9506 0.7787 0.2042  0.1798  0.0012  300 GLN A OE1 
117 N NE2 . GLN A 18  ? 0.5153 1.1123 0.8810 0.2013  0.1841  0.0411  300 GLN A NE2 
118 N N   . GLY A 19  ? 0.4206 0.9656 0.8847 0.1156  0.0477  0.0617  301 GLY A N   
119 C CA  . GLY A 19  ? 0.4900 1.0605 0.9944 0.1176  0.0118  0.0621  301 GLY A CA  
120 C C   . GLY A 19  ? 0.5150 1.0708 1.0447 0.0716  -0.0224 0.0630  301 GLY A C   
121 O O   . GLY A 19  ? 0.5158 1.0545 1.0471 0.0370  -0.0177 0.0708  301 GLY A O   
122 N N   . ASN A 20  ? 0.4758 1.0360 1.0228 0.0746  -0.0592 0.0536  302 ASN A N   
123 C CA  . ASN A 20  ? 0.5412 1.0824 1.1112 0.0370  -0.0967 0.0462  302 ASN A CA  
124 C C   . ASN A 20  ? 0.6026 1.0716 1.1079 0.0547  -0.1159 0.0212  302 ASN A C   
125 O O   . ASN A 20  ? 0.6398 1.1213 1.1305 0.0866  -0.1296 0.0141  302 ASN A O   
126 C CB  . ASN A 20  ? 0.5510 1.1760 1.2094 0.0175  -0.1285 0.0547  302 ASN A CB  
127 C CG  . ASN A 20  ? 0.5450 1.1298 1.2093 -0.0217 -0.1655 0.0385  302 ASN A CG  
128 O OD1 . ASN A 20  ? 0.6139 1.1840 1.2645 -0.0139 -0.2002 0.0164  302 ASN A OD1 
129 N ND2 . ASN A 20  ? 0.4708 1.0319 1.1451 -0.0604 -0.1562 0.0495  302 ASN A ND2 
130 N N   . TYR A 21  ? 0.5553 0.9544 1.0222 0.0362  -0.1158 0.0105  303 TYR A N   
131 C CA  . TYR A 21  ? 0.5349 0.8699 0.9423 0.0490  -0.1304 -0.0122 303 TYR A CA  
132 C C   . TYR A 21  ? 0.5357 0.8456 0.8815 0.0919  -0.1105 -0.0129 303 TYR A C   
133 O O   . TYR A 21  ? 0.5915 0.8999 0.9117 0.1165  -0.1291 -0.0211 303 TYR A O   
134 C CB  . TYR A 21  ? 0.5441 0.8955 0.9779 0.0394  -0.1769 -0.0302 303 TYR A CB  
135 C CG  . TYR A 21  ? 0.6589 0.9884 1.1279 -0.0014 -0.1976 -0.0382 303 TYR A CG  
136 C CD1 . TYR A 21  ? 0.7498 1.0101 1.1763 -0.0072 -0.1907 -0.0504 303 TYR A CD1 
137 C CD2 . TYR A 21  ? 0.6316 1.0094 1.1815 -0.0342 -0.2240 -0.0316 303 TYR A CD2 
138 C CE1 . TYR A 21  ? 0.8777 1.1117 1.3375 -0.0393 -0.2100 -0.0569 303 TYR A CE1 
139 C CE2 . TYR A 21  ? 0.6911 1.0255 1.2500 -0.0691 -0.2334 -0.0351 303 TYR A CE2 
140 C CZ  . TYR A 21  ? 0.8815 1.1465 1.4045 -0.0698 -0.2309 -0.0485 303 TYR A CZ  
141 O OH  . TYR A 21  ? 0.9695 1.1861 1.4988 -0.0957 -0.2381 -0.0502 303 TYR A OH  
142 N N   . VAL A 22  ? 0.5054 0.7922 0.8255 0.1004  -0.0734 -0.0036 304 VAL A N   
143 C CA  . VAL A 22  ? 0.4511 0.6980 0.7151 0.1363  -0.0510 -0.0026 304 VAL A CA  
144 C C   . VAL A 22  ? 0.4583 0.6341 0.6725 0.1241  -0.0308 -0.0090 304 VAL A C   
145 O O   . VAL A 22  ? 0.4649 0.6354 0.6866 0.1030  -0.0139 -0.0071 304 VAL A O   
146 C CB  . VAL A 22  ? 0.4323 0.7126 0.7127 0.1606  -0.0262 0.0089  304 VAL A CB  
147 C CG1 . VAL A 22  ? 0.5060 0.7264 0.7282 0.1956  -0.0033 0.0089  304 VAL A CG1 
148 C CG2 . VAL A 22  ? 0.4930 0.8562 0.8318 0.1744  -0.0465 0.0173  304 VAL A CG2 
149 N N   . PHE A 23  ? 0.4351 0.5633 0.5998 0.1373  -0.0326 -0.0145 305 PHE A N   
150 C CA  . PHE A 23  ? 0.4625 0.5318 0.5872 0.1247  -0.0147 -0.0191 305 PHE A CA  
151 C C   . PHE A 23  ? 0.5032 0.5265 0.5857 0.1471  0.0125  -0.0115 305 PHE A C   
152 O O   . PHE A 23  ? 0.6106 0.6385 0.6857 0.1785  0.0143  -0.0026 305 PHE A O   
153 C CB  . PHE A 23  ? 0.5296 0.5803 0.6313 0.1206  -0.0319 -0.0296 305 PHE A CB  
154 C CG  . PHE A 23  ? 0.4706 0.5469 0.6118 0.0960  -0.0588 -0.0423 305 PHE A CG  
155 C CD1 . PHE A 23  ? 0.4531 0.5737 0.6288 0.0978  -0.0896 -0.0474 305 PHE A CD1 
156 C CD2 . PHE A 23  ? 0.4709 0.5255 0.6188 0.0711  -0.0554 -0.0487 305 PHE A CD2 
157 C CE1 . PHE A 23  ? 0.4737 0.6070 0.6893 0.0722  -0.1161 -0.0599 305 PHE A CE1 
158 C CE2 . PHE A 23  ? 0.4194 0.4863 0.6053 0.0505  -0.0808 -0.0587 305 PHE A CE2 
159 C CZ  . PHE A 23  ? 0.4355 0.5375 0.6553 0.0496  -0.1111 -0.0650 305 PHE A CZ  
160 N N   . GLN A 24  ? 0.4846 0.4622 0.5437 0.1303  0.0318  -0.0148 306 GLN A N   
161 C CA  . GLN A 24  ? 0.5369 0.4590 0.5592 0.1432  0.0562  -0.0096 306 GLN A CA  
162 C C   . GLN A 24  ? 0.6299 0.5095 0.6249 0.1245  0.0650  -0.0100 306 GLN A C   
163 O O   . GLN A 24  ? 0.6327 0.5218 0.6421 0.0970  0.0616  -0.0188 306 GLN A O   
164 C CB  . GLN A 24  ? 0.5505 0.4661 0.5805 0.1397  0.0743  -0.0163 306 GLN A CB  
165 C CG  . GLN A 24  ? 0.6169 0.5720 0.6695 0.1676  0.0749  -0.0134 306 GLN A CG  
166 C CD  . GLN A 24  ? 0.6303 0.6072 0.6976 0.1588  0.0894  -0.0231 306 GLN A CD  
167 O OE1 . GLN A 24  ? 0.6261 0.6056 0.6950 0.1275  0.0906  -0.0298 306 GLN A OE1 
168 N NE2 . GLN A 24  ? 0.6616 0.6581 0.7377 0.1898  0.1009  -0.0237 306 GLN A NE2 
169 N N   . ARG A 25  ? 0.7024 0.5384 0.6619 0.1401  0.0772  0.0028  307 ARG A N   
170 C CA  . ARG A 25  ? 0.7172 0.5222 0.6549 0.1233  0.0889  0.0077  307 ARG A CA  
171 C C   . ARG A 25  ? 0.7048 0.4758 0.6482 0.0961  0.1059  0.0003  307 ARG A C   
172 O O   . ARG A 25  ? 0.7424 0.4706 0.6752 0.1023  0.1193  0.0018  307 ARG A O   
173 C CB  . ARG A 25  ? 0.7876 0.5591 0.6858 0.1469  0.0986  0.0308  307 ARG A CB  
174 C CG  . ARG A 25  ? 0.9303 0.7311 0.8185 0.1829  0.0802  0.0395  307 ARG A CG  
175 C CD  . ARG A 25  ? 1.1024 0.8785 0.9437 0.2063  0.0872  0.0666  307 ARG A CD  
176 N NE  . ARG A 25  ? 1.2086 1.0178 1.0293 0.2051  0.0773  0.0631  307 ARG A NE  
177 C CZ  . ARG A 25  ? 0.9557 0.8009 0.7545 0.2316  0.0551  0.0647  307 ARG A CZ  
178 N NH1 . ARG A 25  ? 0.8732 0.7323 0.6733 0.2611  0.0392  0.0738  307 ARG A NH1 
179 N NH2 . ARG A 25  ? 0.8938 0.7653 0.6692 0.2307  0.0474  0.0545  307 ARG A NH2 
180 N N   . ARG A 26  ? 0.6927 0.4822 0.6536 0.0674  0.1028  -0.0099 308 ARG A N   
181 C CA  . ARG A 26  ? 0.7102 0.4779 0.6783 0.0388  0.1133  -0.0183 308 ARG A CA  
182 C C   . ARG A 26  ? 0.7301 0.4979 0.7013 0.0184  0.1198  -0.0132 308 ARG A C   
183 O O   . ARG A 26  ? 0.7217 0.5232 0.6998 0.0219  0.1114  -0.0127 308 ARG A O   
184 C CB  . ARG A 26  ? 0.6677 0.4707 0.6608 0.0235  0.1017  -0.0338 308 ARG A CB  
185 C CG  . ARG A 26  ? 0.6593 0.4762 0.6550 0.0421  0.0996  -0.0381 308 ARG A CG  
186 C CD  . ARG A 26  ? 0.6535 0.4215 0.6266 0.0523  0.1162  -0.0440 308 ARG A CD  
187 N NE  . ARG A 26  ? 0.5752 0.3649 0.5527 0.0770  0.1172  -0.0485 308 ARG A NE  
188 C CZ  . ARG A 26  ? 0.7016 0.4792 0.6720 0.1113  0.1213  -0.0403 308 ARG A CZ  
189 N NH1 . ARG A 26  ? 0.8110 0.5516 0.7638 0.1250  0.1234  -0.0247 308 ARG A NH1 
190 N NH2 . ARG A 26  ? 0.7149 0.5240 0.6970 0.1342  0.1239  -0.0451 308 ARG A NH2 
191 N N   . PHE A 27  ? 0.7820 0.5133 0.7507 -0.0025 0.1347  -0.0109 309 PHE A N   
192 C CA  . PHE A 27  ? 0.7788 0.5200 0.7615 -0.0264 0.1432  -0.0049 309 PHE A CA  
193 C C   . PHE A 27  ? 0.7291 0.5049 0.7429 -0.0512 0.1302  -0.0224 309 PHE A C   
194 O O   . PHE A 27  ? 0.7241 0.4836 0.7415 -0.0690 0.1276  -0.0350 309 PHE A O   
195 C CB  . PHE A 27  ? 0.7758 0.4640 0.7499 -0.0424 0.1633  0.0086  309 PHE A CB  
196 C CG  . PHE A 27  ? 0.7161 0.4229 0.7140 -0.0712 0.1743  0.0174  309 PHE A CG  
197 C CD1 . PHE A 27  ? 0.7605 0.4893 0.7517 -0.0617 0.1888  0.0390  309 PHE A CD1 
198 C CD2 . PHE A 27  ? 0.6899 0.3996 0.7173 -0.1067 0.1701  0.0037  309 PHE A CD2 
199 C CE1 . PHE A 27  ? 0.7451 0.5019 0.7641 -0.0866 0.2026  0.0489  309 PHE A CE1 
200 C CE2 . PHE A 27  ? 0.6505 0.3882 0.7095 -0.1337 0.1795  0.0132  309 PHE A CE2 
201 C CZ  . PHE A 27  ? 0.7238 0.4869 0.7815 -0.1235 0.1977  0.0368  309 PHE A CZ  
202 N N   . VAL A 28  ? 0.6617 0.4837 0.6954 -0.0498 0.1206  -0.0239 310 VAL A N   
203 C CA  . VAL A 28  ? 0.6015 0.4586 0.6656 -0.0674 0.1052  -0.0351 310 VAL A CA  
204 C C   . VAL A 28  ? 0.5924 0.4726 0.6834 -0.0868 0.1118  -0.0313 310 VAL A C   
205 O O   . VAL A 28  ? 0.5673 0.4537 0.6569 -0.0797 0.1269  -0.0205 310 VAL A O   
206 C CB  . VAL A 28  ? 0.5195 0.4085 0.5954 -0.0513 0.0860  -0.0394 310 VAL A CB  
207 C CG1 . VAL A 28  ? 0.5586 0.4365 0.6168 -0.0334 0.0807  -0.0402 310 VAL A CG1 
208 C CG2 . VAL A 28  ? 0.5928 0.4996 0.6726 -0.0356 0.0867  -0.0375 310 VAL A CG2 
209 N N   . GLN A 29  ? 0.5944 0.4941 0.7101 -0.1105 0.1008  -0.0392 311 GLN A N   
210 C CA  . GLN A 29  ? 0.5781 0.5136 0.7309 -0.1297 0.1023  -0.0362 311 GLN A CA  
211 C C   . GLN A 29  ? 0.5552 0.5334 0.7363 -0.1323 0.0789  -0.0420 311 GLN A C   
212 O O   . GLN A 29  ? 0.5313 0.5057 0.7008 -0.1323 0.0632  -0.0477 311 GLN A O   
213 C CB  . GLN A 29  ? 0.6128 0.5297 0.7736 -0.1631 0.1100  -0.0374 311 GLN A CB  
214 C CG  . GLN A 29  ? 0.6947 0.5669 0.8372 -0.1656 0.1350  -0.0241 311 GLN A CG  
215 C CD  . GLN A 29  ? 0.6795 0.5266 0.8379 -0.2042 0.1394  -0.0263 311 GLN A CD  
216 O OE1 . GLN A 29  ? 0.6355 0.4712 0.7855 -0.2151 0.1187  -0.0446 311 GLN A OE1 
217 N NE2 . GLN A 29  ? 0.6265 0.4748 0.7996 -0.2151 0.1579  -0.0053 311 GLN A NE2 
218 N N   . PHE A 30  ? 0.5594 0.5808 0.7782 -0.1320 0.0781  -0.0376 312 PHE A N   
219 C CA  . PHE A 30  ? 0.5239 0.5858 0.7754 -0.1320 0.0553  -0.0385 312 PHE A CA  
220 C C   . PHE A 30  ? 0.5238 0.6330 0.8212 -0.1495 0.0567  -0.0349 312 PHE A C   
221 O O   . PHE A 30  ? 0.5417 0.6751 0.8612 -0.1399 0.0739  -0.0297 312 PHE A O   
222 C CB  . PHE A 30  ? 0.4715 0.5404 0.7298 -0.1013 0.0472  -0.0381 312 PHE A CB  
223 C CG  . PHE A 30  ? 0.4596 0.5611 0.7535 -0.0984 0.0235  -0.0342 312 PHE A CG  
224 C CD1 . PHE A 30  ? 0.4872 0.5870 0.7741 -0.1090 0.0033  -0.0292 312 PHE A CD1 
225 C CD2 . PHE A 30  ? 0.3907 0.5267 0.7242 -0.0819 0.0225  -0.0336 312 PHE A CD2 
226 C CE1 . PHE A 30  ? 0.4948 0.6229 0.8124 -0.1053 -0.0192 -0.0191 312 PHE A CE1 
227 C CE2 . PHE A 30  ? 0.3936 0.5550 0.7620 -0.0753 -0.0008 -0.0269 312 PHE A CE2 
228 C CZ  . PHE A 30  ? 0.5145 0.6702 0.8745 -0.0880 -0.0227 -0.0173 312 PHE A CZ  
229 N N   . ASN A 31  ? 0.5298 0.6590 0.8418 -0.1743 0.0382  -0.0379 313 ASN A N   
230 C CA  . ASN A 31  ? 0.5290 0.7102 0.8905 -0.1963 0.0343  -0.0353 313 ASN A CA  
231 C C   . ASN A 31  ? 0.4694 0.7069 0.8717 -0.1850 0.0099  -0.0294 313 ASN A C   
232 O O   . ASN A 31  ? 0.4513 0.7411 0.8949 -0.1999 0.0007  -0.0254 313 ASN A O   
233 C CB  . ASN A 31  ? 0.6588 0.8206 0.9984 -0.2278 0.0233  -0.0418 313 ASN A CB  
234 C CG  . ASN A 31  ? 0.6192 0.7600 0.9210 -0.2296 0.0022  -0.0529 313 ASN A CG  
235 O OD1 . ASN A 31  ? 0.5992 0.7780 0.9149 -0.2260 -0.0204 -0.0500 313 ASN A OD1 
236 N ND2 . ASN A 31  ? 0.7103 0.7943 0.9656 -0.2342 0.0107  -0.0648 313 ASN A ND2 
237 N N   . GLY A 32  ? 0.4893 0.7153 0.8793 -0.1580 -0.0028 -0.0253 314 GLY A N   
238 C CA  . GLY A 32  ? 0.4368 0.7039 0.8622 -0.1450 -0.0281 -0.0152 314 GLY A CA  
239 C C   . GLY A 32  ? 0.4295 0.6986 0.8337 -0.1578 -0.0557 -0.0097 314 GLY A C   
240 O O   . GLY A 32  ? 0.4554 0.7480 0.8803 -0.1432 -0.0779 0.0053  314 GLY A O   
241 N N   . ARG A 33  ? 0.4388 0.6829 0.8002 -0.1821 -0.0543 -0.0205 315 ARG A N   
242 C CA  . ARG A 33  ? 0.4361 0.6859 0.7661 -0.1924 -0.0769 -0.0180 315 ARG A CA  
243 C C   . ARG A 33  ? 0.5098 0.7101 0.7835 -0.1880 -0.0669 -0.0221 315 ARG A C   
244 O O   . ARG A 33  ? 0.5111 0.7187 0.7622 -0.1842 -0.0809 -0.0102 315 ARG A O   
245 C CB  . ARG A 33  ? 0.4518 0.7272 0.7798 -0.2240 -0.0896 -0.0331 315 ARG A CB  
246 N N   . SER A 34  ? 0.5493 0.7047 0.8014 -0.1871 -0.0422 -0.0352 316 SER A N   
247 C CA  . SER A 34  ? 0.5683 0.6844 0.7746 -0.1789 -0.0319 -0.0388 316 SER A CA  
248 C C   . SER A 34  ? 0.6045 0.6805 0.8059 -0.1648 -0.0081 -0.0431 316 SER A C   
249 O O   . SER A 34  ? 0.6282 0.6975 0.8448 -0.1697 0.0054  -0.0481 316 SER A O   
250 C CB  . SER A 34  ? 0.6394 0.7421 0.8021 -0.1971 -0.0323 -0.0579 316 SER A CB  
251 O OG  . SER A 34  ? 0.7517 0.8284 0.9152 -0.2143 -0.0206 -0.0767 316 SER A OG  
252 N N   . LEU A 35  ? 0.5824 0.6374 0.7637 -0.1480 -0.0033 -0.0385 317 LEU A N   
253 C CA  . LEU A 35  ? 0.5245 0.5457 0.6953 -0.1317 0.0145  -0.0417 317 LEU A CA  
254 C C   . LEU A 35  ? 0.5183 0.5060 0.6488 -0.1337 0.0280  -0.0534 317 LEU A C   
255 O O   . LEU A 35  ? 0.5658 0.5557 0.6764 -0.1288 0.0257  -0.0527 317 LEU A O   
256 C CB  . LEU A 35  ? 0.4416 0.4652 0.6240 -0.1122 0.0066  -0.0311 317 LEU A CB  
257 C CG  . LEU A 35  ? 0.4244 0.4236 0.5999 -0.0925 0.0174  -0.0352 317 LEU A CG  
258 C CD1 . LEU A 35  ? 0.4920 0.4967 0.6864 -0.0842 0.0226  -0.0385 317 LEU A CD1 
259 C CD2 . LEU A 35  ? 0.3253 0.3258 0.5097 -0.0811 0.0047  -0.0282 317 LEU A CD2 
260 N N   . MET A 36  ? 0.5039 0.4613 0.6247 -0.1400 0.0435  -0.0622 318 MET A N   
261 C CA  . MET A 36  ? 0.5045 0.4191 0.5898 -0.1396 0.0562  -0.0747 318 MET A CA  
262 C C   . MET A 36  ? 0.5602 0.4425 0.6332 -0.1170 0.0724  -0.0682 318 MET A C   
263 O O   . MET A 36  ? 0.6870 0.5710 0.7736 -0.1113 0.0788  -0.0582 318 MET A O   
264 C CB  . MET A 36  ? 0.5745 0.4674 0.6588 -0.1661 0.0593  -0.0881 318 MET A CB  
265 C CG  . MET A 36  ? 0.6826 0.6103 0.7756 -0.1899 0.0392  -0.0982 318 MET A CG  
266 S SD  . MET A 36  ? 0.6633 0.5646 0.7650 -0.2264 0.0394  -0.1163 318 MET A SD  
267 C CE  . MET A 36  ? 0.6238 0.5421 0.7705 -0.2252 0.0525  -0.0900 318 MET A CE  
268 N N   . TYR A 37  ? 0.5103 0.3680 0.5561 -0.1011 0.0791  -0.0736 319 TYR A N   
269 C CA  . TYR A 37  ? 0.5349 0.3626 0.5666 -0.0772 0.0919  -0.0664 319 TYR A CA  
270 C C   . TYR A 37  ? 0.6473 0.4226 0.6505 -0.0723 0.1051  -0.0773 319 TYR A C   
271 O O   . TYR A 37  ? 0.6576 0.4302 0.6456 -0.0728 0.1036  -0.0935 319 TYR A O   
272 C CB  . TYR A 37  ? 0.5528 0.4095 0.5901 -0.0544 0.0842  -0.0587 319 TYR A CB  
273 C CG  . TYR A 37  ? 0.5377 0.4206 0.5735 -0.0528 0.0784  -0.0631 319 TYR A CG  
274 C CD1 . TYR A 37  ? 0.4699 0.3936 0.5249 -0.0671 0.0642  -0.0581 319 TYR A CD1 
275 C CD2 . TYR A 37  ? 0.6174 0.4882 0.6340 -0.0337 0.0888  -0.0689 319 TYR A CD2 
276 C CE1 . TYR A 37  ? 0.4824 0.4359 0.5339 -0.0663 0.0621  -0.0559 319 TYR A CE1 
277 C CE2 . TYR A 37  ? 0.5757 0.4808 0.5912 -0.0304 0.0881  -0.0709 319 TYR A CE2 
278 C CZ  . TYR A 37  ? 0.5399 0.4876 0.5714 -0.0483 0.0756  -0.0628 319 TYR A CZ  
279 O OH  . TYR A 37  ? 0.6052 0.5923 0.6334 -0.0459 0.0780  -0.0589 319 TYR A OH  
280 N N   . PHE A 38  ? 0.7590 0.4908 0.7529 -0.0662 0.1187  -0.0678 320 PHE A N   
281 C CA  . PHE A 38  ? 0.7949 0.4618 0.7653 -0.0608 0.1313  -0.0747 320 PHE A CA  
282 C C   . PHE A 38  ? 0.7922 0.4395 0.7463 -0.0232 0.1394  -0.0600 320 PHE A C   
283 O O   . PHE A 38  ? 0.7582 0.4357 0.7175 -0.0082 0.1364  -0.0427 320 PHE A O   
284 C CB  . PHE A 38  ? 0.8398 0.4649 0.8170 -0.0885 0.1405  -0.0690 320 PHE A CB  
285 C CG  . PHE A 38  ? 0.8241 0.4744 0.8243 -0.1272 0.1298  -0.0826 320 PHE A CG  
286 C CD1 . PHE A 38  ? 0.7349 0.4507 0.7628 -0.1370 0.1197  -0.0755 320 PHE A CD1 
287 C CD2 . PHE A 38  ? 0.9453 0.5575 0.9413 -0.1508 0.1259  -0.1025 320 PHE A CD2 
288 C CE1 . PHE A 38  ? 0.7906 0.5359 0.8433 -0.1693 0.1077  -0.0856 320 PHE A CE1 
289 C CE2 . PHE A 38  ? 0.9231 0.5729 0.9414 -0.1824 0.1089  -0.1129 320 PHE A CE2 
290 C CZ  . PHE A 38  ? 0.9064 0.6223 0.9541 -0.1925 0.1012  -0.1036 320 PHE A CZ  
291 N N   . GLY A 39  ? 0.8004 0.3974 0.7339 -0.0055 0.1477  -0.0694 321 GLY A N   
292 C CA  . GLY A 39  ? 0.8264 0.3983 0.7460 0.0320  0.1552  -0.0520 321 GLY A CA  
293 C C   . GLY A 39  ? 0.8451 0.3798 0.7579 0.0291  0.1649  -0.0240 321 GLY A C   
294 O O   . GLY A 39  ? 0.7619 0.3078 0.6656 0.0558  0.1652  -0.0012 321 GLY A O   
295 N N   . SER A 40  ? 0.8840 0.3793 0.8017 -0.0046 0.1725  -0.0239 322 SER A N   
296 C CA  . SER A 40  ? 0.8860 0.3542 0.8019 -0.0150 0.1859  0.0072  322 SER A CA  
297 C C   . SER A 40  ? 0.9297 0.4126 0.8726 -0.0621 0.1871  0.0025  322 SER A C   
298 O O   . SER A 40  ? 0.9602 0.4527 0.9169 -0.0855 0.1750  -0.0256 322 SER A O   
299 C CB  . SER A 40  ? 1.0007 0.3958 0.8999 -0.0018 0.1942  0.0221  322 SER A CB  
300 O OG  . SER A 40  ? 1.1128 0.4907 1.0139 -0.0186 0.2067  0.0554  322 SER A OG  
301 N N   . ASP A 41  ? 0.9567 0.4568 0.9072 -0.0727 0.1993  0.0313  323 ASP A N   
302 C CA  . ASP A 41  ? 0.9354 0.4621 0.9203 -0.1152 0.2013  0.0311  323 ASP A CA  
303 C C   . ASP A 41  ? 1.0080 0.4949 1.0048 -0.1409 0.1944  0.0261  323 ASP A C   
304 O O   . ASP A 41  ? 0.9717 0.4871 1.0007 -0.1756 0.1848  0.0168  323 ASP A O   
305 C CB  . ASP A 41  ? 0.9039 0.4675 0.8937 -0.1152 0.2196  0.0642  323 ASP A CB  
306 C CG  . ASP A 41  ? 0.9312 0.4474 0.8886 -0.0941 0.2389  0.1018  323 ASP A CG  
307 O OD1 . ASP A 41  ? 1.0007 0.4622 0.9333 -0.0711 0.2339  0.1009  323 ASP A OD1 
308 O OD2 . ASP A 41  ? 0.8644 0.4080 0.8202 -0.0961 0.2575  0.1326  323 ASP A OD2 
309 N N   . LYS A 42  ? 1.0356 0.4570 1.0095 -0.1230 0.1965  0.0323  324 LYS A N   
310 C CA  . LYS A 42  ? 0.9977 0.3673 0.9817 -0.1449 0.1869  0.0238  324 LYS A CA  
311 C C   . LYS A 42  ? 1.1124 0.4646 1.0891 -0.1429 0.1675  -0.0205 324 LYS A C   
312 O O   . LYS A 42  ? 1.1297 0.4375 1.1139 -0.1620 0.1553  -0.0357 324 LYS A O   
313 C CB  . LYS A 42  ? 1.1009 0.4034 1.0660 -0.1254 0.1974  0.0533  324 LYS A CB  
314 C CG  . LYS A 42  ? 1.1397 0.4574 1.0839 -0.0986 0.2177  0.0943  324 LYS A CG  
315 C CD  . LYS A 42  ? 1.3390 0.5911 1.2638 -0.0789 0.2243  0.1260  324 LYS A CD  
316 C CE  . LYS A 42  ? 1.4811 0.7431 1.3692 -0.0315 0.2347  0.1533  324 LYS A CE  
317 N NZ  . LYS A 42  ? 1.3926 0.6639 1.2652 0.0054  0.2232  0.1243  324 LYS A NZ  
318 N N   . ASP A 43  ? 1.1518 0.5365 1.1129 -0.1200 0.1641  -0.0412 325 ASP A N   
319 C CA  . ASP A 43  ? 1.1715 0.5497 1.1209 -0.1172 0.1490  -0.0821 325 ASP A CA  
320 C C   . ASP A 43  ? 1.1384 0.5576 1.1103 -0.1569 0.1323  -0.1025 325 ASP A C   
321 O O   . ASP A 43  ? 1.1017 0.5832 1.0935 -0.1703 0.1318  -0.0932 325 ASP A O   
322 C CB  . ASP A 43  ? 1.1237 0.5312 1.0524 -0.0818 0.1523  -0.0930 325 ASP A CB  
323 C CG  . ASP A 43  ? 1.1376 0.5089 1.0458 -0.0372 0.1630  -0.0781 325 ASP A CG  
324 O OD1 . ASP A 43  ? 1.1937 0.5078 1.0987 -0.0326 0.1664  -0.0641 325 ASP A OD1 
325 O OD2 . ASP A 43  ? 1.1141 0.5169 1.0130 -0.0064 0.1661  -0.0791 325 ASP A OD2 
326 N N   . PRO A 44  ? 1.1606 0.5471 1.1311 -0.1745 0.1162  -0.1304 326 PRO A N   
327 C CA  . PRO A 44  ? 1.1416 0.5715 1.1330 -0.2109 0.0961  -0.1489 326 PRO A CA  
328 C C   . PRO A 44  ? 1.1479 0.6371 1.1256 -0.2043 0.0887  -0.1700 326 PRO A C   
329 O O   . PRO A 44  ? 1.0902 0.6417 1.0927 -0.2261 0.0785  -0.1655 326 PRO A O   
330 C CB  . PRO A 44  ? 1.2049 0.5724 1.1899 -0.2252 0.0788  -0.1773 326 PRO A CB  
331 C CG  . PRO A 44  ? 1.2694 0.5601 1.2436 -0.2036 0.0918  -0.1623 326 PRO A CG  
332 C CD  . PRO A 44  ? 1.1752 0.4820 1.1282 -0.1622 0.1127  -0.1454 326 PRO A CD  
333 N N   . PHE A 45  ? 1.1217 0.5961 1.0624 -0.1737 0.0933  -0.1912 327 PHE A N   
334 C CA  . PHE A 45  ? 1.0518 0.5826 0.9777 -0.1712 0.0871  -0.2096 327 PHE A CA  
335 C C   . PHE A 45  ? 1.0657 0.6279 0.9909 -0.1460 0.1033  -0.1896 327 PHE A C   
336 O O   . PHE A 45  ? 1.1114 0.6409 1.0258 -0.1147 0.1191  -0.1777 327 PHE A O   
337 C CB  . PHE A 45  ? 1.2734 0.7807 1.1567 -0.1560 0.0815  -0.2503 327 PHE A CB  
338 C CG  . PHE A 45  ? 1.4292 0.9024 1.3096 -0.1798 0.0605  -0.2773 327 PHE A CG  
339 C CD1 . PHE A 45  ? 1.3391 0.8569 1.2207 -0.2089 0.0375  -0.2956 327 PHE A CD1 
340 C CD2 . PHE A 45  ? 1.4106 0.8064 1.2893 -0.1733 0.0605  -0.2835 327 PHE A CD2 
341 C CE1 . PHE A 45  ? 1.3943 0.8810 1.2746 -0.2311 0.0140  -0.3224 327 PHE A CE1 
342 C CE2 . PHE A 45  ? 1.4298 0.7883 1.3090 -0.1972 0.0374  -0.3108 327 PHE A CE2 
343 C CZ  . PHE A 45  ? 1.4856 0.8900 1.3653 -0.2265 0.0137  -0.3315 327 PHE A CZ  
344 N N   . PRO A 46  ? 1.0290 0.6561 0.9684 -0.1578 0.0962  -0.1843 328 PRO A N   
345 C CA  . PRO A 46  ? 0.8981 0.5724 0.8475 -0.1300 0.1012  -0.1565 328 PRO A CA  
346 C C   . PRO A 46  ? 0.8877 0.5751 0.8104 -0.0965 0.1065  -0.1646 328 PRO A C   
347 O O   . PRO A 46  ? 0.9155 0.6046 0.8103 -0.0954 0.1036  -0.1911 328 PRO A O   
348 C CB  . PRO A 46  ? 0.7618 0.5069 0.7393 -0.1499 0.0844  -0.1454 328 PRO A CB  
349 C CG  . PRO A 46  ? 0.7765 0.5282 0.7426 -0.1766 0.0687  -0.1723 328 PRO A CG  
350 C CD  . PRO A 46  ? 0.9222 0.5981 0.8747 -0.1902 0.0749  -0.1955 328 PRO A CD  
351 N N   . LYS A 47  ? 0.8498 0.5531 0.7819 -0.0686 0.1143  -0.1418 329 LYS A N   
352 C CA  . LYS A 47  ? 0.7200 0.4554 0.6414 -0.0388 0.1192  -0.1428 329 LYS A CA  
353 C C   . LYS A 47  ? 0.7082 0.5164 0.6392 -0.0496 0.1072  -0.1367 329 LYS A C   
354 O O   . LYS A 47  ? 0.8045 0.6449 0.7216 -0.0342 0.1124  -0.1421 329 LYS A O   
355 C CB  . LYS A 47  ? 0.5767 0.3159 0.5121 -0.0094 0.1258  -0.1198 329 LYS A CB  
356 C CG  . LYS A 47  ? 0.6985 0.3689 0.6177 0.0129  0.1394  -0.1214 329 LYS A CG  
357 C CD  . LYS A 47  ? 0.6826 0.3706 0.6085 0.0521  0.1442  -0.1050 329 LYS A CD  
358 C CE  . LYS A 47  ? 0.7749 0.3976 0.6791 0.0831  0.1585  -0.1139 329 LYS A CE  
359 N NZ  . LYS A 47  ? 0.6903 0.3347 0.6034 0.1263  0.1618  -0.0987 329 LYS A NZ  
360 N N   . GLY A 48  ? 0.6725 0.5089 0.6284 -0.0735 0.0928  -0.1229 330 GLY A N   
361 C CA  . GLY A 48  ? 0.7004 0.5980 0.6669 -0.0838 0.0796  -0.1121 330 GLY A CA  
362 C C   . GLY A 48  ? 0.7014 0.6153 0.6934 -0.1093 0.0633  -0.1033 330 GLY A C   
363 O O   . GLY A 48  ? 0.7269 0.6210 0.7394 -0.1140 0.0643  -0.0974 330 GLY A O   
364 N N   . VAL A 49  ? 0.6833 0.6391 0.6739 -0.1235 0.0488  -0.1005 331 VAL A N   
365 C CA  . VAL A 49  ? 0.5549 0.5361 0.5733 -0.1441 0.0305  -0.0912 331 VAL A CA  
366 C C   . VAL A 49  ? 0.5879 0.6184 0.6240 -0.1412 0.0176  -0.0648 331 VAL A C   
367 O O   . VAL A 49  ? 0.7454 0.8025 0.7582 -0.1380 0.0175  -0.0600 331 VAL A O   
368 C CB  . VAL A 49  ? 0.5348 0.5162 0.5349 -0.1676 0.0192  -0.1133 331 VAL A CB  
369 C CG1 . VAL A 49  ? 0.4853 0.5084 0.5203 -0.1854 -0.0024 -0.0998 331 VAL A CG1 
370 C CG2 . VAL A 49  ? 0.5985 0.5218 0.5898 -0.1760 0.0303  -0.1372 331 VAL A CG2 
371 N N   . ILE A 50  ? 0.5434 0.5848 0.6199 -0.1412 0.0080  -0.0469 332 ILE A N   
372 C CA  . ILE A 50  ? 0.5068 0.5827 0.6078 -0.1393 -0.0069 -0.0199 332 ILE A CA  
373 C C   . ILE A 50  ? 0.5406 0.6389 0.6686 -0.1504 -0.0261 -0.0127 332 ILE A C   
374 O O   . ILE A 50  ? 0.5414 0.6328 0.7029 -0.1463 -0.0281 -0.0122 332 ILE A O   
375 C CB  . ILE A 50  ? 0.4848 0.5496 0.6139 -0.1243 -0.0045 -0.0075 332 ILE A CB  
376 C CG1 . ILE A 50  ? 0.5207 0.5606 0.6300 -0.1108 0.0145  -0.0201 332 ILE A CG1 
377 C CG2 . ILE A 50  ? 0.5237 0.6158 0.6704 -0.1249 -0.0158 0.0201  332 ILE A CG2 
378 C CD1 . ILE A 50  ? 0.4283 0.4550 0.5620 -0.0967 0.0137  -0.0158 332 ILE A CD1 
379 N N   . PRO A 51  ? 0.5606 0.6918 0.6741 -0.1619 -0.0409 -0.0070 333 PRO A N   
380 C CA  . PRO A 51  ? 0.5694 0.7305 0.7126 -0.1702 -0.0624 0.0016  333 PRO A CA  
381 C C   . PRO A 51  ? 0.5380 0.7060 0.7276 -0.1567 -0.0735 0.0286  333 PRO A C   
382 O O   . PRO A 51  ? 0.5222 0.6854 0.7146 -0.1488 -0.0740 0.0496  333 PRO A O   
383 C CB  . PRO A 51  ? 0.5236 0.7217 0.6317 -0.1808 -0.0778 0.0066  333 PRO A CB  
384 C CG  . PRO A 51  ? 0.5284 0.7086 0.5832 -0.1805 -0.0594 -0.0138 333 PRO A CG  
385 C CD  . PRO A 51  ? 0.5066 0.6551 0.5729 -0.1650 -0.0384 -0.0088 333 PRO A CD  
386 N N   . LEU A 52  ? 0.5462 0.7259 0.7758 -0.1546 -0.0824 0.0274  334 LEU A N   
387 C CA  . LEU A 52  ? 0.5478 0.7295 0.8227 -0.1374 -0.0943 0.0476  334 LEU A CA  
388 C C   . LEU A 52  ? 0.5750 0.7792 0.8533 -0.1365 -0.1163 0.0812  334 LEU A C   
389 O O   . LEU A 52  ? 0.5095 0.6971 0.8146 -0.1237 -0.1241 0.1026  334 LEU A O   
390 C CB  . LEU A 52  ? 0.5040 0.7063 0.8216 -0.1321 -0.0980 0.0393  334 LEU A CB  
391 C CG  . LEU A 52  ? 0.5029 0.7056 0.8692 -0.1079 -0.1095 0.0536  334 LEU A CG  
392 C CD1 . LEU A 52  ? 0.5371 0.6921 0.9016 -0.0927 -0.0995 0.0493  334 LEU A CD1 
393 C CD2 . LEU A 52  ? 0.5212 0.7539 0.9283 -0.1003 -0.1058 0.0417  334 LEU A CD2 
394 N N   . THR A 53  ? 0.6075 0.8472 0.8568 -0.1502 -0.1276 0.0866  335 THR A N   
395 C CA  . THR A 53  ? 0.5516 0.8169 0.7931 -0.1494 -0.1467 0.1240  335 THR A CA  
396 C C   . THR A 53  ? 0.5689 0.8138 0.7899 -0.1492 -0.1340 0.1433  335 THR A C   
397 O O   . THR A 53  ? 0.6327 0.8791 0.8713 -0.1448 -0.1457 0.1822  335 THR A O   
398 C CB  . THR A 53  ? 0.5817 0.8930 0.7837 -0.1639 -0.1606 0.1199  335 THR A CB  
399 O OG1 . THR A 53  ? 0.4538 0.7544 0.6006 -0.1757 -0.1413 0.0917  335 THR A OG1 
400 C CG2 . THR A 53  ? 0.5468 0.8858 0.7813 -0.1683 -0.1754 0.1017  335 THR A CG2 
401 N N   . ALA A 54  ? 0.5755 0.8026 0.7644 -0.1539 -0.1102 0.1189  336 ALA A N   
402 C CA  . ALA A 54  ? 0.5755 0.7932 0.7542 -0.1535 -0.0962 0.1356  336 ALA A CA  
403 C C   . ALA A 54  ? 0.5939 0.7744 0.8207 -0.1448 -0.0957 0.1420  336 ALA A C   
404 O O   . ALA A 54  ? 0.5426 0.7205 0.7806 -0.1478 -0.0932 0.1669  336 ALA A O   
405 C CB  . ALA A 54  ? 0.4930 0.7072 0.6258 -0.1560 -0.0717 0.1060  336 ALA A CB  
406 N N   . ILE A 55  ? 0.5964 0.7515 0.8520 -0.1350 -0.0983 0.1195  337 ILE A N   
407 C CA  . ILE A 55  ? 0.5533 0.6720 0.8472 -0.1242 -0.1005 0.1177  337 ILE A CA  
408 C C   . ILE A 55  ? 0.5341 0.6458 0.8671 -0.1217 -0.1228 0.1532  337 ILE A C   
409 O O   . ILE A 55  ? 0.6012 0.7258 0.9509 -0.1156 -0.1393 0.1668  337 ILE A O   
410 C CB  . ILE A 55  ? 0.6118 0.7121 0.9203 -0.1108 -0.0963 0.0857  337 ILE A CB  
411 C CG1 . ILE A 55  ? 0.5717 0.6770 0.8436 -0.1163 -0.0760 0.0577  337 ILE A CG1 
412 C CG2 . ILE A 55  ? 0.5452 0.6083 0.8769 -0.0982 -0.0965 0.0745  337 ILE A CG2 
413 C CD1 . ILE A 55  ? 0.5933 0.6866 0.8346 -0.1195 -0.0591 0.0501  337 ILE A CD1 
414 N N   . GLU A 56  ? 0.5433 0.6343 0.8959 -0.1267 -0.1248 0.1700  338 GLU A N   
415 C CA  . GLU A 56  ? 0.6134 0.6832 1.0093 -0.1266 -0.1464 0.2046  338 GLU A CA  
416 C C   . GLU A 56  ? 0.5695 0.5878 1.0075 -0.1119 -0.1583 0.1829  338 GLU A C   
417 O O   . GLU A 56  ? 0.6104 0.6014 1.0861 -0.1020 -0.1789 0.1992  338 GLU A O   
418 C CB  . GLU A 56  ? 0.6008 0.6827 0.9985 -0.1469 -0.1434 0.2438  338 GLU A CB  
419 C CG  . GLU A 56  ? 0.6328 0.7688 0.9856 -0.1572 -0.1338 0.2708  338 GLU A CG  
420 C CD  . GLU A 56  ? 0.6541 0.8085 1.0157 -0.1755 -0.1317 0.3228  338 GLU A CD  
421 O OE1 . GLU A 56  ? 0.6599 0.7862 1.0595 -0.1802 -0.1348 0.3289  338 GLU A OE1 
422 O OE2 . GLU A 56  ? 0.5762 0.7756 0.9012 -0.1812 -0.1275 0.3534  338 GLU A OE2 
423 N N   . MET A 57  ? 0.5595 0.5628 0.9887 -0.1076 -0.1466 0.1458  339 MET A N   
424 C CA  . MET A 57  ? 0.5802 0.5382 1.0376 -0.0914 -0.1576 0.1176  339 MET A CA  
425 C C   . MET A 57  ? 0.5419 0.5014 0.9696 -0.0837 -0.1402 0.0770  339 MET A C   
426 O O   . MET A 57  ? 0.5332 0.5177 0.9296 -0.0943 -0.1227 0.0759  339 MET A O   
427 C CB  . MET A 57  ? 0.5841 0.5105 1.0701 -0.0973 -0.1738 0.1327  339 MET A CB  
428 C CG  . MET A 57  ? 0.5776 0.4554 1.0966 -0.0770 -0.1937 0.1103  339 MET A CG  
429 S SD  . MET A 57  ? 0.5813 0.4362 1.1210 -0.0870 -0.2086 0.1175  339 MET A SD  
430 C CE  . MET A 57  ? 0.5433 0.4258 1.0465 -0.0966 -0.1893 0.0974  339 MET A CE  
431 N N   . THR A 58  ? 0.5223 0.4537 0.9584 -0.0621 -0.1450 0.0445  340 THR A N   
432 C CA  . THR A 58  ? 0.5555 0.4849 0.9624 -0.0511 -0.1313 0.0089  340 THR A CA  
433 C C   . THR A 58  ? 0.5867 0.4744 1.0135 -0.0352 -0.1497 -0.0184 340 THR A C   
434 O O   . THR A 58  ? 0.7145 0.5800 1.1632 -0.0159 -0.1604 -0.0285 340 THR A O   
435 C CB  . THR A 58  ? 0.5382 0.4909 0.9182 -0.0377 -0.1101 -0.0070 340 THR A CB  
436 O OG1 . THR A 58  ? 0.4523 0.4369 0.8076 -0.0554 -0.0948 0.0094  340 THR A OG1 
437 C CG2 . THR A 58  ? 0.4797 0.4240 0.8318 -0.0209 -0.0977 -0.0402 340 THR A CG2 
438 N N   . ARG A 59  ? 0.5365 0.4152 0.9559 -0.0409 -0.1550 -0.0323 341 ARG A N   
439 C CA  . ARG A 59  ? 0.6259 0.4744 1.0522 -0.0264 -0.1738 -0.0589 341 ARG A CA  
440 C C   . ARG A 59  ? 0.6256 0.4785 1.0190 -0.0181 -0.1700 -0.0905 341 ARG A C   
441 O O   . ARG A 59  ? 0.6486 0.5262 1.0257 -0.0303 -0.1582 -0.0822 341 ARG A O   
442 C CB  . ARG A 59  ? 0.7283 0.5672 1.1845 -0.0434 -0.1921 -0.0344 341 ARG A CB  
443 C CG  . ARG A 59  ? 0.7052 0.5689 1.1559 -0.0641 -0.1881 -0.0191 341 ARG A CG  
444 C CD  . ARG A 59  ? 0.6941 0.5490 1.1796 -0.0819 -0.2037 0.0072  341 ARG A CD  
445 N NE  . ARG A 59  ? 0.7357 0.6031 1.2251 -0.0943 -0.2092 0.0020  341 ARG A NE  
446 C CZ  . ARG A 59  ? 0.8413 0.6855 1.3396 -0.0891 -0.2301 -0.0281 341 ARG A CZ  
447 N NH1 . ARG A 59  ? 0.8815 0.6870 1.3821 -0.0707 -0.2458 -0.0565 341 ARG A NH1 
448 N NH2 . ARG A 59  ? 0.7845 0.6481 1.2895 -0.1022 -0.2360 -0.0312 341 ARG A NH2 
449 N N   . SER A 60  ? 0.5978 0.4287 0.9792 0.0050  -0.1807 -0.1270 342 SER A N   
450 C CA  . SER A 60  ? 0.6568 0.4918 1.0018 0.0170  -0.1820 -0.1582 342 SER A CA  
451 C C   . SER A 60  ? 0.7180 0.5584 1.0789 -0.0026 -0.2020 -0.1517 342 SER A C   
452 O O   . SER A 60  ? 0.7293 0.5629 1.1277 -0.0209 -0.2144 -0.1284 342 SER A O   
453 C CB  . SER A 60  ? 0.7123 0.5301 1.0324 0.0494  -0.1861 -0.1978 342 SER A CB  
454 O OG  . SER A 60  ? 0.8434 0.6667 1.1237 0.0620  -0.1928 -0.2271 342 SER A OG  
455 N N   . SER A 61  ? 0.7735 0.6288 1.1066 0.0027  -0.2049 -0.1709 343 SER A N   
456 C CA  . SER A 61  ? 0.8242 0.6949 1.1752 -0.0136 -0.2241 -0.1671 343 SER A CA  
457 C C   . SER A 61  ? 0.8925 0.7530 1.2167 0.0059  -0.2466 -0.2093 343 SER A C   
458 O O   . SER A 61  ? 0.9694 0.8105 1.2606 0.0323  -0.2451 -0.2390 343 SER A O   
459 C CB  . SER A 61  ? 0.8033 0.7137 1.1523 -0.0258 -0.2114 -0.1476 343 SER A CB  
460 O OG  . SER A 61  ? 0.7669 0.6930 1.1447 -0.0482 -0.1950 -0.1057 343 SER A OG  
461 N N   . LYS A 62  ? 0.9184 0.7986 1.2559 -0.0064 -0.2664 -0.2108 344 LYS A N   
462 C CA  . LYS A 62  ? 1.2149 1.0883 1.5306 0.0081  -0.2928 -0.2491 344 LYS A CA  
463 C C   . LYS A 62  ? 1.2243 1.1057 1.4702 0.0431  -0.2859 -0.2810 344 LYS A C   
464 O O   . LYS A 62  ? 1.2932 1.1536 1.5046 0.0679  -0.2869 -0.3109 344 LYS A O   
465 C CB  . LYS A 62  ? 1.1160 1.0201 1.4610 -0.0131 -0.3132 -0.2408 344 LYS A CB  
466 C CG  . LYS A 62  ? 1.0007 0.9030 1.4090 -0.0481 -0.3150 -0.2054 344 LYS A CG  
467 C CD  . LYS A 62  ? 0.9103 0.8556 1.3490 -0.0692 -0.3297 -0.1949 344 LYS A CD  
468 C CE  . LYS A 62  ? 0.9514 0.8965 1.4494 -0.1040 -0.3295 -0.1600 344 LYS A CE  
469 N NZ  . LYS A 62  ? 1.1099 1.1063 1.6436 -0.1264 -0.3412 -0.1484 344 LYS A NZ  
470 N N   . ASP A 63  ? 1.1361 1.0510 1.3573 0.0479  -0.2770 -0.2730 345 ASP A N   
471 C CA  . ASP A 63  ? 1.1485 1.0774 1.2922 0.0833  -0.2574 -0.2842 345 ASP A CA  
472 C C   . ASP A 63  ? 1.0953 1.0141 1.2180 0.0935  -0.2138 -0.2648 345 ASP A C   
473 O O   . ASP A 63  ? 1.0700 0.9671 1.2344 0.0779  -0.2079 -0.2550 345 ASP A O   
474 C CB  . ASP A 63  ? 1.1818 1.1552 1.3064 0.0879  -0.2530 -0.2614 345 ASP A CB  
475 C CG  . ASP A 63  ? 1.4129 1.4084 1.5460 0.0866  -0.2986 -0.2866 345 ASP A CG  
476 O OD1 . ASP A 63  ? 1.2913 1.2632 1.4385 0.0815  -0.3264 -0.3182 345 ASP A OD1 
477 O OD2 . ASP A 63  ? 1.5601 1.5972 1.6863 0.0924  -0.3008 -0.2686 345 ASP A OD2 
478 N N   . ASN A 64  ? 1.0757 1.0115 1.1373 0.1179  -0.1841 -0.2564 346 ASN A N   
479 C CA  . ASN A 64  ? 0.8633 0.7972 0.9132 0.1210  -0.1422 -0.2331 346 ASN A CA  
480 C C   . ASN A 64  ? 0.7265 0.6681 0.8134 0.0941  -0.1266 -0.1936 346 ASN A C   
481 O O   . ASN A 64  ? 0.6872 0.6420 0.7501 0.0965  -0.1033 -0.1689 346 ASN A O   
482 C CB  . ASN A 64  ? 0.7816 0.7315 0.7616 0.1494  -0.1142 -0.2293 346 ASN A CB  
483 C CG  . ASN A 64  ? 0.8478 0.8178 0.7909 0.1600  -0.1225 -0.2199 346 ASN A CG  
484 O OD1 . ASN A 64  ? 0.9519 0.9299 0.8766 0.1725  -0.1547 -0.2469 346 ASN A OD1 
485 N ND2 . ASN A 64  ? 0.8281 0.8052 0.7624 0.1560  -0.0964 -0.1826 346 ASN A ND2 
486 N N   . LYS A 65  ? 0.8006 0.7307 0.9448 0.0696  -0.1395 -0.1878 347 LYS A N   
487 C CA  . LYS A 65  ? 0.6241 0.5654 0.8030 0.0442  -0.1289 -0.1540 347 LYS A CA  
488 C C   . LYS A 65  ? 0.6345 0.5592 0.8537 0.0281  -0.1287 -0.1457 347 LYS A C   
489 O O   . LYS A 65  ? 0.6936 0.5944 0.9339 0.0309  -0.1493 -0.1659 347 LYS A O   
490 C CB  . LYS A 65  ? 0.6459 0.6057 0.8587 0.0284  -0.1530 -0.1480 347 LYS A CB  
491 C CG  . LYS A 65  ? 0.5780 0.5659 0.7966 0.0191  -0.1339 -0.1172 347 LYS A CG  
492 C CD  . LYS A 65  ? 0.5394 0.5587 0.7958 0.0083  -0.1574 -0.1131 347 LYS A CD  
493 C CE  . LYS A 65  ? 0.5972 0.6228 0.8362 0.0252  -0.1862 -0.1409 347 LYS A CE  
494 N NZ  . LYS A 65  ? 0.7822 0.8096 0.9549 0.0573  -0.1694 -0.1442 347 LYS A NZ  
495 N N   . PHE A 66  ? 0.5598 0.4953 0.7884 0.0129  -0.1077 -0.1172 348 PHE A N   
496 C CA  . PHE A 66  ? 0.5399 0.4666 0.8066 -0.0026 -0.1113 -0.1036 348 PHE A CA  
497 C C   . PHE A 66  ? 0.4903 0.4378 0.7739 -0.0261 -0.1022 -0.0714 348 PHE A C   
498 O O   . PHE A 66  ? 0.4335 0.3986 0.6915 -0.0257 -0.0833 -0.0625 348 PHE A O   
499 C CB  . PHE A 66  ? 0.4897 0.4121 0.7441 0.0102  -0.0939 -0.1080 348 PHE A CB  
500 C CG  . PHE A 66  ? 0.4804 0.4205 0.7005 0.0113  -0.0627 -0.0971 348 PHE A CG  
501 C CD1 . PHE A 66  ? 0.4723 0.4145 0.6500 0.0300  -0.0469 -0.1088 348 PHE A CD1 
502 C CD2 . PHE A 66  ? 0.4652 0.4179 0.6944 -0.0071 -0.0505 -0.0747 348 PHE A CD2 
503 C CE1 . PHE A 66  ? 0.4093 0.3594 0.5608 0.0275  -0.0189 -0.0955 348 PHE A CE1 
504 C CE2 . PHE A 66  ? 0.3769 0.3379 0.5783 -0.0095 -0.0252 -0.0684 348 PHE A CE2 
505 C CZ  . PHE A 66  ? 0.3789 0.3354 0.5450 0.0065  -0.0090 -0.0774 348 PHE A CZ  
506 N N   . GLN A 67  ? 0.4847 0.4280 0.8095 -0.0441 -0.1158 -0.0536 349 GLN A N   
507 C CA  . GLN A 67  ? 0.4481 0.4159 0.7872 -0.0658 -0.1080 -0.0211 349 GLN A CA  
508 C C   . GLN A 67  ? 0.4359 0.4062 0.7719 -0.0700 -0.0983 -0.0058 349 GLN A C   
509 O O   . GLN A 67  ? 0.4923 0.4433 0.8487 -0.0651 -0.1109 -0.0077 349 GLN A O   
510 C CB  . GLN A 67  ? 0.4312 0.4004 0.8139 -0.0844 -0.1282 -0.0026 349 GLN A CB  
511 C CG  . GLN A 67  ? 0.4470 0.4294 0.8413 -0.0869 -0.1390 -0.0116 349 GLN A CG  
512 C CD  . GLN A 67  ? 0.5413 0.5327 0.9663 -0.1046 -0.1482 0.0140  349 GLN A CD  
513 O OE1 . GLN A 67  ? 0.5467 0.5099 0.9895 -0.1080 -0.1618 0.0212  349 GLN A OE1 
514 N NE2 . GLN A 67  ? 0.5202 0.5535 0.9570 -0.1156 -0.1407 0.0285  349 GLN A NE2 
515 N N   . VAL A 68  ? 0.4245 0.4196 0.7360 -0.0772 -0.0784 0.0075  350 VAL A N   
516 C CA  . VAL A 68  ? 0.4167 0.4238 0.7245 -0.0853 -0.0734 0.0236  350 VAL A CA  
517 C C   . VAL A 68  ? 0.4925 0.5253 0.8100 -0.1041 -0.0743 0.0547  350 VAL A C   
518 O O   . VAL A 68  ? 0.4609 0.5166 0.7565 -0.1076 -0.0583 0.0578  350 VAL A O   
519 C CB  . VAL A 68  ? 0.3617 0.3757 0.6307 -0.0807 -0.0520 0.0106  350 VAL A CB  
520 C CG1 . VAL A 68  ? 0.4398 0.4721 0.7073 -0.0917 -0.0527 0.0243  350 VAL A CG1 
521 C CG2 . VAL A 68  ? 0.3662 0.3616 0.6269 -0.0635 -0.0471 -0.0133 350 VAL A CG2 
522 N N   . ILE A 69  ? 0.4891 0.5193 0.8389 -0.1137 -0.0915 0.0797  351 ILE A N   
523 C CA  . ILE A 69  ? 0.4335 0.4870 0.7918 -0.1295 -0.0918 0.1150  351 ILE A CA  
524 C C   . ILE A 69  ? 0.4932 0.5726 0.8377 -0.1385 -0.0900 0.1397  351 ILE A C   
525 O O   . ILE A 69  ? 0.5512 0.6180 0.9092 -0.1341 -0.1048 0.1469  351 ILE A O   
526 C CB  . ILE A 69  ? 0.4032 0.4305 0.7966 -0.1303 -0.1117 0.1285  351 ILE A CB  
527 C CG1 . ILE A 69  ? 0.5078 0.5104 0.9106 -0.1202 -0.1188 0.0968  351 ILE A CG1 
528 C CG2 . ILE A 69  ? 0.3638 0.4197 0.7666 -0.1474 -0.1081 0.1669  351 ILE A CG2 
529 C CD1 . ILE A 69  ? 0.5272 0.4998 0.9653 -0.1217 -0.1411 0.1016  351 ILE A CD1 
530 N N   . THR A 70  ? 0.5598 0.6775 0.8709 -0.1454 -0.0719 0.1495  352 THR A N   
531 C CA  . THR A 70  ? 0.5368 0.6853 0.8195 -0.1517 -0.0703 0.1709  352 THR A CA  
532 C C   . THR A 70  ? 0.4272 0.6047 0.7253 -0.1672 -0.0716 0.2190  352 THR A C   
533 O O   . THR A 70  ? 0.3568 0.5235 0.6952 -0.1743 -0.0767 0.2349  352 THR A O   
534 C CB  . THR A 70  ? 0.5383 0.7078 0.7654 -0.1472 -0.0494 0.1449  352 THR A CB  
535 O OG1 . THR A 70  ? 0.4702 0.6605 0.6860 -0.1466 -0.0292 0.1444  352 THR A OG1 
536 C CG2 . THR A 70  ? 0.5305 0.6689 0.7476 -0.1363 -0.0469 0.1045  352 THR A CG2 
537 N N   . GLY A 71  ? 0.4599 0.6751 0.7223 -0.1719 -0.0678 0.2417  353 GLY A N   
538 C CA  . GLY A 71  ? 0.4007 0.6521 0.6692 -0.1862 -0.0640 0.2932  353 GLY A CA  
539 C C   . GLY A 71  ? 0.3986 0.6854 0.6650 -0.1914 -0.0382 0.2966  353 GLY A C   
540 O O   . GLY A 71  ? 0.4226 0.7233 0.7158 -0.1999 -0.0370 0.3306  353 GLY A O   
541 N N   . GLN A 72  ? 0.4154 0.7106 0.6456 -0.1779 -0.0187 0.2544  354 GLN A N   
542 C CA  . GLN A 72  ? 0.4130 0.7499 0.6389 -0.1756 0.0082  0.2548  354 GLN A CA  
543 C C   . GLN A 72  ? 0.3785 0.6931 0.6364 -0.1673 0.0108  0.2247  354 GLN A C   
544 O O   . GLN A 72  ? 0.3776 0.7279 0.6652 -0.1708 0.0235  0.2388  354 GLN A O   
545 C CB  . GLN A 72  ? 0.4861 0.8560 0.6403 -0.1613 0.0312  0.2319  354 GLN A CB  
546 C CG  . GLN A 72  ? 0.6241 1.0312 0.7338 -0.1672 0.0305  0.2597  354 GLN A CG  
547 C CD  . GLN A 72  ? 0.8097 1.2503 0.8457 -0.1517 0.0537  0.2304  354 GLN A CD  
548 O OE1 . GLN A 72  ? 0.8632 1.2710 0.8692 -0.1388 0.0555  0.1797  354 GLN A OE1 
549 N NE2 . GLN A 72  ? 0.8449 1.3498 0.8502 -0.1527 0.0723  0.2622  354 GLN A NE2 
550 N N   . ARG A 73  ? 0.3231 0.5869 0.5758 -0.1556 -0.0002 0.1860  355 ARG A N   
551 C CA  . ARG A 73  ? 0.3345 0.5804 0.6032 -0.1433 0.0030  0.1569  355 ARG A CA  
552 C C   . ARG A 73  ? 0.3959 0.5880 0.6907 -0.1419 -0.0209 0.1399  355 ARG A C   
553 O O   . ARG A 73  ? 0.3931 0.5593 0.6848 -0.1445 -0.0350 0.1407  355 ARG A O   
554 C CB  . ARG A 73  ? 0.4061 0.6501 0.6230 -0.1220 0.0247  0.1210  355 ARG A CB  
555 C CG  . ARG A 73  ? 0.3879 0.6175 0.6166 -0.1048 0.0294  0.0966  355 ARG A CG  
556 C CD  . ARG A 73  ? 0.3915 0.6466 0.5886 -0.0848 0.0565  0.0824  355 ARG A CD  
557 N NE  . ARG A 73  ? 0.4351 0.6477 0.5811 -0.0700 0.0650  0.0483  355 ARG A NE  
558 C CZ  . ARG A 73  ? 0.4122 0.5894 0.5500 -0.0513 0.0686  0.0245  355 ARG A CZ  
559 N NH1 . ARG A 73  ? 0.4252 0.6086 0.5976 -0.0418 0.0627  0.0281  355 ARG A NH1 
560 N NH2 . ARG A 73  ? 0.4541 0.5895 0.5486 -0.0427 0.0770  -0.0019 355 ARG A NH2 
561 N N   . VAL A 74  ? 0.4263 0.6074 0.7468 -0.1354 -0.0258 0.1241  356 VAL A N   
562 C CA  . VAL A 74  ? 0.4287 0.5628 0.7619 -0.1275 -0.0446 0.0995  356 VAL A CA  
563 C C   . VAL A 74  ? 0.4451 0.5676 0.7446 -0.1055 -0.0316 0.0669  356 VAL A C   
564 O O   . VAL A 74  ? 0.3972 0.5462 0.6951 -0.0972 -0.0194 0.0652  356 VAL A O   
565 C CB  . VAL A 74  ? 0.3985 0.5230 0.7806 -0.1364 -0.0668 0.1065  356 VAL A CB  
566 C CG1 . VAL A 74  ? 0.3741 0.5422 0.7790 -0.1401 -0.0593 0.1144  356 VAL A CG1 
567 C CG2 . VAL A 74  ? 0.4333 0.5132 0.8175 -0.1230 -0.0844 0.0741  356 VAL A CG2 
568 N N   . PHE A 75  ? 0.4609 0.5470 0.7357 -0.0949 -0.0330 0.0447  357 PHE A N   
569 C CA  . PHE A 75  ? 0.3521 0.4190 0.5960 -0.0752 -0.0219 0.0194  357 PHE A CA  
570 C C   . PHE A 75  ? 0.3452 0.3897 0.6043 -0.0659 -0.0394 0.0042  357 PHE A C   
571 O O   . PHE A 75  ? 0.3491 0.3742 0.6236 -0.0690 -0.0541 0.0006  357 PHE A O   
572 C CB  . PHE A 75  ? 0.3589 0.4053 0.5653 -0.0724 -0.0085 0.0072  357 PHE A CB  
573 C CG  . PHE A 75  ? 0.4047 0.4682 0.5847 -0.0786 0.0072  0.0118  357 PHE A CG  
574 C CD1 . PHE A 75  ? 0.4289 0.5151 0.6140 -0.0944 0.0016  0.0295  357 PHE A CD1 
575 C CD2 . PHE A 75  ? 0.4044 0.4584 0.5509 -0.0661 0.0265  -0.0028 357 PHE A CD2 
576 C CE1 . PHE A 75  ? 0.4188 0.5238 0.5708 -0.0981 0.0147  0.0293  357 PHE A CE1 
577 C CE2 . PHE A 75  ? 0.4222 0.4873 0.5395 -0.0691 0.0398  -0.0061 357 PHE A CE2 
578 C CZ  . PHE A 75  ? 0.4411 0.5345 0.5584 -0.0853 0.0338  0.0081  357 PHE A CZ  
579 N N   . VAL A 76  ? 0.4134 0.4624 0.6663 -0.0511 -0.0388 -0.0059 358 VAL A N   
580 C CA  . VAL A 76  ? 0.4039 0.4370 0.6607 -0.0393 -0.0569 -0.0238 358 VAL A CA  
581 C C   . VAL A 76  ? 0.4463 0.4586 0.6555 -0.0172 -0.0414 -0.0383 358 VAL A C   
582 O O   . VAL A 76  ? 0.4323 0.4504 0.6198 -0.0053 -0.0260 -0.0352 358 VAL A O   
583 C CB  . VAL A 76  ? 0.3029 0.3641 0.5925 -0.0406 -0.0742 -0.0216 358 VAL A CB  
584 C CG1 . VAL A 76  ? 0.3192 0.3654 0.5987 -0.0244 -0.0940 -0.0458 358 VAL A CG1 
585 C CG2 . VAL A 76  ? 0.3427 0.4200 0.6864 -0.0676 -0.0905 -0.0032 358 VAL A CG2 
586 N N   . PHE A 77  ? 0.4271 0.4159 0.6220 -0.0100 -0.0441 -0.0521 359 PHE A N   
587 C CA  . PHE A 77  ? 0.4382 0.4100 0.5899 0.0088  -0.0280 -0.0604 359 PHE A CA  
588 C C   . PHE A 77  ? 0.5064 0.4743 0.6467 0.0269  -0.0446 -0.0787 359 PHE A C   
589 O O   . PHE A 77  ? 0.5218 0.4859 0.6847 0.0239  -0.0651 -0.0921 359 PHE A O   
590 C CB  . PHE A 77  ? 0.4429 0.4014 0.5844 0.0021  -0.0109 -0.0594 359 PHE A CB  
591 C CG  . PHE A 77  ? 0.4607 0.4212 0.6020 -0.0144 0.0039  -0.0471 359 PHE A CG  
592 C CD1 . PHE A 77  ? 0.4290 0.3753 0.5403 -0.0099 0.0241  -0.0441 359 PHE A CD1 
593 C CD2 . PHE A 77  ? 0.4521 0.4256 0.6201 -0.0329 -0.0039 -0.0393 359 PHE A CD2 
594 C CE1 . PHE A 77  ? 0.3715 0.3155 0.4781 -0.0242 0.0352  -0.0404 359 PHE A CE1 
595 C CE2 . PHE A 77  ? 0.3805 0.3596 0.5400 -0.0465 0.0073  -0.0320 359 PHE A CE2 
596 C CZ  . PHE A 77  ? 0.3513 0.3151 0.4794 -0.0424 0.0264  -0.0359 359 PHE A CZ  
597 N N   . ARG A 78  ? 0.5065 0.4729 0.6090 0.0475  -0.0373 -0.0796 360 ARG A N   
598 C CA  . ARG A 78  ? 0.4977 0.4651 0.5747 0.0688  -0.0520 -0.0971 360 ARG A CA  
599 C C   . ARG A 78  ? 0.5193 0.4735 0.5482 0.0852  -0.0272 -0.0950 360 ARG A C   
600 O O   . ARG A 78  ? 0.5341 0.4783 0.5399 0.0880  -0.0035 -0.0757 360 ARG A O   
601 C CB  . ARG A 78  ? 0.5095 0.4970 0.5817 0.0818  -0.0679 -0.0952 360 ARG A CB  
602 C CG  . ARG A 78  ? 0.5956 0.5896 0.6360 0.1043  -0.0889 -0.1157 360 ARG A CG  
603 C CD  . ARG A 78  ? 0.5562 0.5792 0.5994 0.1162  -0.1100 -0.1126 360 ARG A CD  
604 N NE  . ARG A 78  ? 0.5571 0.5798 0.5731 0.1331  -0.0870 -0.0867 360 ARG A NE  
605 C CZ  . ARG A 78  ? 0.5264 0.5766 0.5499 0.1474  -0.0989 -0.0767 360 ARG A CZ  
606 N NH1 . ARG A 78  ? 0.5101 0.5983 0.5707 0.1430  -0.1339 -0.0895 360 ARG A NH1 
607 N NH2 . ARG A 78  ? 0.5512 0.5907 0.5493 0.1665  -0.0763 -0.0531 360 ARG A NH2 
608 N N   . THR A 79  ? 0.5717 0.5253 0.5865 0.0965  -0.0318 -0.1143 361 THR A N   
609 C CA  . THR A 79  ? 0.6595 0.6111 0.6324 0.1118  -0.0054 -0.1103 361 THR A CA  
610 C C   . THR A 79  ? 0.7021 0.6622 0.6207 0.1407  -0.0111 -0.1156 361 THR A C   
611 O O   . THR A 79  ? 0.7260 0.6943 0.6427 0.1480  -0.0375 -0.1225 361 THR A O   
612 C CB  . THR A 79  ? 0.6060 0.5606 0.5954 0.1118  -0.0021 -0.1277 361 THR A CB  
613 O OG1 . THR A 79  ? 0.5911 0.5441 0.5926 0.1210  -0.0344 -0.1589 361 THR A OG1 
614 C CG2 . THR A 79  ? 0.5632 0.5148 0.6001 0.0854  0.0053  -0.1157 361 THR A CG2 
615 N N   . GLU A 80  ? 0.6684 0.6330 0.5430 0.1573  0.0135  -0.1099 362 GLU A N   
616 C CA  . GLU A 80  ? 0.6067 0.5839 0.4192 0.1878  0.0098  -0.1126 362 GLU A CA  
617 C C   . GLU A 80  ? 0.7174 0.7090 0.5103 0.2076  -0.0093 -0.1530 362 GLU A C   
618 O O   . GLU A 80  ? 0.7534 0.7580 0.5012 0.2312  -0.0302 -0.1683 362 GLU A O   
619 C CB  . GLU A 80  ? 0.6391 0.6157 0.4081 0.1963  0.0499  -0.0792 362 GLU A CB  
620 C CG  . GLU A 80  ? 0.6816 0.6330 0.4574 0.1829  0.0667  -0.0414 362 GLU A CG  
621 C CD  . GLU A 80  ? 0.8007 0.7495 0.5559 0.2003  0.0452  -0.0326 362 GLU A CD  
622 O OE1 . GLU A 80  ? 0.8959 0.8494 0.6891 0.1928  0.0172  -0.0479 362 GLU A OE1 
623 O OE2 . GLU A 80  ? 0.8646 0.8114 0.5678 0.2222  0.0564  -0.0073 362 GLU A OE2 
624 N N   . SER A 81  ? 0.7178 0.7074 0.5427 0.2010  -0.0045 -0.1723 363 SER A N   
625 C CA  . SER A 81  ? 0.7087 0.7045 0.5171 0.2235  -0.0199 -0.2152 363 SER A CA  
626 C C   . SER A 81  ? 0.6585 0.6354 0.5336 0.2066  -0.0372 -0.2362 363 SER A C   
627 O O   . SER A 81  ? 0.7096 0.6787 0.6352 0.1799  -0.0280 -0.2131 363 SER A O   
628 C CB  . SER A 81  ? 0.7492 0.7697 0.5099 0.2485  0.0172  -0.2132 363 SER A CB  
629 O OG  . SER A 81  ? 0.7097 0.7362 0.5081 0.2305  0.0521  -0.1864 363 SER A OG  
630 N N   . GLU A 82  ? 0.7939 0.7609 0.6661 0.2237  -0.0640 -0.2810 364 GLU A N   
631 C CA  . GLU A 82  ? 0.8258 0.7678 0.7597 0.2128  -0.0805 -0.2998 364 GLU A CA  
632 C C   . GLU A 82  ? 0.7878 0.7429 0.7417 0.2179  -0.0455 -0.2883 364 GLU A C   
633 O O   . GLU A 82  ? 0.7592 0.7008 0.7730 0.1998  -0.0501 -0.2795 364 GLU A O   
634 C CB  . GLU A 82  ? 0.8952 0.8200 0.8236 0.2255  -0.1151 -0.3417 364 GLU A CB  
635 C CG  . GLU A 82  ? 1.0217 0.9701 0.8811 0.2587  -0.1026 -0.3603 364 GLU A CG  
636 C CD  . GLU A 82  ? 1.2616 1.1959 1.1087 0.2665  -0.1427 -0.3979 364 GLU A CD  
637 O OE1 . GLU A 82  ? 1.2259 1.1645 1.0553 0.2622  -0.1703 -0.4037 364 GLU A OE1 
638 O OE2 . GLU A 82  ? 1.3105 1.2311 1.1666 0.2781  -0.1470 -0.4225 364 GLU A OE2 
639 N N   . ALA A 83  ? 0.7894 0.7767 0.6960 0.2422  -0.0106 -0.2851 365 ALA A N   
640 C CA  . ALA A 83  ? 0.7321 0.7451 0.6650 0.2455  0.0247  -0.2711 365 ALA A CA  
641 C C   . ALA A 83  ? 0.6618 0.6790 0.6384 0.2079  0.0403  -0.2258 365 ALA A C   
642 O O   . ALA A 83  ? 0.5975 0.6200 0.6287 0.1965  0.0442  -0.2186 365 ALA A O   
643 C CB  . ALA A 83  ? 0.6991 0.7539 0.5737 0.2734  0.0625  -0.2681 365 ALA A CB  
644 N N   . GLN A 84  ? 0.6912 0.7055 0.6433 0.1905  0.0474  -0.1965 366 GLN A N   
645 C CA  . GLN A 84  ? 0.5942 0.6056 0.5812 0.1560  0.0596  -0.1603 366 GLN A CA  
646 C C   . GLN A 84  ? 0.5779 0.5663 0.6187 0.1333  0.0300  -0.1630 366 GLN A C   
647 O O   . GLN A 84  ? 0.5741 0.5684 0.6572 0.1125  0.0363  -0.1466 366 GLN A O   
648 C CB  . GLN A 84  ? 0.5997 0.6027 0.5467 0.1485  0.0699  -0.1337 366 GLN A CB  
649 C CG  . GLN A 84  ? 0.7573 0.7507 0.7320 0.1160  0.0839  -0.1016 366 GLN A CG  
650 C CD  . GLN A 84  ? 0.7361 0.7105 0.6743 0.1136  0.0905  -0.0785 366 GLN A CD  
651 O OE1 . GLN A 84  ? 0.6160 0.5856 0.5190 0.1328  0.0746  -0.0857 366 GLN A OE1 
652 N NE2 . GLN A 84  ? 0.7870 0.7498 0.7354 0.0913  0.1116  -0.0517 366 GLN A NE2 
653 N N   . ARG A 85  ? 0.5457 0.5118 0.5862 0.1358  -0.0036 -0.1817 367 ARG A N   
654 C CA  . ARG A 85  ? 0.5017 0.4490 0.5943 0.1134  -0.0301 -0.1795 367 ARG A CA  
655 C C   . ARG A 85  ? 0.5738 0.5177 0.7097 0.1175  -0.0355 -0.1897 367 ARG A C   
656 O O   . ARG A 85  ? 0.5638 0.5065 0.7426 0.0962  -0.0396 -0.1703 367 ARG A O   
657 C CB  . ARG A 85  ? 0.6334 0.5623 0.7239 0.1143  -0.0652 -0.1984 367 ARG A CB  
658 C CG  . ARG A 85  ? 0.6120 0.5271 0.7552 0.0860  -0.0893 -0.1862 367 ARG A CG  
659 C CD  . ARG A 85  ? 0.6131 0.5032 0.7998 0.0859  -0.1127 -0.2031 367 ARG A CD  
660 N NE  . ARG A 85  ? 0.6812 0.5573 0.8442 0.1162  -0.1233 -0.2443 367 ARG A NE  
661 C CZ  . ARG A 85  ? 0.7579 0.6177 0.9087 0.1232  -0.1531 -0.2749 367 ARG A CZ  
662 N NH1 . ARG A 85  ? 0.8203 0.6804 0.9882 0.1005  -0.1757 -0.2659 367 ARG A NH1 
663 N NH2 . ARG A 85  ? 0.8478 0.7046 0.9678 0.1492  -0.1571 -0.3052 367 ARG A NH2 
664 N N   . ASP A 86  ? 0.6398 0.5840 0.7628 0.1481  -0.0359 -0.2206 368 ASP A N   
665 C CA  . ASP A 86  ? 0.6123 0.5512 0.7788 0.1597  -0.0417 -0.2325 368 ASP A CA  
666 C C   . ASP A 86  ? 0.6181 0.5943 0.8105 0.1522  -0.0129 -0.2057 368 ASP A C   
667 O O   . ASP A 86  ? 0.6320 0.6072 0.8748 0.1453  -0.0226 -0.1958 368 ASP A O   
668 C CB  . ASP A 86  ? 0.6764 0.6092 0.8172 0.1991  -0.0453 -0.2753 368 ASP A CB  
669 C CG  . ASP A 86  ? 0.7770 0.6729 0.9035 0.1948  -0.0825 -0.2966 368 ASP A CG  
670 O OD1 . ASP A 86  ? 0.6891 0.5595 0.8512 0.1675  -0.1087 -0.2848 368 ASP A OD1 
671 O OD2 . ASP A 86  ? 0.8969 0.7939 0.9797 0.2176  -0.0854 -0.3239 368 ASP A OD2 
672 N N   . MET A 87  ? 0.6418 0.6520 0.8028 0.1522  0.0209  -0.1914 369 MET A N   
673 C CA  . MET A 87  ? 0.5544 0.6036 0.7458 0.1388  0.0463  -0.1660 369 MET A CA  
674 C C   . MET A 87  ? 0.4804 0.5213 0.7009 0.1008  0.0355  -0.1382 369 MET A C   
675 O O   . MET A 87  ? 0.4532 0.5141 0.7186 0.0904  0.0333  -0.1258 369 MET A O   
676 C CB  . MET A 87  ? 0.4601 0.5417 0.6138 0.1412  0.0843  -0.1530 369 MET A CB  
677 C CG  . MET A 87  ? 0.4168 0.5383 0.6080 0.1184  0.1082  -0.1252 369 MET A CG  
678 S SD  . MET A 87  ? 0.8062 0.9697 0.9664 0.1204  0.1562  -0.1058 369 MET A SD  
679 C CE  . MET A 87  ? 0.4925 0.7004 0.6527 0.1697  0.1720  -0.1342 369 MET A CE  
680 N N   . TRP A 88  ? 0.4787 0.4951 0.6722 0.0825  0.0288  -0.1286 370 TRP A N   
681 C CA  . TRP A 88  ? 0.4787 0.4881 0.6918 0.0507  0.0198  -0.1066 370 TRP A CA  
682 C C   . TRP A 88  ? 0.5490 0.5462 0.8033 0.0464  -0.0094 -0.1065 370 TRP A C   
683 O O   . TRP A 88  ? 0.4672 0.4774 0.7503 0.0280  -0.0141 -0.0883 370 TRP A O   
684 C CB  . TRP A 88  ? 0.4318 0.4195 0.6098 0.0401  0.0184  -0.1001 370 TRP A CB  
685 C CG  . TRP A 88  ? 0.4189 0.4107 0.5651 0.0337  0.0459  -0.0867 370 TRP A CG  
686 C CD1 . TRP A 88  ? 0.5278 0.5176 0.6318 0.0510  0.0619  -0.0888 370 TRP A CD1 
687 C CD2 . TRP A 88  ? 0.4100 0.4043 0.5626 0.0075  0.0592  -0.0684 370 TRP A CD2 
688 N NE1 . TRP A 88  ? 0.5779 0.5642 0.6654 0.0365  0.0858  -0.0682 370 TRP A NE1 
689 C CE2 . TRP A 88  ? 0.5189 0.5053 0.6371 0.0090  0.0836  -0.0588 370 TRP A CE2 
690 C CE3 . TRP A 88  ? 0.4543 0.4556 0.6357 -0.0165 0.0512  -0.0599 370 TRP A CE3 
691 C CZ2 . TRP A 88  ? 0.5315 0.5086 0.6485 -0.0149 0.0995  -0.0435 370 TRP A CZ2 
692 C CZ3 . TRP A 88  ? 0.4929 0.4907 0.6677 -0.0390 0.0656  -0.0493 370 TRP A CZ3 
693 C CH2 . TRP A 88  ? 0.5301 0.5121 0.6758 -0.0391 0.0892  -0.0425 370 TRP A CH2 
694 N N   . CYS A 89  ? 0.5756 0.5458 0.8320 0.0622  -0.0312 -0.1258 371 CYS A N   
695 C CA  . CYS A 89  ? 0.5417 0.4909 0.8391 0.0551  -0.0599 -0.1204 371 CYS A CA  
696 C C   . CYS A 89  ? 0.5867 0.5474 0.9241 0.0692  -0.0627 -0.1196 371 CYS A C   
697 O O   . CYS A 89  ? 0.6154 0.5777 0.9871 0.0555  -0.0764 -0.0970 371 CYS A O   
698 C CB  . CYS A 89  ? 0.5191 0.4315 0.8134 0.0644  -0.0847 -0.1431 371 CYS A CB  
699 S SG  . CYS A 89  ? 0.7734 0.6559 1.1150 0.0398  -0.1183 -0.1235 371 CYS A SG  
700 N N   . SER A 90  ? 0.5644 0.5391 0.8976 0.0992  -0.0488 -0.1422 372 SER A N   
701 C CA  . SER A 90  ? 0.5402 0.5344 0.9170 0.1185  -0.0494 -0.1422 372 SER A CA  
702 C C   . SER A 90  ? 0.5340 0.5762 0.9333 0.0974  -0.0366 -0.1124 372 SER A C   
703 O O   . SER A 90  ? 0.5643 0.6179 1.0070 0.0977  -0.0515 -0.0966 372 SER A O   
704 C CB  . SER A 90  ? 0.5489 0.5586 0.9137 0.1581  -0.0315 -0.1741 372 SER A CB  
705 O OG  . SER A 90  ? 0.6269 0.6808 0.9614 0.1546  0.0034  -0.1690 372 SER A OG  
706 N N   . THR A 91  ? 0.5019 0.5707 0.8729 0.0791  -0.0117 -0.1041 373 THR A N   
707 C CA  . THR A 91  ? 0.5029 0.6147 0.8953 0.0550  -0.0023 -0.0812 373 THR A CA  
708 C C   . THR A 91  ? 0.5101 0.6112 0.9135 0.0286  -0.0260 -0.0592 373 THR A C   
709 O O   . THR A 91  ? 0.5070 0.6399 0.9456 0.0216  -0.0362 -0.0435 373 THR A O   
710 C CB  . THR A 91  ? 0.4363 0.5626 0.7948 0.0371  0.0267  -0.0774 373 THR A CB  
711 O OG1 . THR A 91  ? 0.4532 0.6095 0.8100 0.0600  0.0532  -0.0885 373 THR A OG1 
712 C CG2 . THR A 91  ? 0.4101 0.5653 0.7859 0.0031  0.0289  -0.0574 373 THR A CG2 
713 N N   . LEU A 92  ? 0.5461 0.6094 0.9195 0.0150  -0.0349 -0.0566 374 LEU A N   
714 C CA  . LEU A 92  ? 0.5150 0.5732 0.8938 -0.0079 -0.0536 -0.0341 374 LEU A CA  
715 C C   . LEU A 92  ? 0.5720 0.6215 0.9915 0.0039  -0.0799 -0.0223 374 LEU A C   
716 O O   . LEU A 92  ? 0.5681 0.6371 1.0043 -0.0087 -0.0934 0.0020  374 LEU A O   
717 C CB  . LEU A 92  ? 0.5187 0.5466 0.8634 -0.0208 -0.0543 -0.0336 374 LEU A CB  
718 C CG  . LEU A 92  ? 0.4523 0.4828 0.7568 -0.0321 -0.0309 -0.0393 374 LEU A CG  
719 C CD1 . LEU A 92  ? 0.4977 0.5032 0.7764 -0.0364 -0.0333 -0.0398 374 LEU A CD1 
720 C CD2 . LEU A 92  ? 0.3198 0.3758 0.6220 -0.0553 -0.0254 -0.0273 374 LEU A CD2 
721 N N   . GLN A 93  ? 0.5785 0.5953 1.0116 0.0289  -0.0891 -0.0393 375 GLN A N   
722 C CA  . GLN A 93  ? 0.5906 0.5865 1.0660 0.0429  -0.1148 -0.0284 375 GLN A CA  
723 C C   . GLN A 93  ? 0.5940 0.6308 1.1072 0.0600  -0.1155 -0.0206 375 GLN A C   
724 O O   . GLN A 93  ? 0.6752 0.7148 1.2200 0.0602  -0.1367 0.0061  375 GLN A O   
725 C CB  . GLN A 93  ? 0.5755 0.5205 1.0561 0.0671  -0.1255 -0.0568 375 GLN A CB  
726 C CG  . GLN A 93  ? 0.5250 0.4310 0.9862 0.0478  -0.1364 -0.0586 375 GLN A CG  
727 C CD  . GLN A 93  ? 0.5343 0.3990 0.9880 0.0700  -0.1444 -0.0982 375 GLN A CD  
728 O OE1 . GLN A 93  ? 0.5211 0.3885 0.9731 0.1025  -0.1363 -0.1272 375 GLN A OE1 
729 N NE2 . GLN A 93  ? 0.5831 0.4150 1.0326 0.0530  -0.1609 -0.1010 375 GLN A NE2 
730 N N   . SER A 94  ? 0.5249 0.5992 1.0380 0.0749  -0.0923 -0.0401 376 SER A N   
731 C CA  . SER A 94  ? 0.5415 0.6691 1.0990 0.0909  -0.0910 -0.0328 376 SER A CA  
732 C C   . SER A 94  ? 0.6283 0.7986 1.1937 0.0604  -0.1001 -0.0023 376 SER A C   
733 O O   . SER A 94  ? 0.6334 0.8277 1.2380 0.0688  -0.1206 0.0187  376 SER A O   
734 C CB  . SER A 94  ? 0.4133 0.5826 0.9689 0.1066  -0.0591 -0.0559 376 SER A CB  
735 O OG  . SER A 94  ? 0.4970 0.6297 1.0298 0.1345  -0.0497 -0.0873 376 SER A OG  
736 N N   . CYS A 95  ? 0.6318 0.8104 1.1579 0.0268  -0.0869 -0.0007 377 CYS A N   
737 C CA  . CYS A 95  ? 0.6168 0.8327 1.1413 -0.0028 -0.0967 0.0203  377 CYS A CA  
738 C C   . CYS A 95  ? 0.6772 0.8724 1.1972 -0.0101 -0.1241 0.0476  377 CYS A C   
739 O O   . CYS A 95  ? 0.7834 1.0163 1.3197 -0.0172 -0.1429 0.0699  377 CYS A O   
740 C CB  . CYS A 95  ? 0.4936 0.7085 0.9735 -0.0336 -0.0764 0.0107  377 CYS A CB  
741 S SG  . CYS A 95  ? 0.3920 0.6294 0.8747 -0.0301 -0.0415 -0.0109 377 CYS A SG  
742 N N   . LEU A 96  ? 0.6281 0.7687 1.1272 -0.0096 -0.1272 0.0486  378 LEU A N   
743 C CA  . LEU A 96  ? 0.6671 0.7891 1.1669 -0.0177 -0.1501 0.0804  378 LEU A CA  
744 C C   . LEU A 96  ? 0.7716 0.8959 1.3212 0.0071  -0.1741 0.1012  378 LEU A C   
745 O O   . LEU A 96  ? 0.8566 0.9992 1.4119 0.0000  -0.1941 0.1363  378 LEU A O   
746 C CB  . LEU A 96  ? 0.7562 0.8232 1.2386 -0.0224 -0.1485 0.0768  378 LEU A CB  
747 C CG  . LEU A 96  ? 0.8373 0.9070 1.2778 -0.0517 -0.1415 0.0892  378 LEU A CG  
748 C CD1 . LEU A 96  ? 0.7800 0.8061 1.2141 -0.0543 -0.1388 0.0810  378 LEU A CD1 
749 C CD2 . LEU A 96  ? 0.7827 0.8738 1.2233 -0.0646 -0.1588 0.1300  378 LEU A CD2 
750 N N   . LYS A 97  ? 0.7574 0.8633 1.3406 0.0396  -0.1725 0.0801  379 LYS A N   
751 C CA  . LYS A 97  ? 0.7494 0.8496 1.3841 0.0704  -0.1952 0.0970  379 LYS A CA  
752 C C   . LYS A 97  ? 0.7616 0.9357 1.4236 0.0747  -0.2033 0.1145  379 LYS A C   
753 O O   . LYS A 97  ? 0.7803 0.9603 1.4621 0.0828  -0.2271 0.1482  379 LYS A O   
754 C CB  . LYS A 97  ? 0.7227 0.7880 1.3826 0.1087  -0.1887 0.0617  379 LYS A CB  
755 C CG  . LYS A 97  ? 0.8260 0.8717 1.5212 0.1416  -0.2050 0.0707  379 LYS A CG  
756 C CD  . LYS A 97  ? 0.8325 0.8375 1.5264 0.1750  -0.1934 0.0275  379 LYS A CD  
757 C CE  . LYS A 97  ? 0.9714 0.9553 1.6907 0.2072  -0.2062 0.0343  379 LYS A CE  
758 N NZ  . LYS A 97  ? 0.9155 0.8578 1.6261 0.2405  -0.1961 -0.0096 379 LYS A NZ  
759 N N   . GLU A 98  ? 0.7736 1.0042 1.4319 0.0664  -0.1830 0.0933  380 GLU A N   
760 C CA  . GLU A 98  ? 0.7585 1.0676 1.4489 0.0655  -0.1927 0.1070  380 GLU A CA  
761 C C   . GLU A 98  ? 0.7046 1.0394 1.3602 0.0303  -0.2095 0.1333  380 GLU A C   
762 O O   . GLU A 98  ? 0.6857 1.0625 1.3493 0.0332  -0.2271 0.1530  380 GLU A O   
763 C CB  . GLU A 98  ? 0.7439 1.1058 1.4474 0.0620  -0.1651 0.0781  380 GLU A CB  
764 C CG  . GLU A 98  ? 0.7760 1.1609 1.5241 0.1042  -0.1537 0.0630  380 GLU A CG  
765 C CD  . GLU A 98  ? 0.9471 1.2603 1.6946 0.1402  -0.1507 0.0464  380 GLU A CD  
766 O OE1 . GLU A 98  ? 0.9625 1.2339 1.6796 0.1352  -0.1337 0.0231  380 GLU A OE1 
767 O OE2 . GLU A 98  ? 0.9089 1.2018 1.6753 0.1720  -0.1649 0.0545  380 GLU A OE2 
768 N N   . GLN A 99  ? 0.7753 1.0811 1.3756 -0.0007 -0.1995 0.1293  381 GLN A N   
769 C CA  . GLN A 99  ? 0.6736 1.0061 1.2350 -0.0303 -0.2134 0.1496  381 GLN A CA  
770 C C   . GLN A 99  ? 0.7151 1.0368 1.2777 -0.0220 -0.2414 0.1940  381 GLN A C   
771 O O   . GLN A 99  ? 0.7116 1.0704 1.2454 -0.0379 -0.2572 0.2154  381 GLN A O   
772 C CB  . GLN A 99  ? 0.6826 0.9846 1.1829 -0.0594 -0.1921 0.1323  381 GLN A CB  
773 C CG  . GLN A 99  ? 0.8245 1.0728 1.2977 -0.0613 -0.1924 0.1509  381 GLN A CG  
774 C CD  . GLN A 99  ? 0.7787 1.0270 1.1911 -0.0897 -0.1815 0.1492  381 GLN A CD  
775 O OE1 . GLN A 99  ? 0.6281 0.9114 1.0131 -0.1078 -0.1792 0.1350  381 GLN A OE1 
776 N NE2 . GLN A 99  ? 0.7517 0.9612 1.1457 -0.0935 -0.1752 0.1617  381 GLN A NE2 
777 N N   . ARG A 100 ? 0.7579 1.0254 1.3473 0.0018  -0.2467 0.2076  382 ARG A N   
778 C CA  . ARG A 100 ? 0.7506 0.9970 1.3426 0.0094  -0.2699 0.2541  382 ARG A CA  
779 C C   . ARG A 100 ? 0.7539 1.0188 1.3792 0.0392  -0.2844 0.2664  382 ARG A C   
780 O O   . ARG A 100 ? 0.8177 1.0623 1.4438 0.0474  -0.3014 0.3049  382 ARG A O   
781 C CB  . ARG A 100 ? 0.8004 0.9677 1.4034 0.0143  -0.2690 0.2627  382 ARG A CB  
782 C CG  . ARG A 100 ? 0.8153 0.9607 1.3680 -0.0178 -0.2491 0.2545  382 ARG A CG  
783 C CD  . ARG A 100 ? 0.8845 0.9599 1.4526 -0.0119 -0.2397 0.2330  382 ARG A CD  
784 N NE  . ARG A 100 ? 1.0331 1.0909 1.5642 -0.0408 -0.2261 0.2364  382 ARG A NE  
785 C CZ  . ARG A 100 ? 1.0602 1.0726 1.5936 -0.0439 -0.2160 0.2115  382 ARG A CZ  
786 N NH1 . ARG A 100 ? 1.0148 0.9894 1.5768 -0.0199 -0.2174 0.1781  382 ARG A NH1 
787 N NH2 . ARG A 100 ? 0.9844 0.9943 1.4901 -0.0696 -0.2045 0.2188  382 ARG A NH2 
788 N N   . LEU A 101 ? 0.7172 1.0238 1.3713 0.0553  -0.2766 0.2366  383 LEU A N   
789 C CA  . LEU A 101 ? 0.5726 0.9080 1.2636 0.0871  -0.2892 0.2452  383 LEU A CA  
790 C C   . LEU A 101 ? 0.5147 0.9384 1.2019 0.0750  -0.2975 0.2432  383 LEU A C   
791 O O   . LEU A 101 ? 0.4828 0.9351 1.1296 0.0403  -0.2974 0.2399  383 LEU A O   
792 C CB  . LEU A 101 ? 0.5101 0.8274 1.2445 0.1219  -0.2729 0.2123  383 LEU A CB  
793 C CG  . LEU A 101 ? 0.6559 0.8822 1.3910 0.1340  -0.2656 0.2012  383 LEU A CG  
794 C CD1 . LEU A 101 ? 0.5729 0.7897 1.3381 0.1701  -0.2471 0.1611  383 LEU A CD1 
795 C CD2 . LEU A 101 ? 0.6834 0.8519 1.4181 0.1412  -0.2867 0.2391  383 LEU A CD2 
# 
_database_PDB_caveat.id     1 
_database_PDB_caveat.text   '4PT A 401 HAS WRONG CHIRALITY AT ATOM C0G' 
# 
loop_
_pdbx_poly_seq_scheme.asym_id 
_pdbx_poly_seq_scheme.entity_id 
_pdbx_poly_seq_scheme.seq_id 
_pdbx_poly_seq_scheme.mon_id 
_pdbx_poly_seq_scheme.ndb_seq_num 
_pdbx_poly_seq_scheme.pdb_seq_num 
_pdbx_poly_seq_scheme.auth_seq_num 
_pdbx_poly_seq_scheme.pdb_mon_id 
_pdbx_poly_seq_scheme.auth_mon_id 
_pdbx_poly_seq_scheme.pdb_strand_id 
_pdbx_poly_seq_scheme.pdb_ins_code 
_pdbx_poly_seq_scheme.hetero 
A 1 1   MET 1   283 ?   ?   ?   A . n 
A 1 2   ASP 2   284 ?   ?   ?   A . n 
A 1 3   ARG 3   285 ?   ?   ?   A . n 
A 1 4   LEU 4   286 286 LEU LEU A . n 
A 1 5   THR 5   287 287 THR THR A . n 
A 1 6   PRO 6   288 288 PRO PRO A . n 
A 1 7   LEU 7   289 289 LEU LEU A . n 
A 1 8   LEU 8   290 290 LEU LEU A . n 
A 1 9   SER 9   291 291 SER SER A . n 
A 1 10  GLY 10  292 292 GLY GLY A . n 
A 1 11  TRP 11  293 293 TRP TRP A . n 
A 1 12  LEU 12  294 294 LEU LEU A . n 
A 1 13  ASP 13  295 295 ASP ASP A . n 
A 1 14  LYS 14  296 296 LYS LYS A . n 
A 1 15  LEU 15  297 297 LEU LEU A . n 
A 1 16  SER 16  298 298 SER SER A . n 
A 1 17  PRO 17  299 299 PRO PRO A . n 
A 1 18  GLN 18  300 300 GLN GLN A . n 
A 1 19  GLY 19  301 301 GLY GLY A . n 
A 1 20  ASN 20  302 302 ASN ASN A . n 
A 1 21  TYR 21  303 303 TYR TYR A . n 
A 1 22  VAL 22  304 304 VAL VAL A . n 
A 1 23  PHE 23  305 305 PHE PHE A . n 
A 1 24  GLN 24  306 306 GLN GLN A . n 
A 1 25  ARG 25  307 307 ARG ARG A . n 
A 1 26  ARG 26  308 308 ARG ARG A . n 
A 1 27  PHE 27  309 309 PHE PHE A . n 
A 1 28  VAL 28  310 310 VAL VAL A . n 
A 1 29  GLN 29  311 311 GLN GLN A . n 
A 1 30  PHE 30  312 312 PHE PHE A . n 
A 1 31  ASN 31  313 313 ASN ASN A . n 
A 1 32  GLY 32  314 314 GLY GLY A . n 
A 1 33  ARG 33  315 315 ARG ARG A . n 
A 1 34  SER 34  316 316 SER SER A . n 
A 1 35  LEU 35  317 317 LEU LEU A . n 
A 1 36  MET 36  318 318 MET MET A . n 
A 1 37  TYR 37  319 319 TYR TYR A . n 
A 1 38  PHE 38  320 320 PHE PHE A . n 
A 1 39  GLY 39  321 321 GLY GLY A . n 
A 1 40  SER 40  322 322 SER SER A . n 
A 1 41  ASP 41  323 323 ASP ASP A . n 
A 1 42  LYS 42  324 324 LYS LYS A . n 
A 1 43  ASP 43  325 325 ASP ASP A . n 
A 1 44  PRO 44  326 326 PRO PRO A . n 
A 1 45  PHE 45  327 327 PHE PHE A . n 
A 1 46  PRO 46  328 328 PRO PRO A . n 
A 1 47  LYS 47  329 329 LYS LYS A . n 
A 1 48  GLY 48  330 330 GLY GLY A . n 
A 1 49  VAL 49  331 331 VAL VAL A . n 
A 1 50  ILE 50  332 332 ILE ILE A . n 
A 1 51  PRO 51  333 333 PRO PRO A . n 
A 1 52  LEU 52  334 334 LEU LEU A . n 
A 1 53  THR 53  335 335 THR THR A . n 
A 1 54  ALA 54  336 336 ALA ALA A . n 
A 1 55  ILE 55  337 337 ILE ILE A . n 
A 1 56  GLU 56  338 338 GLU GLU A . n 
A 1 57  MET 57  339 339 MET MET A . n 
A 1 58  THR 58  340 340 THR THR A . n 
A 1 59  ARG 59  341 341 ARG ARG A . n 
A 1 60  SER 60  342 342 SER SER A . n 
A 1 61  SER 61  343 343 SER SER A . n 
A 1 62  LYS 62  344 344 LYS LYS A . n 
A 1 63  ASP 63  345 345 ASP ASP A . n 
A 1 64  ASN 64  346 346 ASN ASN A . n 
A 1 65  LYS 65  347 347 LYS LYS A . n 
A 1 66  PHE 66  348 348 PHE PHE A . n 
A 1 67  GLN 67  349 349 GLN GLN A . n 
A 1 68  VAL 68  350 350 VAL VAL A . n 
A 1 69  ILE 69  351 351 ILE ILE A . n 
A 1 70  THR 70  352 352 THR THR A . n 
A 1 71  GLY 71  353 353 GLY GLY A . n 
A 1 72  GLN 72  354 354 GLN GLN A . n 
A 1 73  ARG 73  355 355 ARG ARG A . n 
A 1 74  VAL 74  356 356 VAL VAL A . n 
A 1 75  PHE 75  357 357 PHE PHE A . n 
A 1 76  VAL 76  358 358 VAL VAL A . n 
A 1 77  PHE 77  359 359 PHE PHE A . n 
A 1 78  ARG 78  360 360 ARG ARG A . n 
A 1 79  THR 79  361 361 THR THR A . n 
A 1 80  GLU 80  362 362 GLU GLU A . n 
A 1 81  SER 81  363 363 SER SER A . n 
A 1 82  GLU 82  364 364 GLU GLU A . n 
A 1 83  ALA 83  365 365 ALA ALA A . n 
A 1 84  GLN 84  366 366 GLN GLN A . n 
A 1 85  ARG 85  367 367 ARG ARG A . n 
A 1 86  ASP 86  368 368 ASP ASP A . n 
A 1 87  MET 87  369 369 MET MET A . n 
A 1 88  TRP 88  370 370 TRP TRP A . n 
A 1 89  CYS 89  371 371 CYS CYS A . n 
A 1 90  SER 90  372 372 SER SER A . n 
A 1 91  THR 91  373 373 THR THR A . n 
A 1 92  LEU 92  374 374 LEU LEU A . n 
A 1 93  GLN 93  375 375 GLN GLN A . n 
A 1 94  SER 94  376 376 SER SER A . n 
A 1 95  CYS 95  377 377 CYS CYS A . n 
A 1 96  LEU 96  378 378 LEU LEU A . n 
A 1 97  LYS 97  379 379 LYS LYS A . n 
A 1 98  GLU 98  380 380 GLU GLU A . n 
A 1 99  GLN 99  381 381 GLN GLN A . n 
A 1 100 ARG 100 382 382 ARG ARG A . n 
A 1 101 LEU 101 383 383 LEU LEU A . n 
A 1 102 LEU 102 384 ?   ?   ?   A . n 
A 1 103 GLY 103 385 ?   ?   ?   A . n 
A 1 104 LEU 104 386 ?   ?   ?   A . n 
A 1 105 GLU 105 387 ?   ?   ?   A . n 
A 1 106 HIS 106 388 ?   ?   ?   A . n 
A 1 107 HIS 107 389 ?   ?   ?   A . n 
A 1 108 HIS 108 390 ?   ?   ?   A . n 
A 1 109 HIS 109 391 ?   ?   ?   A . n 
A 1 110 HIS 110 392 ?   ?   ?   A . n 
A 1 111 HIS 111 393 ?   ?   ?   A . n 
# 
_pdbx_contact_author.id                 2 
_pdbx_contact_author.email              wubo@hmfl.ac.cn 
_pdbx_contact_author.name_first         Bo 
_pdbx_contact_author.name_last          Wu 
_pdbx_contact_author.name_mi            ? 
_pdbx_contact_author.role               'principal investigator/group leader' 
_pdbx_contact_author.identifier_ORCID   0000-0003-4556-0477 
# 
_pdbx_nonpoly_scheme.asym_id         B 
_pdbx_nonpoly_scheme.entity_id       2 
_pdbx_nonpoly_scheme.mon_id          4PT 
_pdbx_nonpoly_scheme.ndb_seq_num     1 
_pdbx_nonpoly_scheme.pdb_seq_num     401 
_pdbx_nonpoly_scheme.auth_seq_num    483 
_pdbx_nonpoly_scheme.pdb_mon_id      4PT 
_pdbx_nonpoly_scheme.auth_mon_id     DRG 
_pdbx_nonpoly_scheme.pdb_strand_id   A 
_pdbx_nonpoly_scheme.pdb_ins_code    . 
# 
_pdbx_struct_assembly.id                   1 
_pdbx_struct_assembly.details              author_defined_assembly 
_pdbx_struct_assembly.method_details       ? 
_pdbx_struct_assembly.oligomeric_details   monomeric 
_pdbx_struct_assembly.oligomeric_count     1 
# 
_pdbx_struct_assembly_gen.assembly_id       1 
_pdbx_struct_assembly_gen.oper_expression   1 
_pdbx_struct_assembly_gen.asym_id_list      A,B 
# 
_pdbx_struct_oper_list.id                   1 
_pdbx_struct_oper_list.type                 'identity operation' 
_pdbx_struct_oper_list.name                 1_555 
_pdbx_struct_oper_list.symmetry_operation   x,y,z 
_pdbx_struct_oper_list.matrix[1][1]         1.0000000000 
_pdbx_struct_oper_list.matrix[1][2]         0.0000000000 
_pdbx_struct_oper_list.matrix[1][3]         0.0000000000 
_pdbx_struct_oper_list.vector[1]            0.0000000000 
_pdbx_struct_oper_list.matrix[2][1]         0.0000000000 
_pdbx_struct_oper_list.matrix[2][2]         1.0000000000 
_pdbx_struct_oper_list.matrix[2][3]         0.0000000000 
_pdbx_struct_oper_list.vector[2]            0.0000000000 
_pdbx_struct_oper_list.matrix[3][1]         0.0000000000 
_pdbx_struct_oper_list.matrix[3][2]         0.0000000000 
_pdbx_struct_oper_list.matrix[3][3]         1.0000000000 
_pdbx_struct_oper_list.vector[3]            0.0000000000 
# 
loop_
_pdbx_audit_revision_history.ordinal 
_pdbx_audit_revision_history.data_content_type 
_pdbx_audit_revision_history.major_revision 
_pdbx_audit_revision_history.minor_revision 
_pdbx_audit_revision_history.revision_date 
1 'Structure model' 1 0 2023-05-03 
2 'Structure model' 1 1 2023-11-29 
# 
_pdbx_audit_revision_details.ordinal             1 
_pdbx_audit_revision_details.revision_ordinal    1 
_pdbx_audit_revision_details.data_content_type   'Structure model' 
_pdbx_audit_revision_details.provider            repository 
_pdbx_audit_revision_details.type                'Initial release' 
_pdbx_audit_revision_details.description         ? 
_pdbx_audit_revision_details.details             ? 
# 
loop_
_pdbx_audit_revision_group.ordinal 
_pdbx_audit_revision_group.revision_ordinal 
_pdbx_audit_revision_group.data_content_type 
_pdbx_audit_revision_group.group 
1 2 'Structure model' 'Data collection'        
2 2 'Structure model' 'Refinement description' 
# 
loop_
_pdbx_audit_revision_category.ordinal 
_pdbx_audit_revision_category.revision_ordinal 
_pdbx_audit_revision_category.data_content_type 
_pdbx_audit_revision_category.category 
1 2 'Structure model' chem_comp_atom                
2 2 'Structure model' chem_comp_bond                
3 2 'Structure model' pdbx_initial_refinement_model 
# 
_pdbx_refine_tls.id               1 
_pdbx_refine_tls.pdbx_refine_id   'X-RAY DIFFRACTION' 
_pdbx_refine_tls.details          ? 
_pdbx_refine_tls.method           refined 
_pdbx_refine_tls.origin_x         -0.4134 
_pdbx_refine_tls.origin_y         0.0843 
_pdbx_refine_tls.origin_z         -0.2812 
_pdbx_refine_tls.T[1][1]          0.2623 
_pdbx_refine_tls.T[1][1]_esd      ? 
_pdbx_refine_tls.T[1][2]          -0.0458 
_pdbx_refine_tls.T[1][2]_esd      ? 
_pdbx_refine_tls.T[1][3]          0.0108 
_pdbx_refine_tls.T[1][3]_esd      ? 
_pdbx_refine_tls.T[2][2]          0.2324 
_pdbx_refine_tls.T[2][2]_esd      ? 
_pdbx_refine_tls.T[2][3]          -0.0420 
_pdbx_refine_tls.T[2][3]_esd      ? 
_pdbx_refine_tls.T[3][3]          0.4292 
_pdbx_refine_tls.T[3][3]_esd      ? 
_pdbx_refine_tls.L[1][1]          7.3119 
_pdbx_refine_tls.L[1][1]_esd      ? 
_pdbx_refine_tls.L[1][2]          -1.2034 
_pdbx_refine_tls.L[1][2]_esd      ? 
_pdbx_refine_tls.L[1][3]          0.7727 
_pdbx_refine_tls.L[1][3]_esd      ? 
_pdbx_refine_tls.L[2][2]          4.6887 
_pdbx_refine_tls.L[2][2]_esd      ? 
_pdbx_refine_tls.L[2][3]          -0.7482 
_pdbx_refine_tls.L[2][3]_esd      ? 
_pdbx_refine_tls.L[3][3]          5.9262 
_pdbx_refine_tls.L[3][3]_esd      ? 
_pdbx_refine_tls.S[1][1]          0.5239 
_pdbx_refine_tls.S[1][1]_esd      ? 
_pdbx_refine_tls.S[1][2]          -0.0428 
_pdbx_refine_tls.S[1][2]_esd      ? 
_pdbx_refine_tls.S[1][3]          -0.3841 
_pdbx_refine_tls.S[1][3]_esd      ? 
_pdbx_refine_tls.S[2][1]          -0.2067 
_pdbx_refine_tls.S[2][1]_esd      ? 
_pdbx_refine_tls.S[2][2]          -0.2233 
_pdbx_refine_tls.S[2][2]_esd      ? 
_pdbx_refine_tls.S[2][3]          -0.1663 
_pdbx_refine_tls.S[2][3]_esd      ? 
_pdbx_refine_tls.S[3][1]          -0.2308 
_pdbx_refine_tls.S[3][1]_esd      ? 
_pdbx_refine_tls.S[3][2]          0.0842 
_pdbx_refine_tls.S[3][2]_esd      ? 
_pdbx_refine_tls.S[3][3]          -0.2790 
_pdbx_refine_tls.S[3][3]_esd      ? 
# 
_pdbx_refine_tls_group.id                  1 
_pdbx_refine_tls_group.pdbx_refine_id      'X-RAY DIFFRACTION' 
_pdbx_refine_tls_group.refine_tls_id       1 
_pdbx_refine_tls_group.beg_label_asym_id   ? 
_pdbx_refine_tls_group.beg_label_seq_id    ? 
_pdbx_refine_tls_group.beg_auth_asym_id    A 
_pdbx_refine_tls_group.beg_auth_seq_id     286 
_pdbx_refine_tls_group.beg_PDB_ins_code    ? 
_pdbx_refine_tls_group.end_label_asym_id   ? 
_pdbx_refine_tls_group.end_label_seq_id    ? 
_pdbx_refine_tls_group.end_auth_asym_id    A 
_pdbx_refine_tls_group.end_auth_seq_id     383 
_pdbx_refine_tls_group.end_PDB_ins_code    ? 
_pdbx_refine_tls_group.selection           ? 
_pdbx_refine_tls_group.selection_details   
;(chain 'A' and resid 286 through 383)
;
# 
loop_
_software.citation_id 
_software.classification 
_software.compiler_name 
_software.compiler_version 
_software.contact_author 
_software.contact_author_email 
_software.date 
_software.description 
_software.dependencies 
_software.hardware 
_software.language 
_software.location 
_software.mods 
_software.name 
_software.os 
_software.os_version 
_software.type 
_software.version 
_software.pdbx_ordinal 
? refinement        ? ? ? ? ? ? ? ? ? ? ? PHENIX      ? ? ? 1.19.2-4158 1 
? 'data scaling'    ? ? ? ? ? ? ? ? ? ? ? SCALA       ? ? ? .           2 
? 'data extraction' ? ? ? ? ? ? ? ? ? ? ? PDB_EXTRACT ? ? ? 3.27        3 
? 'data reduction'  ? ? ? ? ? ? ? ? ? ? ? HKL-2000    ? ? ? .           4 
? phasing           ? ? ? ? ? ? ? ? ? ? ? PHASER      ? ? ? .           5 
# 
_pdbx_entry_details.entry_id                 7YIS 
_pdbx_entry_details.nonpolymer_details       ? 
_pdbx_entry_details.sequence_details         ? 
_pdbx_entry_details.compound_details         ? 
_pdbx_entry_details.source_details           ? 
_pdbx_entry_details.has_ligand_of_interest   Y 
# 
loop_
_pdbx_validate_torsion.id 
_pdbx_validate_torsion.PDB_model_num 
_pdbx_validate_torsion.auth_comp_id 
_pdbx_validate_torsion.auth_asym_id 
_pdbx_validate_torsion.auth_seq_id 
_pdbx_validate_torsion.PDB_ins_code 
_pdbx_validate_torsion.label_alt_id 
_pdbx_validate_torsion.phi 
_pdbx_validate_torsion.psi 
1 1 THR A 287 ? ? 50.33  74.13 
2 1 PRO A 288 ? ? -69.70 83.97 
3 1 ASN A 346 ? ? -69.23 76.57 
# 
_pdbx_validate_chiral.id              1 
_pdbx_validate_chiral.PDB_model_num   1 
_pdbx_validate_chiral.auth_atom_id    C0G 
_pdbx_validate_chiral.label_alt_id    ? 
_pdbx_validate_chiral.auth_asym_id    A 
_pdbx_validate_chiral.auth_comp_id    4PT 
_pdbx_validate_chiral.auth_seq_id     401 
_pdbx_validate_chiral.PDB_ins_code    ? 
_pdbx_validate_chiral.details         PLANAR 
_pdbx_validate_chiral.omega           . 
# 
loop_
_pdbx_unobs_or_zero_occ_atoms.id 
_pdbx_unobs_or_zero_occ_atoms.PDB_model_num 
_pdbx_unobs_or_zero_occ_atoms.polymer_flag 
_pdbx_unobs_or_zero_occ_atoms.occupancy_flag 
_pdbx_unobs_or_zero_occ_atoms.auth_asym_id 
_pdbx_unobs_or_zero_occ_atoms.auth_comp_id 
_pdbx_unobs_or_zero_occ_atoms.auth_seq_id 
_pdbx_unobs_or_zero_occ_atoms.PDB_ins_code 
_pdbx_unobs_or_zero_occ_atoms.auth_atom_id 
_pdbx_unobs_or_zero_occ_atoms.label_alt_id 
_pdbx_unobs_or_zero_occ_atoms.label_asym_id 
_pdbx_unobs_or_zero_occ_atoms.label_comp_id 
_pdbx_unobs_or_zero_occ_atoms.label_seq_id 
_pdbx_unobs_or_zero_occ_atoms.label_atom_id 
1 1 Y 1 A ARG 315 ? CG  ? A ARG 33 CG  
2 1 Y 1 A ARG 315 ? CD  ? A ARG 33 CD  
3 1 Y 1 A ARG 315 ? NE  ? A ARG 33 NE  
4 1 Y 1 A ARG 315 ? CZ  ? A ARG 33 CZ  
5 1 Y 1 A ARG 315 ? NH1 ? A ARG 33 NH1 
6 1 Y 1 A ARG 315 ? NH2 ? A ARG 33 NH2 
# 
loop_
_pdbx_unobs_or_zero_occ_residues.id 
_pdbx_unobs_or_zero_occ_residues.PDB_model_num 
_pdbx_unobs_or_zero_occ_residues.polymer_flag 
_pdbx_unobs_or_zero_occ_residues.occupancy_flag 
_pdbx_unobs_or_zero_occ_residues.auth_asym_id 
_pdbx_unobs_or_zero_occ_residues.auth_comp_id 
_pdbx_unobs_or_zero_occ_residues.auth_seq_id 
_pdbx_unobs_or_zero_occ_residues.PDB_ins_code 
_pdbx_unobs_or_zero_occ_residues.label_asym_id 
_pdbx_unobs_or_zero_occ_residues.label_comp_id 
_pdbx_unobs_or_zero_occ_residues.label_seq_id 
1  1 Y 1 A MET 283 ? A MET 1   
2  1 Y 1 A ASP 284 ? A ASP 2   
3  1 Y 1 A ARG 285 ? A ARG 3   
4  1 Y 1 A LEU 384 ? A LEU 102 
5  1 Y 1 A GLY 385 ? A GLY 103 
6  1 Y 1 A LEU 386 ? A LEU 104 
7  1 Y 1 A GLU 387 ? A GLU 105 
8  1 Y 1 A HIS 388 ? A HIS 106 
9  1 Y 1 A HIS 389 ? A HIS 107 
10 1 Y 1 A HIS 390 ? A HIS 108 
11 1 Y 1 A HIS 391 ? A HIS 109 
12 1 Y 1 A HIS 392 ? A HIS 110 
13 1 Y 1 A HIS 393 ? A HIS 111 
# 
loop_
_chem_comp_atom.comp_id 
_chem_comp_atom.atom_id 
_chem_comp_atom.type_symbol 
_chem_comp_atom.pdbx_aromatic_flag 
_chem_comp_atom.pdbx_stereo_config 
_chem_comp_atom.pdbx_ordinal 
4PT O0F  O N N 1   
4PT C0E  C N N 2   
4PT C0C  C N R 3   
4PT O0D  O N N 4   
4PT C0B  C N N 5   
4PT OP1  O N N 6   
4PT P1   P N S 7   
4PT OP3  O N N 8   
4PT OP2  O N N 9   
4PT O1   O N N 10  
4PT C1   C N N 11  
4PT C2   C N S 12  
4PT O2   O N N 13  
4PT C3   C N S 14  
4PT O3   O N N 15  
4PT P3   P N N 16  
4PT O11  O N N 17  
4PT O10  O N N 18  
4PT O12  O N N 19  
4PT C4   C N N 20  
4PT O4   O N N 21  
4PT P4   P N N 22  
4PT OP5  O N N 23  
4PT OP6  O N N 24  
4PT OP4  O N N 25  
4PT C5   C N R 26  
4PT O5   O N N 27  
4PT P5   P N N 28  
4PT OP8  O N N 29  
4PT OP7  O N N 30  
4PT OP9  O N N 31  
4PT C6   C N S 32  
4PT O6   O N N 33  
4PT C0L  C N N 34  
4PT O0M  O N N 35  
4PT C0N  C N N 36  
4PT C0P  C N N 37  
4PT C0Q  C N N 38  
4PT C0G  C N S 39  
4PT O0H  O N N 40  
4PT C0I  C N N 41  
4PT C0J  C N N 42  
4PT C0K  C N N 43  
4PT H0E1 H N N 44  
4PT H0E2 H N N 45  
4PT H0C  H N N 46  
4PT H0B1 H N N 47  
4PT H0B2 H N N 48  
4PT HP3  H N N 49  
4PT H1   H N N 50  
4PT H2   H N N 51  
4PT HA   H N N 52  
4PT H3   H N N 53  
4PT H11  H N N 54  
4PT H10  H N N 55  
4PT H4   H N N 56  
4PT HP5  H N N 57  
4PT HP6  H N N 58  
4PT H5   H N N 59  
4PT HP8  H N N 60  
4PT HP7  H N N 61  
4PT H6   H N N 62  
4PT HB   H N N 63  
4PT H0N1 H N N 64  
4PT H0N2 H N N 65  
4PT H0P1 H N N 66  
4PT H0P2 H N N 67  
4PT H0Q1 H N N 68  
4PT H0Q2 H N N 69  
4PT H0Q3 H N N 70  
4PT H0G  H N N 71  
4PT H0H  H N N 72  
4PT H0I1 H N N 73  
4PT H0I2 H N N 74  
4PT H0J1 H N N 75  
4PT H0J2 H N N 76  
4PT H0K1 H N N 77  
4PT H0K2 H N N 78  
4PT H0K3 H N N 79  
ALA N    N N N 80  
ALA CA   C N S 81  
ALA C    C N N 82  
ALA O    O N N 83  
ALA CB   C N N 84  
ALA OXT  O N N 85  
ALA H    H N N 86  
ALA H2   H N N 87  
ALA HA   H N N 88  
ALA HB1  H N N 89  
ALA HB2  H N N 90  
ALA HB3  H N N 91  
ALA HXT  H N N 92  
ARG N    N N N 93  
ARG CA   C N S 94  
ARG C    C N N 95  
ARG O    O N N 96  
ARG CB   C N N 97  
ARG CG   C N N 98  
ARG CD   C N N 99  
ARG NE   N N N 100 
ARG CZ   C N N 101 
ARG NH1  N N N 102 
ARG NH2  N N N 103 
ARG OXT  O N N 104 
ARG H    H N N 105 
ARG H2   H N N 106 
ARG HA   H N N 107 
ARG HB2  H N N 108 
ARG HB3  H N N 109 
ARG HG2  H N N 110 
ARG HG3  H N N 111 
ARG HD2  H N N 112 
ARG HD3  H N N 113 
ARG HE   H N N 114 
ARG HH11 H N N 115 
ARG HH12 H N N 116 
ARG HH21 H N N 117 
ARG HH22 H N N 118 
ARG HXT  H N N 119 
ASN N    N N N 120 
ASN CA   C N S 121 
ASN C    C N N 122 
ASN O    O N N 123 
ASN CB   C N N 124 
ASN CG   C N N 125 
ASN OD1  O N N 126 
ASN ND2  N N N 127 
ASN OXT  O N N 128 
ASN H    H N N 129 
ASN H2   H N N 130 
ASN HA   H N N 131 
ASN HB2  H N N 132 
ASN HB3  H N N 133 
ASN HD21 H N N 134 
ASN HD22 H N N 135 
ASN HXT  H N N 136 
ASP N    N N N 137 
ASP CA   C N S 138 
ASP C    C N N 139 
ASP O    O N N 140 
ASP CB   C N N 141 
ASP CG   C N N 142 
ASP OD1  O N N 143 
ASP OD2  O N N 144 
ASP OXT  O N N 145 
ASP H    H N N 146 
ASP H2   H N N 147 
ASP HA   H N N 148 
ASP HB2  H N N 149 
ASP HB3  H N N 150 
ASP HD2  H N N 151 
ASP HXT  H N N 152 
CYS N    N N N 153 
CYS CA   C N R 154 
CYS C    C N N 155 
CYS O    O N N 156 
CYS CB   C N N 157 
CYS SG   S N N 158 
CYS OXT  O N N 159 
CYS H    H N N 160 
CYS H2   H N N 161 
CYS HA   H N N 162 
CYS HB2  H N N 163 
CYS HB3  H N N 164 
CYS HG   H N N 165 
CYS HXT  H N N 166 
GLN N    N N N 167 
GLN CA   C N S 168 
GLN C    C N N 169 
GLN O    O N N 170 
GLN CB   C N N 171 
GLN CG   C N N 172 
GLN CD   C N N 173 
GLN OE1  O N N 174 
GLN NE2  N N N 175 
GLN OXT  O N N 176 
GLN H    H N N 177 
GLN H2   H N N 178 
GLN HA   H N N 179 
GLN HB2  H N N 180 
GLN HB3  H N N 181 
GLN HG2  H N N 182 
GLN HG3  H N N 183 
GLN HE21 H N N 184 
GLN HE22 H N N 185 
GLN HXT  H N N 186 
GLU N    N N N 187 
GLU CA   C N S 188 
GLU C    C N N 189 
GLU O    O N N 190 
GLU CB   C N N 191 
GLU CG   C N N 192 
GLU CD   C N N 193 
GLU OE1  O N N 194 
GLU OE2  O N N 195 
GLU OXT  O N N 196 
GLU H    H N N 197 
GLU H2   H N N 198 
GLU HA   H N N 199 
GLU HB2  H N N 200 
GLU HB3  H N N 201 
GLU HG2  H N N 202 
GLU HG3  H N N 203 
GLU HE2  H N N 204 
GLU HXT  H N N 205 
GLY N    N N N 206 
GLY CA   C N N 207 
GLY C    C N N 208 
GLY O    O N N 209 
GLY OXT  O N N 210 
GLY H    H N N 211 
GLY H2   H N N 212 
GLY HA2  H N N 213 
GLY HA3  H N N 214 
GLY HXT  H N N 215 
HIS N    N N N 216 
HIS CA   C N S 217 
HIS C    C N N 218 
HIS O    O N N 219 
HIS CB   C N N 220 
HIS CG   C Y N 221 
HIS ND1  N Y N 222 
HIS CD2  C Y N 223 
HIS CE1  C Y N 224 
HIS NE2  N Y N 225 
HIS OXT  O N N 226 
HIS H    H N N 227 
HIS H2   H N N 228 
HIS HA   H N N 229 
HIS HB2  H N N 230 
HIS HB3  H N N 231 
HIS HD1  H N N 232 
HIS HD2  H N N 233 
HIS HE1  H N N 234 
HIS HE2  H N N 235 
HIS HXT  H N N 236 
ILE N    N N N 237 
ILE CA   C N S 238 
ILE C    C N N 239 
ILE O    O N N 240 
ILE CB   C N S 241 
ILE CG1  C N N 242 
ILE CG2  C N N 243 
ILE CD1  C N N 244 
ILE OXT  O N N 245 
ILE H    H N N 246 
ILE H2   H N N 247 
ILE HA   H N N 248 
ILE HB   H N N 249 
ILE HG12 H N N 250 
ILE HG13 H N N 251 
ILE HG21 H N N 252 
ILE HG22 H N N 253 
ILE HG23 H N N 254 
ILE HD11 H N N 255 
ILE HD12 H N N 256 
ILE HD13 H N N 257 
ILE HXT  H N N 258 
LEU N    N N N 259 
LEU CA   C N S 260 
LEU C    C N N 261 
LEU O    O N N 262 
LEU CB   C N N 263 
LEU CG   C N N 264 
LEU CD1  C N N 265 
LEU CD2  C N N 266 
LEU OXT  O N N 267 
LEU H    H N N 268 
LEU H2   H N N 269 
LEU HA   H N N 270 
LEU HB2  H N N 271 
LEU HB3  H N N 272 
LEU HG   H N N 273 
LEU HD11 H N N 274 
LEU HD12 H N N 275 
LEU HD13 H N N 276 
LEU HD21 H N N 277 
LEU HD22 H N N 278 
LEU HD23 H N N 279 
LEU HXT  H N N 280 
LYS N    N N N 281 
LYS CA   C N S 282 
LYS C    C N N 283 
LYS O    O N N 284 
LYS CB   C N N 285 
LYS CG   C N N 286 
LYS CD   C N N 287 
LYS CE   C N N 288 
LYS NZ   N N N 289 
LYS OXT  O N N 290 
LYS H    H N N 291 
LYS H2   H N N 292 
LYS HA   H N N 293 
LYS HB2  H N N 294 
LYS HB3  H N N 295 
LYS HG2  H N N 296 
LYS HG3  H N N 297 
LYS HD2  H N N 298 
LYS HD3  H N N 299 
LYS HE2  H N N 300 
LYS HE3  H N N 301 
LYS HZ1  H N N 302 
LYS HZ2  H N N 303 
LYS HZ3  H N N 304 
LYS HXT  H N N 305 
MET N    N N N 306 
MET CA   C N S 307 
MET C    C N N 308 
MET O    O N N 309 
MET CB   C N N 310 
MET CG   C N N 311 
MET SD   S N N 312 
MET CE   C N N 313 
MET OXT  O N N 314 
MET H    H N N 315 
MET H2   H N N 316 
MET HA   H N N 317 
MET HB2  H N N 318 
MET HB3  H N N 319 
MET HG2  H N N 320 
MET HG3  H N N 321 
MET HE1  H N N 322 
MET HE2  H N N 323 
MET HE3  H N N 324 
MET HXT  H N N 325 
PHE N    N N N 326 
PHE CA   C N S 327 
PHE C    C N N 328 
PHE O    O N N 329 
PHE CB   C N N 330 
PHE CG   C Y N 331 
PHE CD1  C Y N 332 
PHE CD2  C Y N 333 
PHE CE1  C Y N 334 
PHE CE2  C Y N 335 
PHE CZ   C Y N 336 
PHE OXT  O N N 337 
PHE H    H N N 338 
PHE H2   H N N 339 
PHE HA   H N N 340 
PHE HB2  H N N 341 
PHE HB3  H N N 342 
PHE HD1  H N N 343 
PHE HD2  H N N 344 
PHE HE1  H N N 345 
PHE HE2  H N N 346 
PHE HZ   H N N 347 
PHE HXT  H N N 348 
PRO N    N N N 349 
PRO CA   C N S 350 
PRO C    C N N 351 
PRO O    O N N 352 
PRO CB   C N N 353 
PRO CG   C N N 354 
PRO CD   C N N 355 
PRO OXT  O N N 356 
PRO H    H N N 357 
PRO HA   H N N 358 
PRO HB2  H N N 359 
PRO HB3  H N N 360 
PRO HG2  H N N 361 
PRO HG3  H N N 362 
PRO HD2  H N N 363 
PRO HD3  H N N 364 
PRO HXT  H N N 365 
SER N    N N N 366 
SER CA   C N S 367 
SER C    C N N 368 
SER O    O N N 369 
SER CB   C N N 370 
SER OG   O N N 371 
SER OXT  O N N 372 
SER H    H N N 373 
SER H2   H N N 374 
SER HA   H N N 375 
SER HB2  H N N 376 
SER HB3  H N N 377 
SER HG   H N N 378 
SER HXT  H N N 379 
THR N    N N N 380 
THR CA   C N S 381 
THR C    C N N 382 
THR O    O N N 383 
THR CB   C N R 384 
THR OG1  O N N 385 
THR CG2  C N N 386 
THR OXT  O N N 387 
THR H    H N N 388 
THR H2   H N N 389 
THR HA   H N N 390 
THR HB   H N N 391 
THR HG1  H N N 392 
THR HG21 H N N 393 
THR HG22 H N N 394 
THR HG23 H N N 395 
THR HXT  H N N 396 
TRP N    N N N 397 
TRP CA   C N S 398 
TRP C    C N N 399 
TRP O    O N N 400 
TRP CB   C N N 401 
TRP CG   C Y N 402 
TRP CD1  C Y N 403 
TRP CD2  C Y N 404 
TRP NE1  N Y N 405 
TRP CE2  C Y N 406 
TRP CE3  C Y N 407 
TRP CZ2  C Y N 408 
TRP CZ3  C Y N 409 
TRP CH2  C Y N 410 
TRP OXT  O N N 411 
TRP H    H N N 412 
TRP H2   H N N 413 
TRP HA   H N N 414 
TRP HB2  H N N 415 
TRP HB3  H N N 416 
TRP HD1  H N N 417 
TRP HE1  H N N 418 
TRP HE3  H N N 419 
TRP HZ2  H N N 420 
TRP HZ3  H N N 421 
TRP HH2  H N N 422 
TRP HXT  H N N 423 
TYR N    N N N 424 
TYR CA   C N S 425 
TYR C    C N N 426 
TYR O    O N N 427 
TYR CB   C N N 428 
TYR CG   C Y N 429 
TYR CD1  C Y N 430 
TYR CD2  C Y N 431 
TYR CE1  C Y N 432 
TYR CE2  C Y N 433 
TYR CZ   C Y N 434 
TYR OH   O N N 435 
TYR OXT  O N N 436 
TYR H    H N N 437 
TYR H2   H N N 438 
TYR HA   H N N 439 
TYR HB2  H N N 440 
TYR HB3  H N N 441 
TYR HD1  H N N 442 
TYR HD2  H N N 443 
TYR HE1  H N N 444 
TYR HE2  H N N 445 
TYR HH   H N N 446 
TYR HXT  H N N 447 
VAL N    N N N 448 
VAL CA   C N S 449 
VAL C    C N N 450 
VAL O    O N N 451 
VAL CB   C N N 452 
VAL CG1  C N N 453 
VAL CG2  C N N 454 
VAL OXT  O N N 455 
VAL H    H N N 456 
VAL H2   H N N 457 
VAL HA   H N N 458 
VAL HB   H N N 459 
VAL HG11 H N N 460 
VAL HG12 H N N 461 
VAL HG13 H N N 462 
VAL HG21 H N N 463 
VAL HG22 H N N 464 
VAL HG23 H N N 465 
VAL HXT  H N N 466 
# 
loop_
_chem_comp_bond.comp_id 
_chem_comp_bond.atom_id_1 
_chem_comp_bond.atom_id_2 
_chem_comp_bond.value_order 
_chem_comp_bond.pdbx_aromatic_flag 
_chem_comp_bond.pdbx_stereo_config 
_chem_comp_bond.pdbx_ordinal 
4PT O0F C0E  sing N N 1   
4PT O0F C0L  sing N N 2   
4PT C0E C0C  sing N N 3   
4PT C0E H0E1 sing N N 4   
4PT C0E H0E2 sing N N 5   
4PT C0C O0D  sing N N 6   
4PT C0C C0B  sing N N 7   
4PT C0C H0C  sing N N 8   
4PT O0D C0G  sing N N 9   
4PT C0B OP1  sing N N 10  
4PT C0B H0B1 sing N N 11  
4PT C0B H0B2 sing N N 12  
4PT OP1 P1   sing N N 13  
4PT P1  OP3  sing N N 14  
4PT P1  OP2  doub N N 15  
4PT P1  O1   sing N N 16  
4PT OP3 HP3  sing N N 17  
4PT O1  C1   sing N N 18  
4PT C1  C2   sing N N 19  
4PT C1  C6   sing N N 20  
4PT C1  H1   sing N N 21  
4PT C2  O2   sing N N 22  
4PT C2  C3   sing N N 23  
4PT C2  H2   sing N N 24  
4PT O2  HA   sing N N 25  
4PT C3  O3   sing N N 26  
4PT C3  C4   sing N N 27  
4PT C3  H3   sing N N 28  
4PT O3  P3   sing N N 29  
4PT P3  O11  sing N N 30  
4PT P3  O10  sing N N 31  
4PT P3  O12  doub N N 32  
4PT O11 H11  sing N N 33  
4PT O10 H10  sing N N 34  
4PT C4  O4   sing N N 35  
4PT C4  C5   sing N N 36  
4PT C4  H4   sing N N 37  
4PT O4  P4   sing N N 38  
4PT P4  OP5  sing N N 39  
4PT P4  OP6  sing N N 40  
4PT P4  OP4  doub N N 41  
4PT OP5 HP5  sing N N 42  
4PT OP6 HP6  sing N N 43  
4PT C5  O5   sing N N 44  
4PT C5  C6   sing N N 45  
4PT C5  H5   sing N N 46  
4PT O5  P5   sing N N 47  
4PT P5  OP8  sing N N 48  
4PT P5  OP7  sing N N 49  
4PT P5  OP9  doub N N 50  
4PT OP8 HP8  sing N N 51  
4PT OP7 HP7  sing N N 52  
4PT C6  O6   sing N N 53  
4PT C6  H6   sing N N 54  
4PT O6  HB   sing N N 55  
4PT C0L O0M  doub N N 56  
4PT C0L C0N  sing N N 57  
4PT C0N C0P  sing N N 58  
4PT C0N H0N1 sing N N 59  
4PT C0N H0N2 sing N N 60  
4PT C0P C0Q  sing N N 61  
4PT C0P H0P1 sing N N 62  
4PT C0P H0P2 sing N N 63  
4PT C0Q H0Q1 sing N N 64  
4PT C0Q H0Q2 sing N N 65  
4PT C0Q H0Q3 sing N N 66  
4PT C0G O0H  sing N N 67  
4PT C0G C0I  sing N N 68  
4PT C0G H0G  sing N N 69  
4PT O0H H0H  sing N N 70  
4PT C0I C0J  sing N N 71  
4PT C0I H0I1 sing N N 72  
4PT C0I H0I2 sing N N 73  
4PT C0J C0K  sing N N 74  
4PT C0J H0J1 sing N N 75  
4PT C0J H0J2 sing N N 76  
4PT C0K H0K1 sing N N 77  
4PT C0K H0K2 sing N N 78  
4PT C0K H0K3 sing N N 79  
ALA N   CA   sing N N 80  
ALA N   H    sing N N 81  
ALA N   H2   sing N N 82  
ALA CA  C    sing N N 83  
ALA CA  CB   sing N N 84  
ALA CA  HA   sing N N 85  
ALA C   O    doub N N 86  
ALA C   OXT  sing N N 87  
ALA CB  HB1  sing N N 88  
ALA CB  HB2  sing N N 89  
ALA CB  HB3  sing N N 90  
ALA OXT HXT  sing N N 91  
ARG N   CA   sing N N 92  
ARG N   H    sing N N 93  
ARG N   H2   sing N N 94  
ARG CA  C    sing N N 95  
ARG CA  CB   sing N N 96  
ARG CA  HA   sing N N 97  
ARG C   O    doub N N 98  
ARG C   OXT  sing N N 99  
ARG CB  CG   sing N N 100 
ARG CB  HB2  sing N N 101 
ARG CB  HB3  sing N N 102 
ARG CG  CD   sing N N 103 
ARG CG  HG2  sing N N 104 
ARG CG  HG3  sing N N 105 
ARG CD  NE   sing N N 106 
ARG CD  HD2  sing N N 107 
ARG CD  HD3  sing N N 108 
ARG NE  CZ   sing N N 109 
ARG NE  HE   sing N N 110 
ARG CZ  NH1  sing N N 111 
ARG CZ  NH2  doub N N 112 
ARG NH1 HH11 sing N N 113 
ARG NH1 HH12 sing N N 114 
ARG NH2 HH21 sing N N 115 
ARG NH2 HH22 sing N N 116 
ARG OXT HXT  sing N N 117 
ASN N   CA   sing N N 118 
ASN N   H    sing N N 119 
ASN N   H2   sing N N 120 
ASN CA  C    sing N N 121 
ASN CA  CB   sing N N 122 
ASN CA  HA   sing N N 123 
ASN C   O    doub N N 124 
ASN C   OXT  sing N N 125 
ASN CB  CG   sing N N 126 
ASN CB  HB2  sing N N 127 
ASN CB  HB3  sing N N 128 
ASN CG  OD1  doub N N 129 
ASN CG  ND2  sing N N 130 
ASN ND2 HD21 sing N N 131 
ASN ND2 HD22 sing N N 132 
ASN OXT HXT  sing N N 133 
ASP N   CA   sing N N 134 
ASP N   H    sing N N 135 
ASP N   H2   sing N N 136 
ASP CA  C    sing N N 137 
ASP CA  CB   sing N N 138 
ASP CA  HA   sing N N 139 
ASP C   O    doub N N 140 
ASP C   OXT  sing N N 141 
ASP CB  CG   sing N N 142 
ASP CB  HB2  sing N N 143 
ASP CB  HB3  sing N N 144 
ASP CG  OD1  doub N N 145 
ASP CG  OD2  sing N N 146 
ASP OD2 HD2  sing N N 147 
ASP OXT HXT  sing N N 148 
CYS N   CA   sing N N 149 
CYS N   H    sing N N 150 
CYS N   H2   sing N N 151 
CYS CA  C    sing N N 152 
CYS CA  CB   sing N N 153 
CYS CA  HA   sing N N 154 
CYS C   O    doub N N 155 
CYS C   OXT  sing N N 156 
CYS CB  SG   sing N N 157 
CYS CB  HB2  sing N N 158 
CYS CB  HB3  sing N N 159 
CYS SG  HG   sing N N 160 
CYS OXT HXT  sing N N 161 
GLN N   CA   sing N N 162 
GLN N   H    sing N N 163 
GLN N   H2   sing N N 164 
GLN CA  C    sing N N 165 
GLN CA  CB   sing N N 166 
GLN CA  HA   sing N N 167 
GLN C   O    doub N N 168 
GLN C   OXT  sing N N 169 
GLN CB  CG   sing N N 170 
GLN CB  HB2  sing N N 171 
GLN CB  HB3  sing N N 172 
GLN CG  CD   sing N N 173 
GLN CG  HG2  sing N N 174 
GLN CG  HG3  sing N N 175 
GLN CD  OE1  doub N N 176 
GLN CD  NE2  sing N N 177 
GLN NE2 HE21 sing N N 178 
GLN NE2 HE22 sing N N 179 
GLN OXT HXT  sing N N 180 
GLU N   CA   sing N N 181 
GLU N   H    sing N N 182 
GLU N   H2   sing N N 183 
GLU CA  C    sing N N 184 
GLU CA  CB   sing N N 185 
GLU CA  HA   sing N N 186 
GLU C   O    doub N N 187 
GLU C   OXT  sing N N 188 
GLU CB  CG   sing N N 189 
GLU CB  HB2  sing N N 190 
GLU CB  HB3  sing N N 191 
GLU CG  CD   sing N N 192 
GLU CG  HG2  sing N N 193 
GLU CG  HG3  sing N N 194 
GLU CD  OE1  doub N N 195 
GLU CD  OE2  sing N N 196 
GLU OE2 HE2  sing N N 197 
GLU OXT HXT  sing N N 198 
GLY N   CA   sing N N 199 
GLY N   H    sing N N 200 
GLY N   H2   sing N N 201 
GLY CA  C    sing N N 202 
GLY CA  HA2  sing N N 203 
GLY CA  HA3  sing N N 204 
GLY C   O    doub N N 205 
GLY C   OXT  sing N N 206 
GLY OXT HXT  sing N N 207 
HIS N   CA   sing N N 208 
HIS N   H    sing N N 209 
HIS N   H2   sing N N 210 
HIS CA  C    sing N N 211 
HIS CA  CB   sing N N 212 
HIS CA  HA   sing N N 213 
HIS C   O    doub N N 214 
HIS C   OXT  sing N N 215 
HIS CB  CG   sing N N 216 
HIS CB  HB2  sing N N 217 
HIS CB  HB3  sing N N 218 
HIS CG  ND1  sing Y N 219 
HIS CG  CD2  doub Y N 220 
HIS ND1 CE1  doub Y N 221 
HIS ND1 HD1  sing N N 222 
HIS CD2 NE2  sing Y N 223 
HIS CD2 HD2  sing N N 224 
HIS CE1 NE2  sing Y N 225 
HIS CE1 HE1  sing N N 226 
HIS NE2 HE2  sing N N 227 
HIS OXT HXT  sing N N 228 
ILE N   CA   sing N N 229 
ILE N   H    sing N N 230 
ILE N   H2   sing N N 231 
ILE CA  C    sing N N 232 
ILE CA  CB   sing N N 233 
ILE CA  HA   sing N N 234 
ILE C   O    doub N N 235 
ILE C   OXT  sing N N 236 
ILE CB  CG1  sing N N 237 
ILE CB  CG2  sing N N 238 
ILE CB  HB   sing N N 239 
ILE CG1 CD1  sing N N 240 
ILE CG1 HG12 sing N N 241 
ILE CG1 HG13 sing N N 242 
ILE CG2 HG21 sing N N 243 
ILE CG2 HG22 sing N N 244 
ILE CG2 HG23 sing N N 245 
ILE CD1 HD11 sing N N 246 
ILE CD1 HD12 sing N N 247 
ILE CD1 HD13 sing N N 248 
ILE OXT HXT  sing N N 249 
LEU N   CA   sing N N 250 
LEU N   H    sing N N 251 
LEU N   H2   sing N N 252 
LEU CA  C    sing N N 253 
LEU CA  CB   sing N N 254 
LEU CA  HA   sing N N 255 
LEU C   O    doub N N 256 
LEU C   OXT  sing N N 257 
LEU CB  CG   sing N N 258 
LEU CB  HB2  sing N N 259 
LEU CB  HB3  sing N N 260 
LEU CG  CD1  sing N N 261 
LEU CG  CD2  sing N N 262 
LEU CG  HG   sing N N 263 
LEU CD1 HD11 sing N N 264 
LEU CD1 HD12 sing N N 265 
LEU CD1 HD13 sing N N 266 
LEU CD2 HD21 sing N N 267 
LEU CD2 HD22 sing N N 268 
LEU CD2 HD23 sing N N 269 
LEU OXT HXT  sing N N 270 
LYS N   CA   sing N N 271 
LYS N   H    sing N N 272 
LYS N   H2   sing N N 273 
LYS CA  C    sing N N 274 
LYS CA  CB   sing N N 275 
LYS CA  HA   sing N N 276 
LYS C   O    doub N N 277 
LYS C   OXT  sing N N 278 
LYS CB  CG   sing N N 279 
LYS CB  HB2  sing N N 280 
LYS CB  HB3  sing N N 281 
LYS CG  CD   sing N N 282 
LYS CG  HG2  sing N N 283 
LYS CG  HG3  sing N N 284 
LYS CD  CE   sing N N 285 
LYS CD  HD2  sing N N 286 
LYS CD  HD3  sing N N 287 
LYS CE  NZ   sing N N 288 
LYS CE  HE2  sing N N 289 
LYS CE  HE3  sing N N 290 
LYS NZ  HZ1  sing N N 291 
LYS NZ  HZ2  sing N N 292 
LYS NZ  HZ3  sing N N 293 
LYS OXT HXT  sing N N 294 
MET N   CA   sing N N 295 
MET N   H    sing N N 296 
MET N   H2   sing N N 297 
MET CA  C    sing N N 298 
MET CA  CB   sing N N 299 
MET CA  HA   sing N N 300 
MET C   O    doub N N 301 
MET C   OXT  sing N N 302 
MET CB  CG   sing N N 303 
MET CB  HB2  sing N N 304 
MET CB  HB3  sing N N 305 
MET CG  SD   sing N N 306 
MET CG  HG2  sing N N 307 
MET CG  HG3  sing N N 308 
MET SD  CE   sing N N 309 
MET CE  HE1  sing N N 310 
MET CE  HE2  sing N N 311 
MET CE  HE3  sing N N 312 
MET OXT HXT  sing N N 313 
PHE N   CA   sing N N 314 
PHE N   H    sing N N 315 
PHE N   H2   sing N N 316 
PHE CA  C    sing N N 317 
PHE CA  CB   sing N N 318 
PHE CA  HA   sing N N 319 
PHE C   O    doub N N 320 
PHE C   OXT  sing N N 321 
PHE CB  CG   sing N N 322 
PHE CB  HB2  sing N N 323 
PHE CB  HB3  sing N N 324 
PHE CG  CD1  doub Y N 325 
PHE CG  CD2  sing Y N 326 
PHE CD1 CE1  sing Y N 327 
PHE CD1 HD1  sing N N 328 
PHE CD2 CE2  doub Y N 329 
PHE CD2 HD2  sing N N 330 
PHE CE1 CZ   doub Y N 331 
PHE CE1 HE1  sing N N 332 
PHE CE2 CZ   sing Y N 333 
PHE CE2 HE2  sing N N 334 
PHE CZ  HZ   sing N N 335 
PHE OXT HXT  sing N N 336 
PRO N   CA   sing N N 337 
PRO N   CD   sing N N 338 
PRO N   H    sing N N 339 
PRO CA  C    sing N N 340 
PRO CA  CB   sing N N 341 
PRO CA  HA   sing N N 342 
PRO C   O    doub N N 343 
PRO C   OXT  sing N N 344 
PRO CB  CG   sing N N 345 
PRO CB  HB2  sing N N 346 
PRO CB  HB3  sing N N 347 
PRO CG  CD   sing N N 348 
PRO CG  HG2  sing N N 349 
PRO CG  HG3  sing N N 350 
PRO CD  HD2  sing N N 351 
PRO CD  HD3  sing N N 352 
PRO OXT HXT  sing N N 353 
SER N   CA   sing N N 354 
SER N   H    sing N N 355 
SER N   H2   sing N N 356 
SER CA  C    sing N N 357 
SER CA  CB   sing N N 358 
SER CA  HA   sing N N 359 
SER C   O    doub N N 360 
SER C   OXT  sing N N 361 
SER CB  OG   sing N N 362 
SER CB  HB2  sing N N 363 
SER CB  HB3  sing N N 364 
SER OG  HG   sing N N 365 
SER OXT HXT  sing N N 366 
THR N   CA   sing N N 367 
THR N   H    sing N N 368 
THR N   H2   sing N N 369 
THR CA  C    sing N N 370 
THR CA  CB   sing N N 371 
THR CA  HA   sing N N 372 
THR C   O    doub N N 373 
THR C   OXT  sing N N 374 
THR CB  OG1  sing N N 375 
THR CB  CG2  sing N N 376 
THR CB  HB   sing N N 377 
THR OG1 HG1  sing N N 378 
THR CG2 HG21 sing N N 379 
THR CG2 HG22 sing N N 380 
THR CG2 HG23 sing N N 381 
THR OXT HXT  sing N N 382 
TRP N   CA   sing N N 383 
TRP N   H    sing N N 384 
TRP N   H2   sing N N 385 
TRP CA  C    sing N N 386 
TRP CA  CB   sing N N 387 
TRP CA  HA   sing N N 388 
TRP C   O    doub N N 389 
TRP C   OXT  sing N N 390 
TRP CB  CG   sing N N 391 
TRP CB  HB2  sing N N 392 
TRP CB  HB3  sing N N 393 
TRP CG  CD1  doub Y N 394 
TRP CG  CD2  sing Y N 395 
TRP CD1 NE1  sing Y N 396 
TRP CD1 HD1  sing N N 397 
TRP CD2 CE2  doub Y N 398 
TRP CD2 CE3  sing Y N 399 
TRP NE1 CE2  sing Y N 400 
TRP NE1 HE1  sing N N 401 
TRP CE2 CZ2  sing Y N 402 
TRP CE3 CZ3  doub Y N 403 
TRP CE3 HE3  sing N N 404 
TRP CZ2 CH2  doub Y N 405 
TRP CZ2 HZ2  sing N N 406 
TRP CZ3 CH2  sing Y N 407 
TRP CZ3 HZ3  sing N N 408 
TRP CH2 HH2  sing N N 409 
TRP OXT HXT  sing N N 410 
TYR N   CA   sing N N 411 
TYR N   H    sing N N 412 
TYR N   H2   sing N N 413 
TYR CA  C    sing N N 414 
TYR CA  CB   sing N N 415 
TYR CA  HA   sing N N 416 
TYR C   O    doub N N 417 
TYR C   OXT  sing N N 418 
TYR CB  CG   sing N N 419 
TYR CB  HB2  sing N N 420 
TYR CB  HB3  sing N N 421 
TYR CG  CD1  doub Y N 422 
TYR CG  CD2  sing Y N 423 
TYR CD1 CE1  sing Y N 424 
TYR CD1 HD1  sing N N 425 
TYR CD2 CE2  doub Y N 426 
TYR CD2 HD2  sing N N 427 
TYR CE1 CZ   doub Y N 428 
TYR CE1 HE1  sing N N 429 
TYR CE2 CZ   sing Y N 430 
TYR CE2 HE2  sing N N 431 
TYR CZ  OH   sing N N 432 
TYR OH  HH   sing N N 433 
TYR OXT HXT  sing N N 434 
VAL N   CA   sing N N 435 
VAL N   H    sing N N 436 
VAL N   H2   sing N N 437 
VAL CA  C    sing N N 438 
VAL CA  CB   sing N N 439 
VAL CA  HA   sing N N 440 
VAL C   O    doub N N 441 
VAL C   OXT  sing N N 442 
VAL CB  CG1  sing N N 443 
VAL CB  CG2  sing N N 444 
VAL CB  HB   sing N N 445 
VAL CG1 HG11 sing N N 446 
VAL CG1 HG12 sing N N 447 
VAL CG1 HG13 sing N N 448 
VAL CG2 HG21 sing N N 449 
VAL CG2 HG22 sing N N 450 
VAL CG2 HG23 sing N N 451 
VAL OXT HXT  sing N N 452 
# 
_pdbx_audit_support.funding_organization   'Not funded' 
_pdbx_audit_support.country                ? 
_pdbx_audit_support.grant_number           ? 
_pdbx_audit_support.ordinal                1 
# 
_pdbx_entity_instance_feature.ordinal        1 
_pdbx_entity_instance_feature.comp_id        4PT 
_pdbx_entity_instance_feature.asym_id        ? 
_pdbx_entity_instance_feature.seq_num        ? 
_pdbx_entity_instance_feature.auth_comp_id   4PT 
_pdbx_entity_instance_feature.auth_asym_id   ? 
_pdbx_entity_instance_feature.auth_seq_num   ? 
_pdbx_entity_instance_feature.feature_type   'SUBJECT OF INVESTIGATION' 
_pdbx_entity_instance_feature.details        ? 
# 
_pdbx_entity_nonpoly.entity_id   2 
_pdbx_entity_nonpoly.name        
;(2R)-3-{[(S)-{[(2S,3R,5S,6S)-2,6-DIHYDROXY-3,4,5-TRIS(PHOSPHONOOXY)CYCLOHEXYL]OXY}(HYDROXY)PHOSPHORYL]OXY}-2-(1-HYDROXY BUTOXY)PROPYL BUTYRATE
;
_pdbx_entity_nonpoly.comp_id     4PT 
# 
_pdbx_initial_refinement_model.id               1 
_pdbx_initial_refinement_model.entity_id_list   ? 
_pdbx_initial_refinement_model.type             'experimental model' 
_pdbx_initial_refinement_model.source_name      PDB 
_pdbx_initial_refinement_model.accession_code   1FAO 
_pdbx_initial_refinement_model.details          ? 
# 
_pdbx_struct_assembly_auth_evidence.id                     1 
_pdbx_struct_assembly_auth_evidence.assembly_id            1 
_pdbx_struct_assembly_auth_evidence.experimental_support   'gel filtration' 
_pdbx_struct_assembly_auth_evidence.details                ? 
# 
